data_4MDQ
# 
_entry.id   4MDQ 
# 
_audit_conform.dict_name       mmcif_pdbx.dic 
_audit_conform.dict_version    5.387 
_audit_conform.dict_location   http://mmcif.pdb.org/dictionaries/ascii/mmcif_pdbx.dic 
# 
loop_
_database_2.database_id 
_database_2.database_code 
_database_2.pdbx_database_accession 
_database_2.pdbx_DOI 
PDB   4MDQ         pdb_00004mdq 10.2210/pdb4mdq/pdb 
RCSB  RCSB081781   ?            ?                   
WWPDB D_1000081781 ?            ?                   
# 
loop_
_pdbx_audit_revision_history.ordinal 
_pdbx_audit_revision_history.data_content_type 
_pdbx_audit_revision_history.major_revision 
_pdbx_audit_revision_history.minor_revision 
_pdbx_audit_revision_history.revision_date 
1 'Structure model' 1 0 2013-11-13 
2 'Structure model' 1 1 2013-12-04 
3 'Structure model' 1 2 2013-12-25 
4 'Structure model' 1 3 2024-02-28 
# 
_pdbx_audit_revision_details.ordinal             1 
_pdbx_audit_revision_details.revision_ordinal    1 
_pdbx_audit_revision_details.data_content_type   'Structure model' 
_pdbx_audit_revision_details.provider            repository 
_pdbx_audit_revision_details.type                'Initial release' 
_pdbx_audit_revision_details.description         ? 
_pdbx_audit_revision_details.details             ? 
# 
loop_
_pdbx_audit_revision_group.ordinal 
_pdbx_audit_revision_group.revision_ordinal 
_pdbx_audit_revision_group.data_content_type 
_pdbx_audit_revision_group.group 
1 2 'Structure model' 'Database references'  
2 3 'Structure model' 'Database references'  
3 4 'Structure model' 'Data collection'      
4 4 'Structure model' 'Database references'  
5 4 'Structure model' 'Derived calculations' 
# 
loop_
_pdbx_audit_revision_category.ordinal 
_pdbx_audit_revision_category.revision_ordinal 
_pdbx_audit_revision_category.data_content_type 
_pdbx_audit_revision_category.category 
1 4 'Structure model' chem_comp_atom 
2 4 'Structure model' chem_comp_bond 
3 4 'Structure model' database_2     
4 4 'Structure model' struct_site    
# 
loop_
_pdbx_audit_revision_item.ordinal 
_pdbx_audit_revision_item.revision_ordinal 
_pdbx_audit_revision_item.data_content_type 
_pdbx_audit_revision_item.item 
1 4 'Structure model' '_database_2.pdbx_DOI'                
2 4 'Structure model' '_database_2.pdbx_database_accession' 
3 4 'Structure model' '_struct_site.pdbx_auth_asym_id'      
4 4 'Structure model' '_struct_site.pdbx_auth_comp_id'      
5 4 'Structure model' '_struct_site.pdbx_auth_seq_id'       
# 
loop_
_database_PDB_caveat.id 
_database_PDB_caveat.text 
1 'CHIRAL CENTER CBI OF LIGAND A 28W 201 IS PLANAR.'                     
2 'CHIRAL CENTER CBI OF LIGAND A 28W 202 HAS INCORRECT STEREOCHEMISTRY.' 
# 
_pdbx_database_status.entry_id                        4MDQ 
_pdbx_database_status.status_code                     REL 
_pdbx_database_status.deposit_site                    RCSB 
_pdbx_database_status.process_site                    RCSB 
_pdbx_database_status.recvd_initial_deposition_date   2013-08-23 
_pdbx_database_status.status_code_sf                  REL 
_pdbx_database_status.status_code_mr                  ? 
_pdbx_database_status.SG_entry                        ? 
_pdbx_database_status.status_code_cs                  ? 
_pdbx_database_status.methods_development_category    ? 
_pdbx_database_status.pdb_format_compatible           Y 
_pdbx_database_status.status_code_nmr_data            ? 
# 
_pdbx_database_related.db_name        PDB 
_pdbx_database_related.db_id          4MDN 
_pdbx_database_related.details        . 
_pdbx_database_related.content_type   unspecified 
# 
loop_
_audit_author.name 
_audit_author.pdbx_ordinal 
'Bista, M.'    1 
'Popowicz, G.' 2 
'Holak, T.A.'  3 
# 
_citation.id                        primary 
_citation.title                     'Transient Protein States in Designing Inhibitors of the MDM2-p53 Interaction.' 
_citation.journal_abbrev            Structure 
_citation.journal_volume            21 
_citation.page_first                2143 
_citation.page_last                 2151 
_citation.year                      2013 
_citation.journal_id_ASTM           STRUE6 
_citation.country                   UK 
_citation.journal_id_ISSN           0969-2126 
_citation.journal_id_CSD            2005 
_citation.book_publisher            ? 
_citation.pdbx_database_id_PubMed   24207125 
_citation.pdbx_database_id_DOI      10.1016/j.str.2013.09.006 
# 
loop_
_citation_author.citation_id 
_citation_author.name 
_citation_author.ordinal 
_citation_author.identifier_ORCID 
primary 'Bista, M.'      1  ? 
primary 'Wolf, S.'       2  ? 
primary 'Khoury, K.'     3  ? 
primary 'Kowalska, K.'   4  ? 
primary 'Huang, Y.'      5  ? 
primary 'Wrona, E.'      6  ? 
primary 'Arciniega, M.'  7  ? 
primary 'Popowicz, G.M.' 8  ? 
primary 'Holak, T.A.'    9  ? 
primary 'Domling, A.'    10 ? 
# 
loop_
_entity.id 
_entity.type 
_entity.src_method 
_entity.pdbx_description 
_entity.formula_weight 
_entity.pdbx_number_of_molecules 
_entity.pdbx_ec 
_entity.pdbx_mutation 
_entity.pdbx_fragment 
_entity.details 
1 polymer     man 'E3 ubiquitin-protein ligase Mdm2' 10144.020 1  6.3.2.- ? 'UNP residues 25-110' ? 
2 non-polymer syn 
;3-[(1R)-2-(benzylamino)-1-{[(2S)-1-(hydroxyamino)-4-methyl-1-oxopentan-2-yl]amino}-2-oxoethyl]-6-chloro-N-hydroxy-1H-indole-2-carboxamide
;
501.963   2  ?       ? ?                     ? 
3 water       nat water 18.015    86 ?       ? ?                     ? 
# 
_entity_name_com.entity_id   1 
_entity_name_com.name        'Double minute 2 protein, Hdm2, Oncoprotein Mdm2, p53-binding protein Mdm2' 
# 
_entity_poly.entity_id                      1 
_entity_poly.type                           'polypeptide(L)' 
_entity_poly.nstd_linkage                   no 
_entity_poly.nstd_monomer                   no 
_entity_poly.pdbx_seq_one_letter_code       
;ETLVRPKPLLLKLLKSVGAQKDTYTMKEVLFYLGQYIMTKRLYDEKQQHIVYCSNDLLGDLFGVPSFSVKEHRKIYTMIY
RNLVVV
;
_entity_poly.pdbx_seq_one_letter_code_can   
;ETLVRPKPLLLKLLKSVGAQKDTYTMKEVLFYLGQYIMTKRLYDEKQQHIVYCSNDLLGDLFGVPSFSVKEHRKIYTMIY
RNLVVV
;
_entity_poly.pdbx_strand_id                 A 
_entity_poly.pdbx_target_identifier         ? 
# 
loop_
_pdbx_entity_nonpoly.entity_id 
_pdbx_entity_nonpoly.name 
_pdbx_entity_nonpoly.comp_id 
2 
;3-[(1R)-2-(benzylamino)-1-{[(2S)-1-(hydroxyamino)-4-methyl-1-oxopentan-2-yl]amino}-2-oxoethyl]-6-chloro-N-hydroxy-1H-indole-2-carboxamide
;
28W 
3 water HOH 
# 
loop_
_entity_poly_seq.entity_id 
_entity_poly_seq.num 
_entity_poly_seq.mon_id 
_entity_poly_seq.hetero 
1 1  GLU n 
1 2  THR n 
1 3  LEU n 
1 4  VAL n 
1 5  ARG n 
1 6  PRO n 
1 7  LYS n 
1 8  PRO n 
1 9  LEU n 
1 10 LEU n 
1 11 LEU n 
1 12 LYS n 
1 13 LEU n 
1 14 LEU n 
1 15 LYS n 
1 16 SER n 
1 17 VAL n 
1 18 GLY n 
1 19 ALA n 
1 20 GLN n 
1 21 LYS n 
1 22 ASP n 
1 23 THR n 
1 24 TYR n 
1 25 THR n 
1 26 MET n 
1 27 LYS n 
1 28 GLU n 
1 29 VAL n 
1 30 LEU n 
1 31 PHE n 
1 32 TYR n 
1 33 LEU n 
1 34 GLY n 
1 35 GLN n 
1 36 TYR n 
1 37 ILE n 
1 38 MET n 
1 39 THR n 
1 40 LYS n 
1 41 ARG n 
1 42 LEU n 
1 43 TYR n 
1 44 ASP n 
1 45 GLU n 
1 46 LYS n 
1 47 GLN n 
1 48 GLN n 
1 49 HIS n 
1 50 ILE n 
1 51 VAL n 
1 52 TYR n 
1 53 CYS n 
1 54 SER n 
1 55 ASN n 
1 56 ASP n 
1 57 LEU n 
1 58 LEU n 
1 59 GLY n 
1 60 ASP n 
1 61 LEU n 
1 62 PHE n 
1 63 GLY n 
1 64 VAL n 
1 65 PRO n 
1 66 SER n 
1 67 PHE n 
1 68 SER n 
1 69 VAL n 
1 70 LYS n 
1 71 GLU n 
1 72 HIS n 
1 73 ARG n 
1 74 LYS n 
1 75 ILE n 
1 76 TYR n 
1 77 THR n 
1 78 MET n 
1 79 ILE n 
1 80 TYR n 
1 81 ARG n 
1 82 ASN n 
1 83 LEU n 
1 84 VAL n 
1 85 VAL n 
1 86 VAL n 
# 
_entity_src_gen.entity_id                          1 
_entity_src_gen.pdbx_src_id                        1 
_entity_src_gen.pdbx_alt_source_flag               sample 
_entity_src_gen.pdbx_seq_type                      ? 
_entity_src_gen.pdbx_beg_seq_num                   ? 
_entity_src_gen.pdbx_end_seq_num                   ? 
_entity_src_gen.gene_src_common_name               human 
_entity_src_gen.gene_src_genus                     ? 
_entity_src_gen.pdbx_gene_src_gene                 MDM2 
_entity_src_gen.gene_src_species                   ? 
_entity_src_gen.gene_src_strain                    ? 
_entity_src_gen.gene_src_tissue                    ? 
_entity_src_gen.gene_src_tissue_fraction           ? 
_entity_src_gen.gene_src_details                   ? 
_entity_src_gen.pdbx_gene_src_fragment             ? 
_entity_src_gen.pdbx_gene_src_scientific_name      'Homo sapiens' 
_entity_src_gen.pdbx_gene_src_ncbi_taxonomy_id     9606 
_entity_src_gen.pdbx_gene_src_variant              ? 
_entity_src_gen.pdbx_gene_src_cell_line            ? 
_entity_src_gen.pdbx_gene_src_atcc                 ? 
_entity_src_gen.pdbx_gene_src_organ                ? 
_entity_src_gen.pdbx_gene_src_organelle            ? 
_entity_src_gen.pdbx_gene_src_cell                 ? 
_entity_src_gen.pdbx_gene_src_cellular_location    ? 
_entity_src_gen.host_org_common_name               ? 
_entity_src_gen.pdbx_host_org_scientific_name      'Escherichia coli' 
_entity_src_gen.pdbx_host_org_ncbi_taxonomy_id     562 
_entity_src_gen.host_org_genus                     ? 
_entity_src_gen.pdbx_host_org_gene                 ? 
_entity_src_gen.pdbx_host_org_organ                ? 
_entity_src_gen.host_org_species                   ? 
_entity_src_gen.pdbx_host_org_tissue               ? 
_entity_src_gen.pdbx_host_org_tissue_fraction      ? 
_entity_src_gen.pdbx_host_org_strain               ? 
_entity_src_gen.pdbx_host_org_variant              ? 
_entity_src_gen.pdbx_host_org_cell_line            ? 
_entity_src_gen.pdbx_host_org_atcc                 ? 
_entity_src_gen.pdbx_host_org_culture_collection   ? 
_entity_src_gen.pdbx_host_org_cell                 ? 
_entity_src_gen.pdbx_host_org_organelle            ? 
_entity_src_gen.pdbx_host_org_cellular_location    ? 
_entity_src_gen.pdbx_host_org_vector_type          ? 
_entity_src_gen.pdbx_host_org_vector               ? 
_entity_src_gen.host_org_details                   ? 
_entity_src_gen.expression_system_id               ? 
_entity_src_gen.plasmid_name                       ? 
_entity_src_gen.plasmid_details                    ? 
_entity_src_gen.pdbx_description                   ? 
# 
loop_
_chem_comp.id 
_chem_comp.type 
_chem_comp.mon_nstd_flag 
_chem_comp.name 
_chem_comp.pdbx_synonyms 
_chem_comp.formula 
_chem_comp.formula_weight 
28W non-polymer         . 
;3-[(1R)-2-(benzylamino)-1-{[(2S)-1-(hydroxyamino)-4-methyl-1-oxopentan-2-yl]amino}-2-oxoethyl]-6-chloro-N-hydroxy-1H-indole-2-carboxamide
;
? 'C24 H28 Cl N5 O5' 501.963 
ALA 'L-peptide linking' y ALANINE ? 'C3 H7 N O2'       89.093  
ARG 'L-peptide linking' y ARGININE ? 'C6 H15 N4 O2 1'   175.209 
ASN 'L-peptide linking' y ASPARAGINE ? 'C4 H8 N2 O3'      132.118 
ASP 'L-peptide linking' y 'ASPARTIC ACID' ? 'C4 H7 N O4'       133.103 
CYS 'L-peptide linking' y CYSTEINE ? 'C3 H7 N O2 S'     121.158 
GLN 'L-peptide linking' y GLUTAMINE ? 'C5 H10 N2 O3'     146.144 
GLU 'L-peptide linking' y 'GLUTAMIC ACID' ? 'C5 H9 N O4'       147.129 
GLY 'peptide linking'   y GLYCINE ? 'C2 H5 N O2'       75.067  
HIS 'L-peptide linking' y HISTIDINE ? 'C6 H10 N3 O2 1'   156.162 
HOH non-polymer         . WATER ? 'H2 O'             18.015  
ILE 'L-peptide linking' y ISOLEUCINE ? 'C6 H13 N O2'      131.173 
LEU 'L-peptide linking' y LEUCINE ? 'C6 H13 N O2'      131.173 
LYS 'L-peptide linking' y LYSINE ? 'C6 H15 N2 O2 1'   147.195 
MET 'L-peptide linking' y METHIONINE ? 'C5 H11 N O2 S'    149.211 
PHE 'L-peptide linking' y PHENYLALANINE ? 'C9 H11 N O2'      165.189 
PRO 'L-peptide linking' y PROLINE ? 'C5 H9 N O2'       115.130 
SER 'L-peptide linking' y SERINE ? 'C3 H7 N O3'       105.093 
THR 'L-peptide linking' y THREONINE ? 'C4 H9 N O3'       119.119 
TYR 'L-peptide linking' y TYROSINE ? 'C9 H11 N O3'      181.189 
VAL 'L-peptide linking' y VALINE ? 'C5 H11 N O2'      117.146 
# 
loop_
_pdbx_poly_seq_scheme.asym_id 
_pdbx_poly_seq_scheme.entity_id 
_pdbx_poly_seq_scheme.seq_id 
_pdbx_poly_seq_scheme.mon_id 
_pdbx_poly_seq_scheme.ndb_seq_num 
_pdbx_poly_seq_scheme.pdb_seq_num 
_pdbx_poly_seq_scheme.auth_seq_num 
_pdbx_poly_seq_scheme.pdb_mon_id 
_pdbx_poly_seq_scheme.auth_mon_id 
_pdbx_poly_seq_scheme.pdb_strand_id 
_pdbx_poly_seq_scheme.pdb_ins_code 
_pdbx_poly_seq_scheme.hetero 
A 1 1  GLU 1  25  25  GLU GLU A . n 
A 1 2  THR 2  26  26  THR THR A . n 
A 1 3  LEU 3  27  27  LEU LEU A . n 
A 1 4  VAL 4  28  28  VAL VAL A . n 
A 1 5  ARG 5  29  29  ARG ARG A . n 
A 1 6  PRO 6  30  30  PRO PRO A . n 
A 1 7  LYS 7  31  31  LYS LYS A . n 
A 1 8  PRO 8  32  32  PRO PRO A . n 
A 1 9  LEU 9  33  33  LEU LEU A . n 
A 1 10 LEU 10 34  34  LEU LEU A . n 
A 1 11 LEU 11 35  35  LEU LEU A . n 
A 1 12 LYS 12 36  36  LYS LYS A . n 
A 1 13 LEU 13 37  37  LEU LEU A . n 
A 1 14 LEU 14 38  38  LEU LEU A . n 
A 1 15 LYS 15 39  39  LYS LYS A . n 
A 1 16 SER 16 40  40  SER SER A . n 
A 1 17 VAL 17 41  41  VAL VAL A . n 
A 1 18 GLY 18 42  42  GLY GLY A . n 
A 1 19 ALA 19 43  43  ALA ALA A . n 
A 1 20 GLN 20 44  44  GLN GLN A . n 
A 1 21 LYS 21 45  45  LYS LYS A . n 
A 1 22 ASP 22 46  46  ASP ASP A . n 
A 1 23 THR 23 47  47  THR THR A . n 
A 1 24 TYR 24 48  48  TYR TYR A . n 
A 1 25 THR 25 49  49  THR THR A . n 
A 1 26 MET 26 50  50  MET MET A . n 
A 1 27 LYS 27 51  51  LYS LYS A . n 
A 1 28 GLU 28 52  52  GLU GLU A . n 
A 1 29 VAL 29 53  53  VAL VAL A . n 
A 1 30 LEU 30 54  54  LEU LEU A . n 
A 1 31 PHE 31 55  55  PHE PHE A . n 
A 1 32 TYR 32 56  56  TYR TYR A . n 
A 1 33 LEU 33 57  57  LEU LEU A . n 
A 1 34 GLY 34 58  58  GLY GLY A . n 
A 1 35 GLN 35 59  59  GLN GLN A . n 
A 1 36 TYR 36 60  60  TYR TYR A . n 
A 1 37 ILE 37 61  61  ILE ILE A . n 
A 1 38 MET 38 62  62  MET MET A . n 
A 1 39 THR 39 63  63  THR THR A . n 
A 1 40 LYS 40 64  64  LYS LYS A . n 
A 1 41 ARG 41 65  65  ARG ARG A . n 
A 1 42 LEU 42 66  66  LEU LEU A . n 
A 1 43 TYR 43 67  67  TYR TYR A . n 
A 1 44 ASP 44 68  68  ASP ASP A . n 
A 1 45 GLU 45 69  69  GLU GLU A . n 
A 1 46 LYS 46 70  70  LYS LYS A . n 
A 1 47 GLN 47 71  71  GLN GLN A . n 
A 1 48 GLN 48 72  72  GLN GLN A . n 
A 1 49 HIS 49 73  73  HIS HIS A . n 
A 1 50 ILE 50 74  74  ILE ILE A . n 
A 1 51 VAL 51 75  75  VAL VAL A . n 
A 1 52 TYR 52 76  76  TYR TYR A . n 
A 1 53 CYS 53 77  77  CYS CYS A . n 
A 1 54 SER 54 78  78  SER SER A . n 
A 1 55 ASN 55 79  79  ASN ASN A . n 
A 1 56 ASP 56 80  80  ASP ASP A . n 
A 1 57 LEU 57 81  81  LEU LEU A . n 
A 1 58 LEU 58 82  82  LEU LEU A . n 
A 1 59 GLY 59 83  83  GLY GLY A . n 
A 1 60 ASP 60 84  84  ASP ASP A . n 
A 1 61 LEU 61 85  85  LEU LEU A . n 
A 1 62 PHE 62 86  86  PHE PHE A . n 
A 1 63 GLY 63 87  87  GLY GLY A . n 
A 1 64 VAL 64 88  88  VAL VAL A . n 
A 1 65 PRO 65 89  89  PRO PRO A . n 
A 1 66 SER 66 90  90  SER SER A . n 
A 1 67 PHE 67 91  91  PHE PHE A . n 
A 1 68 SER 68 92  92  SER SER A . n 
A 1 69 VAL 69 93  93  VAL VAL A . n 
A 1 70 LYS 70 94  94  LYS LYS A . n 
A 1 71 GLU 71 95  95  GLU GLU A . n 
A 1 72 HIS 72 96  96  HIS HIS A . n 
A 1 73 ARG 73 97  97  ARG ARG A . n 
A 1 74 LYS 74 98  98  LYS LYS A . n 
A 1 75 ILE 75 99  99  ILE ILE A . n 
A 1 76 TYR 76 100 100 TYR TYR A . n 
A 1 77 THR 77 101 101 THR THR A . n 
A 1 78 MET 78 102 102 MET MET A . n 
A 1 79 ILE 79 103 103 ILE ILE A . n 
A 1 80 TYR 80 104 104 TYR TYR A . n 
A 1 81 ARG 81 105 105 ARG ARG A . n 
A 1 82 ASN 82 106 106 ASN ASN A . n 
A 1 83 LEU 83 107 107 LEU LEU A . n 
A 1 84 VAL 84 108 108 VAL VAL A . n 
A 1 85 VAL 85 109 109 VAL VAL A . n 
A 1 86 VAL 86 110 110 VAL VAL A . n 
# 
loop_
_pdbx_nonpoly_scheme.asym_id 
_pdbx_nonpoly_scheme.entity_id 
_pdbx_nonpoly_scheme.mon_id 
_pdbx_nonpoly_scheme.ndb_seq_num 
_pdbx_nonpoly_scheme.pdb_seq_num 
_pdbx_nonpoly_scheme.auth_seq_num 
_pdbx_nonpoly_scheme.pdb_mon_id 
_pdbx_nonpoly_scheme.auth_mon_id 
_pdbx_nonpoly_scheme.pdb_strand_id 
_pdbx_nonpoly_scheme.pdb_ins_code 
B 2 28W 1  201 1  28W DRG A . 
C 2 28W 1  202 2  28W DRG A . 
D 3 HOH 1  301 1  HOH HOH A . 
D 3 HOH 2  302 2  HOH HOH A . 
D 3 HOH 3  303 3  HOH HOH A . 
D 3 HOH 4  304 4  HOH HOH A . 
D 3 HOH 5  305 5  HOH HOH A . 
D 3 HOH 6  306 6  HOH HOH A . 
D 3 HOH 7  307 7  HOH HOH A . 
D 3 HOH 8  308 8  HOH HOH A . 
D 3 HOH 9  309 9  HOH HOH A . 
D 3 HOH 10 310 10 HOH HOH A . 
D 3 HOH 11 311 11 HOH HOH A . 
D 3 HOH 12 312 12 HOH HOH A . 
D 3 HOH 13 313 13 HOH HOH A . 
D 3 HOH 14 314 14 HOH HOH A . 
D 3 HOH 15 315 15 HOH HOH A . 
D 3 HOH 16 316 16 HOH HOH A . 
D 3 HOH 17 317 17 HOH HOH A . 
D 3 HOH 18 318 18 HOH HOH A . 
D 3 HOH 19 319 19 HOH HOH A . 
D 3 HOH 20 320 20 HOH HOH A . 
D 3 HOH 21 321 21 HOH HOH A . 
D 3 HOH 22 322 22 HOH HOH A . 
D 3 HOH 23 323 23 HOH HOH A . 
D 3 HOH 24 324 24 HOH HOH A . 
D 3 HOH 25 325 25 HOH HOH A . 
D 3 HOH 26 326 26 HOH HOH A . 
D 3 HOH 27 327 27 HOH HOH A . 
D 3 HOH 28 328 28 HOH HOH A . 
D 3 HOH 29 329 29 HOH HOH A . 
D 3 HOH 30 330 30 HOH HOH A . 
D 3 HOH 31 331 31 HOH HOH A . 
D 3 HOH 32 332 32 HOH HOH A . 
D 3 HOH 33 333 33 HOH HOH A . 
D 3 HOH 34 334 34 HOH HOH A . 
D 3 HOH 35 335 35 HOH HOH A . 
D 3 HOH 36 336 36 HOH HOH A . 
D 3 HOH 37 337 37 HOH HOH A . 
D 3 HOH 38 338 38 HOH HOH A . 
D 3 HOH 39 339 39 HOH HOH A . 
D 3 HOH 40 340 40 HOH HOH A . 
D 3 HOH 41 341 41 HOH HOH A . 
D 3 HOH 42 342 42 HOH HOH A . 
D 3 HOH 43 343 43 HOH HOH A . 
D 3 HOH 44 344 44 HOH HOH A . 
D 3 HOH 45 345 45 HOH HOH A . 
D 3 HOH 46 346 46 HOH HOH A . 
D 3 HOH 47 347 47 HOH HOH A . 
D 3 HOH 48 348 48 HOH HOH A . 
D 3 HOH 49 349 49 HOH HOH A . 
D 3 HOH 50 350 50 HOH HOH A . 
D 3 HOH 51 351 51 HOH HOH A . 
D 3 HOH 52 352 52 HOH HOH A . 
D 3 HOH 53 353 53 HOH HOH A . 
D 3 HOH 54 354 54 HOH HOH A . 
D 3 HOH 55 355 55 HOH HOH A . 
D 3 HOH 56 356 56 HOH HOH A . 
D 3 HOH 57 357 57 HOH HOH A . 
D 3 HOH 58 358 58 HOH HOH A . 
D 3 HOH 59 359 59 HOH HOH A . 
D 3 HOH 60 360 60 HOH HOH A . 
D 3 HOH 61 361 61 HOH HOH A . 
D 3 HOH 62 362 62 HOH HOH A . 
D 3 HOH 63 363 63 HOH HOH A . 
D 3 HOH 64 364 64 HOH HOH A . 
D 3 HOH 65 365 65 HOH HOH A . 
D 3 HOH 66 366 66 HOH HOH A . 
D 3 HOH 67 367 67 HOH HOH A . 
D 3 HOH 68 368 68 HOH HOH A . 
D 3 HOH 69 369 69 HOH HOH A . 
D 3 HOH 70 370 70 HOH HOH A . 
D 3 HOH 71 371 71 HOH HOH A . 
D 3 HOH 72 372 72 HOH HOH A . 
D 3 HOH 73 373 73 HOH HOH A . 
D 3 HOH 74 374 74 HOH HOH A . 
D 3 HOH 75 375 75 HOH HOH A . 
D 3 HOH 76 376 76 HOH HOH A . 
D 3 HOH 77 377 77 HOH HOH A . 
D 3 HOH 78 378 78 HOH HOH A . 
D 3 HOH 79 379 79 HOH HOH A . 
D 3 HOH 80 380 80 HOH HOH A . 
D 3 HOH 81 381 81 HOH HOH A . 
D 3 HOH 82 382 82 HOH HOH A . 
D 3 HOH 83 383 83 HOH HOH A . 
D 3 HOH 84 384 84 HOH HOH A . 
D 3 HOH 85 385 85 HOH HOH A . 
D 3 HOH 86 386 86 HOH HOH A . 
# 
loop_
_pdbx_unobs_or_zero_occ_atoms.id 
_pdbx_unobs_or_zero_occ_atoms.PDB_model_num 
_pdbx_unobs_or_zero_occ_atoms.polymer_flag 
_pdbx_unobs_or_zero_occ_atoms.occupancy_flag 
_pdbx_unobs_or_zero_occ_atoms.auth_asym_id 
_pdbx_unobs_or_zero_occ_atoms.auth_comp_id 
_pdbx_unobs_or_zero_occ_atoms.auth_seq_id 
_pdbx_unobs_or_zero_occ_atoms.PDB_ins_code 
_pdbx_unobs_or_zero_occ_atoms.auth_atom_id 
_pdbx_unobs_or_zero_occ_atoms.label_alt_id 
_pdbx_unobs_or_zero_occ_atoms.label_asym_id 
_pdbx_unobs_or_zero_occ_atoms.label_comp_id 
_pdbx_unobs_or_zero_occ_atoms.label_seq_id 
_pdbx_unobs_or_zero_occ_atoms.label_atom_id 
1  1 Y 1 A GLU 25 ? CG  ? A GLU 1  CG  
2  1 Y 1 A GLU 25 ? CD  ? A GLU 1  CD  
3  1 Y 1 A GLU 25 ? OE1 ? A GLU 1  OE1 
4  1 Y 1 A GLU 25 ? OE2 ? A GLU 1  OE2 
5  1 Y 1 A LYS 36 ? NZ  ? A LYS 12 NZ  
6  1 Y 1 A LYS 94 ? CE  ? A LYS 70 CE  
7  1 Y 1 A LYS 94 ? NZ  ? A LYS 70 NZ  
8  1 Y 1 A ARG 97 ? NE  ? A ARG 73 NE  
9  1 Y 1 A ARG 97 ? CZ  ? A ARG 73 CZ  
10 1 Y 1 A ARG 97 ? NH1 ? A ARG 73 NH1 
11 1 Y 1 A ARG 97 ? NH2 ? A ARG 73 NH2 
# 
loop_
_software.pdbx_ordinal 
_software.name 
_software.version 
_software.date 
_software.type 
_software.contact_author 
_software.contact_author_email 
_software.classification 
_software.location 
_software.language 
_software.citation_id 
1 REFMAC      5.7.0029 ?                program 'Garib N. Murshudov' garib@ysbl.york.ac.uk    refinement        
http://www.ccp4.ac.uk/dist/html/refmac5.html Fortran_77 ? 
2 PDB_EXTRACT 3.11     'April 22, 2011' package PDB                  deposit@deposit.rcsb.org 'data extraction' 
http://sw-tools.pdb.org/apps/PDB_EXTRACT/    C++        ? 
# 
_cell.length_a           53.520 
_cell.length_b           53.520 
_cell.length_c           122.270 
_cell.angle_alpha        90.000 
_cell.angle_beta         90.000 
_cell.angle_gamma        120.000 
_cell.entry_id           4MDQ 
_cell.pdbx_unique_axis   ? 
_cell.Z_PDB              12 
_cell.length_a_esd       ? 
_cell.length_b_esd       ? 
_cell.length_c_esd       ? 
_cell.angle_alpha_esd    ? 
_cell.angle_beta_esd     ? 
_cell.angle_gamma_esd    ? 
# 
_symmetry.space_group_name_H-M             'P 65 2 2' 
_symmetry.entry_id                         4MDQ 
_symmetry.pdbx_full_space_group_name_H-M   ? 
_symmetry.Int_Tables_number                179 
_symmetry.cell_setting                     ? 
_symmetry.space_group_name_Hall            ? 
# 
_exptl.crystals_number   1 
_exptl.entry_id          4MDQ 
_exptl.method            'X-RAY DIFFRACTION' 
# 
_exptl_crystal.id                    1 
_exptl_crystal.density_Matthews      2.49 
_exptl_crystal.density_meas          ? 
_exptl_crystal.density_percent_sol   50.64 
_exptl_crystal.description           ? 
_exptl_crystal.F_000                 ? 
_exptl_crystal.preparation           ? 
# 
_exptl_crystal_grow.crystal_id      1 
_exptl_crystal_grow.method          'VAPOR DIFFUSION, SITTING DROP' 
_exptl_crystal_grow.pH              8.0 
_exptl_crystal_grow.temp            277 
_exptl_crystal_grow.pdbx_details    
'0.2 M ammonium nitrate, 20% w/v PEG3350, pH 8.0, VAPOR DIFFUSION, SITTING DROP, temperature 277K' 
_exptl_crystal_grow.temp_details    ? 
_exptl_crystal_grow.pdbx_pH_range   ? 
# 
_diffrn.id                     1 
_diffrn.ambient_temp           ? 
_diffrn.ambient_temp_details   ? 
_diffrn.crystal_id             1 
# 
_diffrn_detector.diffrn_id              1 
_diffrn_detector.detector               PIXEL 
_diffrn_detector.type                   'PSI PILATUS 6M' 
_diffrn_detector.pdbx_collection_date   ? 
_diffrn_detector.details                ? 
# 
_diffrn_radiation.diffrn_id                        1 
_diffrn_radiation.pdbx_diffrn_protocol             'SINGLE WAVELENGTH' 
_diffrn_radiation.monochromator                    'double crystal Si(111)' 
_diffrn_radiation.wavelength_id                    1 
_diffrn_radiation.pdbx_monochromatic_or_laue_m_l   M 
_diffrn_radiation.pdbx_scattering_type             x-ray 
# 
_diffrn_radiation_wavelength.id           1 
_diffrn_radiation_wavelength.wavelength   . 
_diffrn_radiation_wavelength.wt           1.0 
# 
_diffrn_source.diffrn_id                   1 
_diffrn_source.source                      SYNCHROTRON 
_diffrn_source.type                        'SLS BEAMLINE X10SA' 
_diffrn_source.pdbx_wavelength_list        ? 
_diffrn_source.pdbx_wavelength             ? 
_diffrn_source.pdbx_synchrotron_site       SLS 
_diffrn_source.pdbx_synchrotron_beamline   X10SA 
# 
_reflns.entry_id                     4MDQ 
_reflns.observed_criterion_sigma_F   32.03 
_reflns.observed_criterion_sigma_I   9.8 
_reflns.d_resolution_high            2.119 
_reflns.d_resolution_low             46.35 
_reflns.number_all                   12142 
_reflns.number_obs                   10977 
_reflns.percent_possible_obs         97.6 
_reflns.pdbx_Rmerge_I_obs            ? 
_reflns.pdbx_Rsym_value              ? 
_reflns.pdbx_netI_over_sigmaI        ? 
_reflns.B_iso_Wilson_estimate        ? 
_reflns.pdbx_redundancy              ? 
_reflns.R_free_details               ? 
_reflns.limit_h_max                  ? 
_reflns.limit_h_min                  ? 
_reflns.limit_k_max                  ? 
_reflns.limit_k_min                  ? 
_reflns.limit_l_max                  ? 
_reflns.limit_l_min                  ? 
_reflns.observed_criterion_F_max     ? 
_reflns.observed_criterion_F_min     ? 
_reflns.pdbx_chi_squared             ? 
_reflns.pdbx_scaling_rejects         ? 
_reflns.pdbx_ordinal                 1 
_reflns.pdbx_diffrn_id               1 
# 
_reflns_shell.d_res_high             2.119 
_reflns_shell.d_res_low              ? 
_reflns_shell.percent_possible_obs   ? 
_reflns_shell.percent_possible_all   ? 
_reflns_shell.Rmerge_I_obs           ? 
_reflns_shell.meanI_over_sigI_obs    ? 
_reflns_shell.pdbx_Rsym_value        ? 
_reflns_shell.pdbx_redundancy        ? 
_reflns_shell.number_unique_all      ? 
_reflns_shell.number_measured_all    ? 
_reflns_shell.number_measured_obs    ? 
_reflns_shell.number_unique_obs      ? 
_reflns_shell.pdbx_chi_squared       ? 
_reflns_shell.pdbx_ordinal           1 
_reflns_shell.pdbx_diffrn_id         1 
# 
_refine.entry_id                                 4MDQ 
_refine.ls_d_res_high                            2.119 
_refine.ls_d_res_low                             46.35 
_refine.pdbx_ls_sigma_F                          0.0 
_refine.pdbx_data_cutoff_high_absF               ? 
_refine.pdbx_data_cutoff_low_absF                ? 
_refine.ls_percent_reflns_obs                    91.88 
_refine.ls_number_reflns_obs                     5882 
_refine.ls_number_reflns_all                     ? 
_refine.pdbx_ls_cross_valid_method               THROUGHOUT 
_refine.pdbx_R_Free_selection_details            RANDOM 
_refine.details                                  'HYDROGENS HAVE BEEN ADDED IN THE RIDING POSITIONS' 
_refine.ls_R_factor_all                          ? 
_refine.ls_R_factor_obs                          0.1865 
_refine.ls_R_factor_R_work                       0.1848 
_refine.ls_wR_factor_R_work                      ? 
_refine.ls_R_factor_R_free                       0.2206 
_refine.ls_wR_factor_R_free                      ? 
_refine.ls_percent_reflns_R_free                 4.5 
_refine.ls_number_reflns_R_free                  263 
_refine.ls_R_factor_R_free_error                 ? 
_refine.B_iso_mean                               33.3371 
_refine.solvent_model_param_bsol                 ? 
_refine.solvent_model_param_ksol                 ? 
_refine.pdbx_isotropic_thermal_model             ? 
_refine.aniso_B[1][1]                            0.0100 
_refine.aniso_B[2][2]                            0.0100 
_refine.aniso_B[3][3]                            -0.0200 
_refine.aniso_B[1][2]                            0.0100 
_refine.aniso_B[1][3]                            0.0000 
_refine.aniso_B[2][3]                            0.0000 
_refine.correlation_coeff_Fo_to_Fc               ? 
_refine.correlation_coeff_Fo_to_Fc_free          ? 
_refine.overall_SU_R_Cruickshank_DPI             ? 
_refine.overall_SU_R_free                        ? 
_refine.pdbx_overall_ESU_R                       0.2560 
_refine.pdbx_overall_ESU_R_Free                  0.1910 
_refine.overall_SU_ML                            0.1240 
_refine.overall_SU_B                             4.8320 
_refine.solvent_model_details                    MASK 
_refine.pdbx_solvent_vdw_probe_radii             1.2000 
_refine.pdbx_solvent_ion_probe_radii             0.8000 
_refine.pdbx_solvent_shrinkage_radii             0.8000 
_refine.ls_number_parameters                     ? 
_refine.ls_number_restraints                     ? 
_refine.pdbx_starting_model                      ? 
_refine.pdbx_method_to_determine_struct          'MOLECULAR REPLACEMENT' 
_refine.pdbx_stereochemistry_target_values       'MAXIMUM LIKELIHOOD' 
_refine.pdbx_stereochem_target_val_spec_case     ? 
_refine.overall_FOM_work_R_set                   ? 
_refine.B_iso_max                                79.010 
_refine.B_iso_min                                2.000 
_refine.pdbx_overall_phase_error                 ? 
_refine.occupancy_max                            1.000 
_refine.occupancy_min                            0.010 
_refine.pdbx_ls_sigma_I                          ? 
_refine.ls_redundancy_reflns_obs                 ? 
_refine.ls_R_factor_R_free_error_details         ? 
_refine.pdbx_data_cutoff_high_rms_absF           ? 
_refine.overall_FOM_free_R_set                   ? 
_refine.pdbx_diffrn_id                           1 
_refine.pdbx_refine_id                           'X-RAY DIFFRACTION' 
_refine.pdbx_TLS_residual_ADP_flag               ? 
_refine.pdbx_overall_SU_R_free_Cruickshank_DPI   ? 
_refine.pdbx_overall_SU_R_Blow_DPI               ? 
_refine.pdbx_overall_SU_R_free_Blow_DPI          ? 
# 
_refine_hist.pdbx_refine_id                   'X-RAY DIFFRACTION' 
_refine_hist.cycle_id                         LAST 
_refine_hist.pdbx_number_atoms_protein        701 
_refine_hist.pdbx_number_atoms_nucleic_acid   0 
_refine_hist.pdbx_number_atoms_ligand         70 
_refine_hist.number_atoms_solvent             86 
_refine_hist.number_atoms_total               857 
_refine_hist.d_res_high                       2.119 
_refine_hist.d_res_low                        46.35 
# 
loop_
_refine_ls_restr.type 
_refine_ls_restr.number 
_refine_ls_restr.dev_ideal 
_refine_ls_restr.dev_ideal_target 
_refine_ls_restr.weight 
_refine_ls_restr.pdbx_restraint_function 
_refine_ls_restr.pdbx_refine_id 
r_bond_refined_d       789  0.011  0.020  ? ? 'X-RAY DIFFRACTION' 
r_bond_other_d         772  0.006  0.021  ? ? 'X-RAY DIFFRACTION' 
r_angle_refined_deg    1067 1.800  2.078  ? ? 'X-RAY DIFFRACTION' 
r_angle_other_deg      1770 1.193  3.024  ? ? 'X-RAY DIFFRACTION' 
r_dihedral_angle_1_deg 85   6.431  5.000  ? ? 'X-RAY DIFFRACTION' 
r_dihedral_angle_2_deg 28   46.571 23.571 ? ? 'X-RAY DIFFRACTION' 
r_dihedral_angle_3_deg 138  15.406 15.000 ? ? 'X-RAY DIFFRACTION' 
r_dihedral_angle_4_deg 3    21.225 15.000 ? ? 'X-RAY DIFFRACTION' 
r_chiral_restr         119  0.294  0.200  ? ? 'X-RAY DIFFRACTION' 
r_gen_planes_refined   834  0.007  0.021  ? ? 'X-RAY DIFFRACTION' 
r_gen_planes_other     181  0.002  0.020  ? ? 'X-RAY DIFFRACTION' 
# 
_refine_ls_shell.d_res_high                       2.119 
_refine_ls_shell.d_res_low                        2.174 
_refine_ls_shell.pdbx_total_number_of_bins_used   20 
_refine_ls_shell.percent_reflns_obs               42.89 
_refine_ls_shell.number_reflns_R_work             186 
_refine_ls_shell.R_factor_all                     ? 
_refine_ls_shell.R_factor_R_work                  0.2380 
_refine_ls_shell.R_factor_R_free                  0.3000 
_refine_ls_shell.percent_reflns_R_free            ? 
_refine_ls_shell.number_reflns_R_free             7 
_refine_ls_shell.R_factor_R_free_error            ? 
_refine_ls_shell.number_reflns_all                193 
_refine_ls_shell.number_reflns_obs                ? 
_refine_ls_shell.redundancy_reflns_obs            ? 
_refine_ls_shell.pdbx_refine_id                   'X-RAY DIFFRACTION' 
# 
_struct.entry_id                  4MDQ 
_struct.title                     'Structure of a novel submicromolar MDM2 inhibitor' 
_struct.pdbx_model_details        ? 
_struct.pdbx_CASP_flag            ? 
_struct.pdbx_model_type_details   ? 
# 
_struct_keywords.entry_id        4MDQ 
_struct_keywords.text            'MDM2, p53, cancer, small molecule, LIGASE-LIGASE INHIBITOR complex' 
_struct_keywords.pdbx_keywords   'LIGASE/LIGASE INHIBITOR' 
# 
loop_
_struct_asym.id 
_struct_asym.pdbx_blank_PDB_chainid_flag 
_struct_asym.pdbx_modified 
_struct_asym.entity_id 
_struct_asym.details 
A N N 1 ? 
B N N 2 ? 
C N N 2 ? 
D N N 3 ? 
# 
_struct_ref.id                         1 
_struct_ref.db_name                    UNP 
_struct_ref.db_code                    MDM2_HUMAN 
_struct_ref.pdbx_db_accession          Q00987 
_struct_ref.entity_id                  1 
_struct_ref.pdbx_seq_one_letter_code   
;ETLVRPKPLLLKLLKSVGAQKDTYTMKEVLFYLGQYIMTKRLYDEKQQHIVYCSNDLLGDLFGVPSFSVKEHRKIYTMIY
RNLVVV
;
_struct_ref.pdbx_align_begin           25 
_struct_ref.pdbx_db_isoform            ? 
# 
_struct_ref_seq.align_id                      1 
_struct_ref_seq.ref_id                        1 
_struct_ref_seq.pdbx_PDB_id_code              4MDQ 
_struct_ref_seq.pdbx_strand_id                A 
_struct_ref_seq.seq_align_beg                 1 
_struct_ref_seq.pdbx_seq_align_beg_ins_code   ? 
_struct_ref_seq.seq_align_end                 86 
_struct_ref_seq.pdbx_seq_align_end_ins_code   ? 
_struct_ref_seq.pdbx_db_accession             Q00987 
_struct_ref_seq.db_align_beg                  25 
_struct_ref_seq.pdbx_db_align_beg_ins_code    ? 
_struct_ref_seq.db_align_end                  110 
_struct_ref_seq.pdbx_db_align_end_ins_code    ? 
_struct_ref_seq.pdbx_auth_seq_align_beg       25 
_struct_ref_seq.pdbx_auth_seq_align_end       110 
# 
_pdbx_struct_assembly.id                   1 
_pdbx_struct_assembly.details              author_and_software_defined_assembly 
_pdbx_struct_assembly.method_details       PISA 
_pdbx_struct_assembly.oligomeric_details   monomeric 
_pdbx_struct_assembly.oligomeric_count     1 
# 
_pdbx_struct_assembly_gen.assembly_id       1 
_pdbx_struct_assembly_gen.oper_expression   1 
_pdbx_struct_assembly_gen.asym_id_list      A,B,C,D 
# 
_pdbx_struct_oper_list.id                   1 
_pdbx_struct_oper_list.type                 'identity operation' 
_pdbx_struct_oper_list.name                 1_555 
_pdbx_struct_oper_list.symmetry_operation   x,y,z 
_pdbx_struct_oper_list.matrix[1][1]         1.0000000000 
_pdbx_struct_oper_list.matrix[1][2]         0.0000000000 
_pdbx_struct_oper_list.matrix[1][3]         0.0000000000 
_pdbx_struct_oper_list.vector[1]            0.0000000000 
_pdbx_struct_oper_list.matrix[2][1]         0.0000000000 
_pdbx_struct_oper_list.matrix[2][2]         1.0000000000 
_pdbx_struct_oper_list.matrix[2][3]         0.0000000000 
_pdbx_struct_oper_list.vector[2]            0.0000000000 
_pdbx_struct_oper_list.matrix[3][1]         0.0000000000 
_pdbx_struct_oper_list.matrix[3][2]         0.0000000000 
_pdbx_struct_oper_list.matrix[3][3]         1.0000000000 
_pdbx_struct_oper_list.vector[3]            0.0000000000 
# 
_struct_biol.id        1 
_struct_biol.details   ? 
# 
loop_
_struct_conf.conf_type_id 
_struct_conf.id 
_struct_conf.pdbx_PDB_helix_id 
_struct_conf.beg_label_comp_id 
_struct_conf.beg_label_asym_id 
_struct_conf.beg_label_seq_id 
_struct_conf.pdbx_beg_PDB_ins_code 
_struct_conf.end_label_comp_id 
_struct_conf.end_label_asym_id 
_struct_conf.end_label_seq_id 
_struct_conf.pdbx_end_PDB_ins_code 
_struct_conf.beg_auth_comp_id 
_struct_conf.beg_auth_asym_id 
_struct_conf.beg_auth_seq_id 
_struct_conf.end_auth_comp_id 
_struct_conf.end_auth_asym_id 
_struct_conf.end_auth_seq_id 
_struct_conf.pdbx_PDB_helix_class 
_struct_conf.details 
_struct_conf.pdbx_PDB_helix_length 
HELX_P HELX_P1 1 LYS A 7  ? VAL A 17 ? LYS A 31 VAL A 41  1 ? 11 
HELX_P HELX_P2 2 MET A 26 ? LYS A 40 ? MET A 50 LYS A 64  1 ? 15 
HELX_P HELX_P3 3 ASP A 56 ? GLY A 63 ? ASP A 80 GLY A 87  1 ? 8  
HELX_P HELX_P4 4 GLU A 71 ? ARG A 81 ? GLU A 95 ARG A 105 1 ? 11 
# 
_struct_conf_type.id          HELX_P 
_struct_conf_type.criteria    ? 
_struct_conf_type.reference   ? 
# 
loop_
_struct_sheet.id 
_struct_sheet.type 
_struct_sheet.number_strands 
_struct_sheet.details 
A ? 2 ? 
B ? 2 ? 
# 
loop_
_struct_sheet_order.sheet_id 
_struct_sheet_order.range_id_1 
_struct_sheet_order.range_id_2 
_struct_sheet_order.offset 
_struct_sheet_order.sense 
A 1 2 ? anti-parallel 
B 1 2 ? anti-parallel 
# 
loop_
_struct_sheet_range.sheet_id 
_struct_sheet_range.id 
_struct_sheet_range.beg_label_comp_id 
_struct_sheet_range.beg_label_asym_id 
_struct_sheet_range.beg_label_seq_id 
_struct_sheet_range.pdbx_beg_PDB_ins_code 
_struct_sheet_range.end_label_comp_id 
_struct_sheet_range.end_label_asym_id 
_struct_sheet_range.end_label_seq_id 
_struct_sheet_range.pdbx_end_PDB_ins_code 
_struct_sheet_range.beg_auth_comp_id 
_struct_sheet_range.beg_auth_asym_id 
_struct_sheet_range.beg_auth_seq_id 
_struct_sheet_range.end_auth_comp_id 
_struct_sheet_range.end_auth_asym_id 
_struct_sheet_range.end_auth_seq_id 
A 1 LEU A 3  ? VAL A 4  ? LEU A 27 VAL A 28 
A 2 TYR A 24 ? THR A 25 ? TYR A 48 THR A 49 
B 1 ILE A 50 ? TYR A 52 ? ILE A 74 TYR A 76 
B 2 SER A 66 ? SER A 68 ? SER A 90 SER A 92 
# 
loop_
_pdbx_struct_sheet_hbond.sheet_id 
_pdbx_struct_sheet_hbond.range_id_1 
_pdbx_struct_sheet_hbond.range_id_2 
_pdbx_struct_sheet_hbond.range_1_label_atom_id 
_pdbx_struct_sheet_hbond.range_1_label_comp_id 
_pdbx_struct_sheet_hbond.range_1_label_asym_id 
_pdbx_struct_sheet_hbond.range_1_label_seq_id 
_pdbx_struct_sheet_hbond.range_1_PDB_ins_code 
_pdbx_struct_sheet_hbond.range_1_auth_atom_id 
_pdbx_struct_sheet_hbond.range_1_auth_comp_id 
_pdbx_struct_sheet_hbond.range_1_auth_asym_id 
_pdbx_struct_sheet_hbond.range_1_auth_seq_id 
_pdbx_struct_sheet_hbond.range_2_label_atom_id 
_pdbx_struct_sheet_hbond.range_2_label_comp_id 
_pdbx_struct_sheet_hbond.range_2_label_asym_id 
_pdbx_struct_sheet_hbond.range_2_label_seq_id 
_pdbx_struct_sheet_hbond.range_2_PDB_ins_code 
_pdbx_struct_sheet_hbond.range_2_auth_atom_id 
_pdbx_struct_sheet_hbond.range_2_auth_comp_id 
_pdbx_struct_sheet_hbond.range_2_auth_asym_id 
_pdbx_struct_sheet_hbond.range_2_auth_seq_id 
A 1 2 N VAL A 4  ? N VAL A 28 O TYR A 24 ? O TYR A 48 
B 1 2 N VAL A 51 ? N VAL A 75 O PHE A 67 ? O PHE A 91 
# 
loop_
_struct_site.id 
_struct_site.pdbx_evidence_code 
_struct_site.pdbx_auth_asym_id 
_struct_site.pdbx_auth_comp_id 
_struct_site.pdbx_auth_seq_id 
_struct_site.pdbx_auth_ins_code 
_struct_site.pdbx_num_residues 
_struct_site.details 
AC1 Software A 28W 201 ? 20 'BINDING SITE FOR RESIDUE 28W A 201' 
AC2 Software A 28W 202 ? 15 'BINDING SITE FOR RESIDUE 28W A 202' 
# 
loop_
_struct_site_gen.id 
_struct_site_gen.site_id 
_struct_site_gen.pdbx_num_res 
_struct_site_gen.label_comp_id 
_struct_site_gen.label_asym_id 
_struct_site_gen.label_seq_id 
_struct_site_gen.pdbx_auth_ins_code 
_struct_site_gen.auth_comp_id 
_struct_site_gen.auth_asym_id 
_struct_site_gen.auth_seq_id 
_struct_site_gen.label_atom_id 
_struct_site_gen.label_alt_id 
_struct_site_gen.symmetry 
_struct_site_gen.details 
1  AC1 20 LEU A 30 ? LEU A 54  . ? 1_555  ? 
2  AC1 20 PHE A 31 ? PHE A 55  . ? 10_665 ? 
3  AC1 20 PHE A 31 ? PHE A 55  . ? 1_555  ? 
4  AC1 20 GLY A 34 ? GLY A 58  . ? 10_665 ? 
5  AC1 20 GLY A 34 ? GLY A 58  . ? 1_555  ? 
6  AC1 20 GLN A 35 ? GLN A 59  . ? 10_665 ? 
7  AC1 20 MET A 38 ? MET A 62  . ? 10_665 ? 
8  AC1 20 HIS A 72 ? HIS A 96  . ? 1_555  ? 
9  AC1 20 28W C .  ? 28W A 202 . ? 1_555  ? 
10 AC1 20 HOH D .  ? HOH A 301 . ? 10_665 ? 
11 AC1 20 HOH D .  ? HOH A 301 . ? 1_555  ? 
12 AC1 20 HOH D .  ? HOH A 337 . ? 1_555  ? 
13 AC1 20 HOH D .  ? HOH A 348 . ? 10_665 ? 
14 AC1 20 HOH D .  ? HOH A 348 . ? 1_555  ? 
15 AC1 20 HOH D .  ? HOH A 349 . ? 10_665 ? 
16 AC1 20 HOH D .  ? HOH A 349 . ? 1_555  ? 
17 AC1 20 HOH D .  ? HOH A 350 . ? 1_555  ? 
18 AC1 20 HOH D .  ? HOH A 351 . ? 1_555  ? 
19 AC1 20 HOH D .  ? HOH A 352 . ? 1_555  ? 
20 AC1 20 HOH D .  ? HOH A 359 . ? 1_555  ? 
21 AC2 15 SER A 16 ? SER A 40  . ? 5_555  ? 
22 AC2 15 MET A 26 ? MET A 50  . ? 1_555  ? 
23 AC2 15 LYS A 27 ? LYS A 51  . ? 1_555  ? 
24 AC2 15 LEU A 57 ? LEU A 81  . ? 5_555  ? 
25 AC2 15 ASP A 60 ? ASP A 84  . ? 5_555  ? 
26 AC2 15 ARG A 73 ? ARG A 97  . ? 1_555  ? 
27 AC2 15 TYR A 76 ? TYR A 100 . ? 1_555  ? 
28 AC2 15 28W B .  ? 28W A 201 . ? 1_555  ? 
29 AC2 15 HOH D .  ? HOH A 302 . ? 5_555  ? 
30 AC2 15 HOH D .  ? HOH A 308 . ? 5_555  ? 
31 AC2 15 HOH D .  ? HOH A 353 . ? 1_555  ? 
32 AC2 15 HOH D .  ? HOH A 354 . ? 1_555  ? 
33 AC2 15 HOH D .  ? HOH A 355 . ? 1_555  ? 
34 AC2 15 HOH D .  ? HOH A 356 . ? 1_555  ? 
35 AC2 15 HOH D .  ? HOH A 357 . ? 1_555  ? 
# 
loop_
_pdbx_validate_symm_contact.id 
_pdbx_validate_symm_contact.PDB_model_num 
_pdbx_validate_symm_contact.auth_atom_id_1 
_pdbx_validate_symm_contact.auth_asym_id_1 
_pdbx_validate_symm_contact.auth_comp_id_1 
_pdbx_validate_symm_contact.auth_seq_id_1 
_pdbx_validate_symm_contact.PDB_ins_code_1 
_pdbx_validate_symm_contact.label_alt_id_1 
_pdbx_validate_symm_contact.site_symmetry_1 
_pdbx_validate_symm_contact.auth_atom_id_2 
_pdbx_validate_symm_contact.auth_asym_id_2 
_pdbx_validate_symm_contact.auth_comp_id_2 
_pdbx_validate_symm_contact.auth_seq_id_2 
_pdbx_validate_symm_contact.PDB_ins_code_2 
_pdbx_validate_symm_contact.label_alt_id_2 
_pdbx_validate_symm_contact.site_symmetry_2 
_pdbx_validate_symm_contact.dist 
1 1 O A HOH 383 ? ? 1_555 O A HOH 383 ? ? 10_665 1.15 
2 1 O A 28W 201 ? ? 1_555 O A 28W 201 ? ? 10_665 1.97 
# 
loop_
_pdbx_validate_torsion.id 
_pdbx_validate_torsion.PDB_model_num 
_pdbx_validate_torsion.auth_comp_id 
_pdbx_validate_torsion.auth_asym_id 
_pdbx_validate_torsion.auth_seq_id 
_pdbx_validate_torsion.PDB_ins_code 
_pdbx_validate_torsion.label_alt_id 
_pdbx_validate_torsion.phi 
_pdbx_validate_torsion.psi 
1 1 GLN A 72 ? ? -59.61  -8.10 
2 1 CYS A 77 ? ? -141.06 10.98 
# 
loop_
_pdbx_validate_chiral.id 
_pdbx_validate_chiral.PDB_model_num 
_pdbx_validate_chiral.auth_atom_id 
_pdbx_validate_chiral.label_alt_id 
_pdbx_validate_chiral.auth_asym_id 
_pdbx_validate_chiral.auth_comp_id 
_pdbx_validate_chiral.auth_seq_id 
_pdbx_validate_chiral.PDB_ins_code 
_pdbx_validate_chiral.details 
_pdbx_validate_chiral.omega 
1 1 CBI ? A 28W 201 ? PLANAR       . 
2 1 CBI ? A 28W 202 ? 'WRONG HAND' . 
# 
_pdbx_struct_special_symmetry.id              1 
_pdbx_struct_special_symmetry.PDB_model_num   1 
_pdbx_struct_special_symmetry.auth_asym_id    A 
_pdbx_struct_special_symmetry.auth_comp_id    28W 
_pdbx_struct_special_symmetry.auth_seq_id     201 
_pdbx_struct_special_symmetry.PDB_ins_code    ? 
_pdbx_struct_special_symmetry.label_asym_id   B 
_pdbx_struct_special_symmetry.label_comp_id   28W 
_pdbx_struct_special_symmetry.label_seq_id    . 
# 
loop_
_chem_comp_atom.comp_id 
_chem_comp_atom.atom_id 
_chem_comp_atom.type_symbol 
_chem_comp_atom.pdbx_aromatic_flag 
_chem_comp_atom.pdbx_stereo_config 
_chem_comp_atom.pdbx_ordinal 
28W CAL  C  Y N 1   
28W CAJ  C  Y N 2   
28W CAI  C  Y N 3   
28W CAK  C  Y N 4   
28W CAM  C  Y N 5   
28W CBB  C  Y N 6   
28W CAQ  C  N N 7   
28W NAU  N  N N 8   
28W CAZ  C  N N 9   
28W OAE  O  N N 10  
28W CBI  C  N R 11  
28W N    N  N N 12  
28W CA   C  N S 13  
28W CB   C  N N 14  
28W CG   C  N N 15  
28W CD2  C  N N 16  
28W CD1  C  N N 17  
28W C    C  N N 18  
28W O    O  N N 19  
28W NAT  N  N N 20  
28W OAG  O  N N 21  
28W CBD  C  Y N 22  
28W CBF  C  Y N 23  
28W CAO  C  Y N 24  
28W CAN  C  Y N 25  
28W CBA  C  Y N 26  
28W CLH  CL N N 27  
28W CAP  C  Y N 28  
28W CBE  C  Y N 29  
28W NAW  N  Y N 30  
28W CBC  C  Y N 31  
28W CAX  C  N N 32  
28W OAC  O  N N 33  
28W NAS  N  N N 34  
28W OAF  O  N N 35  
28W H1   H  N N 36  
28W H2   H  N N 37  
28W H3   H  N N 38  
28W H4   H  N N 39  
28W H5   H  N N 40  
28W H6   H  N N 41  
28W H7   H  N N 42  
28W H8   H  N N 43  
28W H9   H  N N 44  
28W H10  H  N N 45  
28W H12  H  N N 46  
28W H13  H  N N 47  
28W H14  H  N N 48  
28W H15  H  N N 49  
28W H16  H  N N 50  
28W H17  H  N N 51  
28W H18  H  N N 52  
28W H19  H  N N 53  
28W H20  H  N N 54  
28W H21  H  N N 55  
28W H22  H  N N 56  
28W H23  H  N N 57  
28W H24  H  N N 58  
28W H25  H  N N 59  
28W H26  H  N N 60  
28W H27  H  N N 61  
28W H28  H  N N 62  
28W H29  H  N N 63  
ALA N    N  N N 64  
ALA CA   C  N S 65  
ALA C    C  N N 66  
ALA O    O  N N 67  
ALA CB   C  N N 68  
ALA OXT  O  N N 69  
ALA H    H  N N 70  
ALA H2   H  N N 71  
ALA HA   H  N N 72  
ALA HB1  H  N N 73  
ALA HB2  H  N N 74  
ALA HB3  H  N N 75  
ALA HXT  H  N N 76  
ARG N    N  N N 77  
ARG CA   C  N S 78  
ARG C    C  N N 79  
ARG O    O  N N 80  
ARG CB   C  N N 81  
ARG CG   C  N N 82  
ARG CD   C  N N 83  
ARG NE   N  N N 84  
ARG CZ   C  N N 85  
ARG NH1  N  N N 86  
ARG NH2  N  N N 87  
ARG OXT  O  N N 88  
ARG H    H  N N 89  
ARG H2   H  N N 90  
ARG HA   H  N N 91  
ARG HB2  H  N N 92  
ARG HB3  H  N N 93  
ARG HG2  H  N N 94  
ARG HG3  H  N N 95  
ARG HD2  H  N N 96  
ARG HD3  H  N N 97  
ARG HE   H  N N 98  
ARG HH11 H  N N 99  
ARG HH12 H  N N 100 
ARG HH21 H  N N 101 
ARG HH22 H  N N 102 
ARG HXT  H  N N 103 
ASN N    N  N N 104 
ASN CA   C  N S 105 
ASN C    C  N N 106 
ASN O    O  N N 107 
ASN CB   C  N N 108 
ASN CG   C  N N 109 
ASN OD1  O  N N 110 
ASN ND2  N  N N 111 
ASN OXT  O  N N 112 
ASN H    H  N N 113 
ASN H2   H  N N 114 
ASN HA   H  N N 115 
ASN HB2  H  N N 116 
ASN HB3  H  N N 117 
ASN HD21 H  N N 118 
ASN HD22 H  N N 119 
ASN HXT  H  N N 120 
ASP N    N  N N 121 
ASP CA   C  N S 122 
ASP C    C  N N 123 
ASP O    O  N N 124 
ASP CB   C  N N 125 
ASP CG   C  N N 126 
ASP OD1  O  N N 127 
ASP OD2  O  N N 128 
ASP OXT  O  N N 129 
ASP H    H  N N 130 
ASP H2   H  N N 131 
ASP HA   H  N N 132 
ASP HB2  H  N N 133 
ASP HB3  H  N N 134 
ASP HD2  H  N N 135 
ASP HXT  H  N N 136 
CYS N    N  N N 137 
CYS CA   C  N R 138 
CYS C    C  N N 139 
CYS O    O  N N 140 
CYS CB   C  N N 141 
CYS SG   S  N N 142 
CYS OXT  O  N N 143 
CYS H    H  N N 144 
CYS H2   H  N N 145 
CYS HA   H  N N 146 
CYS HB2  H  N N 147 
CYS HB3  H  N N 148 
CYS HG   H  N N 149 
CYS HXT  H  N N 150 
GLN N    N  N N 151 
GLN CA   C  N S 152 
GLN C    C  N N 153 
GLN O    O  N N 154 
GLN CB   C  N N 155 
GLN CG   C  N N 156 
GLN CD   C  N N 157 
GLN OE1  O  N N 158 
GLN NE2  N  N N 159 
GLN OXT  O  N N 160 
GLN H    H  N N 161 
GLN H2   H  N N 162 
GLN HA   H  N N 163 
GLN HB2  H  N N 164 
GLN HB3  H  N N 165 
GLN HG2  H  N N 166 
GLN HG3  H  N N 167 
GLN HE21 H  N N 168 
GLN HE22 H  N N 169 
GLN HXT  H  N N 170 
GLU N    N  N N 171 
GLU CA   C  N S 172 
GLU C    C  N N 173 
GLU O    O  N N 174 
GLU CB   C  N N 175 
GLU CG   C  N N 176 
GLU CD   C  N N 177 
GLU OE1  O  N N 178 
GLU OE2  O  N N 179 
GLU OXT  O  N N 180 
GLU H    H  N N 181 
GLU H2   H  N N 182 
GLU HA   H  N N 183 
GLU HB2  H  N N 184 
GLU HB3  H  N N 185 
GLU HG2  H  N N 186 
GLU HG3  H  N N 187 
GLU HE2  H  N N 188 
GLU HXT  H  N N 189 
GLY N    N  N N 190 
GLY CA   C  N N 191 
GLY C    C  N N 192 
GLY O    O  N N 193 
GLY OXT  O  N N 194 
GLY H    H  N N 195 
GLY H2   H  N N 196 
GLY HA2  H  N N 197 
GLY HA3  H  N N 198 
GLY HXT  H  N N 199 
HIS N    N  N N 200 
HIS CA   C  N S 201 
HIS C    C  N N 202 
HIS O    O  N N 203 
HIS CB   C  N N 204 
HIS CG   C  Y N 205 
HIS ND1  N  Y N 206 
HIS CD2  C  Y N 207 
HIS CE1  C  Y N 208 
HIS NE2  N  Y N 209 
HIS OXT  O  N N 210 
HIS H    H  N N 211 
HIS H2   H  N N 212 
HIS HA   H  N N 213 
HIS HB2  H  N N 214 
HIS HB3  H  N N 215 
HIS HD1  H  N N 216 
HIS HD2  H  N N 217 
HIS HE1  H  N N 218 
HIS HE2  H  N N 219 
HIS HXT  H  N N 220 
HOH O    O  N N 221 
HOH H1   H  N N 222 
HOH H2   H  N N 223 
ILE N    N  N N 224 
ILE CA   C  N S 225 
ILE C    C  N N 226 
ILE O    O  N N 227 
ILE CB   C  N S 228 
ILE CG1  C  N N 229 
ILE CG2  C  N N 230 
ILE CD1  C  N N 231 
ILE OXT  O  N N 232 
ILE H    H  N N 233 
ILE H2   H  N N 234 
ILE HA   H  N N 235 
ILE HB   H  N N 236 
ILE HG12 H  N N 237 
ILE HG13 H  N N 238 
ILE HG21 H  N N 239 
ILE HG22 H  N N 240 
ILE HG23 H  N N 241 
ILE HD11 H  N N 242 
ILE HD12 H  N N 243 
ILE HD13 H  N N 244 
ILE HXT  H  N N 245 
LEU N    N  N N 246 
LEU CA   C  N S 247 
LEU C    C  N N 248 
LEU O    O  N N 249 
LEU CB   C  N N 250 
LEU CG   C  N N 251 
LEU CD1  C  N N 252 
LEU CD2  C  N N 253 
LEU OXT  O  N N 254 
LEU H    H  N N 255 
LEU H2   H  N N 256 
LEU HA   H  N N 257 
LEU HB2  H  N N 258 
LEU HB3  H  N N 259 
LEU HG   H  N N 260 
LEU HD11 H  N N 261 
LEU HD12 H  N N 262 
LEU HD13 H  N N 263 
LEU HD21 H  N N 264 
LEU HD22 H  N N 265 
LEU HD23 H  N N 266 
LEU HXT  H  N N 267 
LYS N    N  N N 268 
LYS CA   C  N S 269 
LYS C    C  N N 270 
LYS O    O  N N 271 
LYS CB   C  N N 272 
LYS CG   C  N N 273 
LYS CD   C  N N 274 
LYS CE   C  N N 275 
LYS NZ   N  N N 276 
LYS OXT  O  N N 277 
LYS H    H  N N 278 
LYS H2   H  N N 279 
LYS HA   H  N N 280 
LYS HB2  H  N N 281 
LYS HB3  H  N N 282 
LYS HG2  H  N N 283 
LYS HG3  H  N N 284 
LYS HD2  H  N N 285 
LYS HD3  H  N N 286 
LYS HE2  H  N N 287 
LYS HE3  H  N N 288 
LYS HZ1  H  N N 289 
LYS HZ2  H  N N 290 
LYS HZ3  H  N N 291 
LYS HXT  H  N N 292 
MET N    N  N N 293 
MET CA   C  N S 294 
MET C    C  N N 295 
MET O    O  N N 296 
MET CB   C  N N 297 
MET CG   C  N N 298 
MET SD   S  N N 299 
MET CE   C  N N 300 
MET OXT  O  N N 301 
MET H    H  N N 302 
MET H2   H  N N 303 
MET HA   H  N N 304 
MET HB2  H  N N 305 
MET HB3  H  N N 306 
MET HG2  H  N N 307 
MET HG3  H  N N 308 
MET HE1  H  N N 309 
MET HE2  H  N N 310 
MET HE3  H  N N 311 
MET HXT  H  N N 312 
PHE N    N  N N 313 
PHE CA   C  N S 314 
PHE C    C  N N 315 
PHE O    O  N N 316 
PHE CB   C  N N 317 
PHE CG   C  Y N 318 
PHE CD1  C  Y N 319 
PHE CD2  C  Y N 320 
PHE CE1  C  Y N 321 
PHE CE2  C  Y N 322 
PHE CZ   C  Y N 323 
PHE OXT  O  N N 324 
PHE H    H  N N 325 
PHE H2   H  N N 326 
PHE HA   H  N N 327 
PHE HB2  H  N N 328 
PHE HB3  H  N N 329 
PHE HD1  H  N N 330 
PHE HD2  H  N N 331 
PHE HE1  H  N N 332 
PHE HE2  H  N N 333 
PHE HZ   H  N N 334 
PHE HXT  H  N N 335 
PRO N    N  N N 336 
PRO CA   C  N S 337 
PRO C    C  N N 338 
PRO O    O  N N 339 
PRO CB   C  N N 340 
PRO CG   C  N N 341 
PRO CD   C  N N 342 
PRO OXT  O  N N 343 
PRO H    H  N N 344 
PRO HA   H  N N 345 
PRO HB2  H  N N 346 
PRO HB3  H  N N 347 
PRO HG2  H  N N 348 
PRO HG3  H  N N 349 
PRO HD2  H  N N 350 
PRO HD3  H  N N 351 
PRO HXT  H  N N 352 
SER N    N  N N 353 
SER CA   C  N S 354 
SER C    C  N N 355 
SER O    O  N N 356 
SER CB   C  N N 357 
SER OG   O  N N 358 
SER OXT  O  N N 359 
SER H    H  N N 360 
SER H2   H  N N 361 
SER HA   H  N N 362 
SER HB2  H  N N 363 
SER HB3  H  N N 364 
SER HG   H  N N 365 
SER HXT  H  N N 366 
THR N    N  N N 367 
THR CA   C  N S 368 
THR C    C  N N 369 
THR O    O  N N 370 
THR CB   C  N R 371 
THR OG1  O  N N 372 
THR CG2  C  N N 373 
THR OXT  O  N N 374 
THR H    H  N N 375 
THR H2   H  N N 376 
THR HA   H  N N 377 
THR HB   H  N N 378 
THR HG1  H  N N 379 
THR HG21 H  N N 380 
THR HG22 H  N N 381 
THR HG23 H  N N 382 
THR HXT  H  N N 383 
TYR N    N  N N 384 
TYR CA   C  N S 385 
TYR C    C  N N 386 
TYR O    O  N N 387 
TYR CB   C  N N 388 
TYR CG   C  Y N 389 
TYR CD1  C  Y N 390 
TYR CD2  C  Y N 391 
TYR CE1  C  Y N 392 
TYR CE2  C  Y N 393 
TYR CZ   C  Y N 394 
TYR OH   O  N N 395 
TYR OXT  O  N N 396 
TYR H    H  N N 397 
TYR H2   H  N N 398 
TYR HA   H  N N 399 
TYR HB2  H  N N 400 
TYR HB3  H  N N 401 
TYR HD1  H  N N 402 
TYR HD2  H  N N 403 
TYR HE1  H  N N 404 
TYR HE2  H  N N 405 
TYR HH   H  N N 406 
TYR HXT  H  N N 407 
VAL N    N  N N 408 
VAL CA   C  N S 409 
VAL C    C  N N 410 
VAL O    O  N N 411 
VAL CB   C  N N 412 
VAL CG1  C  N N 413 
VAL CG2  C  N N 414 
VAL OXT  O  N N 415 
VAL H    H  N N 416 
VAL H2   H  N N 417 
VAL HA   H  N N 418 
VAL HB   H  N N 419 
VAL HG11 H  N N 420 
VAL HG12 H  N N 421 
VAL HG13 H  N N 422 
VAL HG21 H  N N 423 
VAL HG22 H  N N 424 
VAL HG23 H  N N 425 
VAL HXT  H  N N 426 
# 
loop_
_chem_comp_bond.comp_id 
_chem_comp_bond.atom_id_1 
_chem_comp_bond.atom_id_2 
_chem_comp_bond.value_order 
_chem_comp_bond.pdbx_aromatic_flag 
_chem_comp_bond.pdbx_stereo_config 
_chem_comp_bond.pdbx_ordinal 
28W CLH CBA  sing N N 1   
28W CAP CBA  doub Y N 2   
28W CAP CBE  sing Y N 3   
28W OAC CAX  doub N N 4   
28W NAW CBE  sing Y N 5   
28W NAW CBC  sing Y N 6   
28W CBA CAN  sing Y N 7   
28W CBE CBF  doub Y N 8   
28W CD1 CG   sing N N 9   
28W CAX CBC  sing N N 10  
28W CAX NAS  sing N N 11  
28W CBC CBD  doub Y N 12  
28W CAN CAO  doub Y N 13  
28W CBF CBD  sing Y N 14  
28W CBF CAO  sing Y N 15  
28W OAF NAS  sing N N 16  
28W CBD CBI  sing N N 17  
28W CD2 CG   sing N N 18  
28W CG  CB   sing N N 19  
28W O   C    doub N N 20  
28W CB  CA   sing N N 21  
28W CA  C    sing N N 22  
28W CA  N    sing N N 23  
28W CBI N    sing N N 24  
28W CBI CAZ  sing N N 25  
28W C   NAT  sing N N 26  
28W CAJ CAI  doub Y N 27  
28W CAJ CAL  sing Y N 28  
28W CAI CAK  sing Y N 29  
28W CAL CBB  doub Y N 30  
28W NAU CAZ  sing N N 31  
28W NAU CAQ  sing N N 32  
28W CAZ OAE  doub N N 33  
28W NAT OAG  sing N N 34  
28W CAK CAM  doub Y N 35  
28W CBB CAM  sing Y N 36  
28W CBB CAQ  sing N N 37  
28W CAL H1   sing N N 38  
28W CAJ H2   sing N N 39  
28W CAI H3   sing N N 40  
28W CAK H4   sing N N 41  
28W CAM H5   sing N N 42  
28W CAQ H6   sing N N 43  
28W CAQ H7   sing N N 44  
28W NAU H8   sing N N 45  
28W CBI H9   sing N N 46  
28W N   H10  sing N N 47  
28W CA  H12  sing N N 48  
28W CB  H13  sing N N 49  
28W CB  H14  sing N N 50  
28W CG  H15  sing N N 51  
28W CD2 H16  sing N N 52  
28W CD2 H17  sing N N 53  
28W CD2 H18  sing N N 54  
28W CD1 H19  sing N N 55  
28W CD1 H20  sing N N 56  
28W CD1 H21  sing N N 57  
28W NAT H22  sing N N 58  
28W OAG H23  sing N N 59  
28W CAO H24  sing N N 60  
28W CAN H25  sing N N 61  
28W CAP H26  sing N N 62  
28W NAW H27  sing N N 63  
28W NAS H28  sing N N 64  
28W OAF H29  sing N N 65  
ALA N   CA   sing N N 66  
ALA N   H    sing N N 67  
ALA N   H2   sing N N 68  
ALA CA  C    sing N N 69  
ALA CA  CB   sing N N 70  
ALA CA  HA   sing N N 71  
ALA C   O    doub N N 72  
ALA C   OXT  sing N N 73  
ALA CB  HB1  sing N N 74  
ALA CB  HB2  sing N N 75  
ALA CB  HB3  sing N N 76  
ALA OXT HXT  sing N N 77  
ARG N   CA   sing N N 78  
ARG N   H    sing N N 79  
ARG N   H2   sing N N 80  
ARG CA  C    sing N N 81  
ARG CA  CB   sing N N 82  
ARG CA  HA   sing N N 83  
ARG C   O    doub N N 84  
ARG C   OXT  sing N N 85  
ARG CB  CG   sing N N 86  
ARG CB  HB2  sing N N 87  
ARG CB  HB3  sing N N 88  
ARG CG  CD   sing N N 89  
ARG CG  HG2  sing N N 90  
ARG CG  HG3  sing N N 91  
ARG CD  NE   sing N N 92  
ARG CD  HD2  sing N N 93  
ARG CD  HD3  sing N N 94  
ARG NE  CZ   sing N N 95  
ARG NE  HE   sing N N 96  
ARG CZ  NH1  sing N N 97  
ARG CZ  NH2  doub N N 98  
ARG NH1 HH11 sing N N 99  
ARG NH1 HH12 sing N N 100 
ARG NH2 HH21 sing N N 101 
ARG NH2 HH22 sing N N 102 
ARG OXT HXT  sing N N 103 
ASN N   CA   sing N N 104 
ASN N   H    sing N N 105 
ASN N   H2   sing N N 106 
ASN CA  C    sing N N 107 
ASN CA  CB   sing N N 108 
ASN CA  HA   sing N N 109 
ASN C   O    doub N N 110 
ASN C   OXT  sing N N 111 
ASN CB  CG   sing N N 112 
ASN CB  HB2  sing N N 113 
ASN CB  HB3  sing N N 114 
ASN CG  OD1  doub N N 115 
ASN CG  ND2  sing N N 116 
ASN ND2 HD21 sing N N 117 
ASN ND2 HD22 sing N N 118 
ASN OXT HXT  sing N N 119 
ASP N   CA   sing N N 120 
ASP N   H    sing N N 121 
ASP N   H2   sing N N 122 
ASP CA  C    sing N N 123 
ASP CA  CB   sing N N 124 
ASP CA  HA   sing N N 125 
ASP C   O    doub N N 126 
ASP C   OXT  sing N N 127 
ASP CB  CG   sing N N 128 
ASP CB  HB2  sing N N 129 
ASP CB  HB3  sing N N 130 
ASP CG  OD1  doub N N 131 
ASP CG  OD2  sing N N 132 
ASP OD2 HD2  sing N N 133 
ASP OXT HXT  sing N N 134 
CYS N   CA   sing N N 135 
CYS N   H    sing N N 136 
CYS N   H2   sing N N 137 
CYS CA  C    sing N N 138 
CYS CA  CB   sing N N 139 
CYS CA  HA   sing N N 140 
CYS C   O    doub N N 141 
CYS C   OXT  sing N N 142 
CYS CB  SG   sing N N 143 
CYS CB  HB2  sing N N 144 
CYS CB  HB3  sing N N 145 
CYS SG  HG   sing N N 146 
CYS OXT HXT  sing N N 147 
GLN N   CA   sing N N 148 
GLN N   H    sing N N 149 
GLN N   H2   sing N N 150 
GLN CA  C    sing N N 151 
GLN CA  CB   sing N N 152 
GLN CA  HA   sing N N 153 
GLN C   O    doub N N 154 
GLN C   OXT  sing N N 155 
GLN CB  CG   sing N N 156 
GLN CB  HB2  sing N N 157 
GLN CB  HB3  sing N N 158 
GLN CG  CD   sing N N 159 
GLN CG  HG2  sing N N 160 
GLN CG  HG3  sing N N 161 
GLN CD  OE1  doub N N 162 
GLN CD  NE2  sing N N 163 
GLN NE2 HE21 sing N N 164 
GLN NE2 HE22 sing N N 165 
GLN OXT HXT  sing N N 166 
GLU N   CA   sing N N 167 
GLU N   H    sing N N 168 
GLU N   H2   sing N N 169 
GLU CA  C    sing N N 170 
GLU CA  CB   sing N N 171 
GLU CA  HA   sing N N 172 
GLU C   O    doub N N 173 
GLU C   OXT  sing N N 174 
GLU CB  CG   sing N N 175 
GLU CB  HB2  sing N N 176 
GLU CB  HB3  sing N N 177 
GLU CG  CD   sing N N 178 
GLU CG  HG2  sing N N 179 
GLU CG  HG3  sing N N 180 
GLU CD  OE1  doub N N 181 
GLU CD  OE2  sing N N 182 
GLU OE2 HE2  sing N N 183 
GLU OXT HXT  sing N N 184 
GLY N   CA   sing N N 185 
GLY N   H    sing N N 186 
GLY N   H2   sing N N 187 
GLY CA  C    sing N N 188 
GLY CA  HA2  sing N N 189 
GLY CA  HA3  sing N N 190 
GLY C   O    doub N N 191 
GLY C   OXT  sing N N 192 
GLY OXT HXT  sing N N 193 
HIS N   CA   sing N N 194 
HIS N   H    sing N N 195 
HIS N   H2   sing N N 196 
HIS CA  C    sing N N 197 
HIS CA  CB   sing N N 198 
HIS CA  HA   sing N N 199 
HIS C   O    doub N N 200 
HIS C   OXT  sing N N 201 
HIS CB  CG   sing N N 202 
HIS CB  HB2  sing N N 203 
HIS CB  HB3  sing N N 204 
HIS CG  ND1  sing Y N 205 
HIS CG  CD2  doub Y N 206 
HIS ND1 CE1  doub Y N 207 
HIS ND1 HD1  sing N N 208 
HIS CD2 NE2  sing Y N 209 
HIS CD2 HD2  sing N N 210 
HIS CE1 NE2  sing Y N 211 
HIS CE1 HE1  sing N N 212 
HIS NE2 HE2  sing N N 213 
HIS OXT HXT  sing N N 214 
HOH O   H1   sing N N 215 
HOH O   H2   sing N N 216 
ILE N   CA   sing N N 217 
ILE N   H    sing N N 218 
ILE N   H2   sing N N 219 
ILE CA  C    sing N N 220 
ILE CA  CB   sing N N 221 
ILE CA  HA   sing N N 222 
ILE C   O    doub N N 223 
ILE C   OXT  sing N N 224 
ILE CB  CG1  sing N N 225 
ILE CB  CG2  sing N N 226 
ILE CB  HB   sing N N 227 
ILE CG1 CD1  sing N N 228 
ILE CG1 HG12 sing N N 229 
ILE CG1 HG13 sing N N 230 
ILE CG2 HG21 sing N N 231 
ILE CG2 HG22 sing N N 232 
ILE CG2 HG23 sing N N 233 
ILE CD1 HD11 sing N N 234 
ILE CD1 HD12 sing N N 235 
ILE CD1 HD13 sing N N 236 
ILE OXT HXT  sing N N 237 
LEU N   CA   sing N N 238 
LEU N   H    sing N N 239 
LEU N   H2   sing N N 240 
LEU CA  C    sing N N 241 
LEU CA  CB   sing N N 242 
LEU CA  HA   sing N N 243 
LEU C   O    doub N N 244 
LEU C   OXT  sing N N 245 
LEU CB  CG   sing N N 246 
LEU CB  HB2  sing N N 247 
LEU CB  HB3  sing N N 248 
LEU CG  CD1  sing N N 249 
LEU CG  CD2  sing N N 250 
LEU CG  HG   sing N N 251 
LEU CD1 HD11 sing N N 252 
LEU CD1 HD12 sing N N 253 
LEU CD1 HD13 sing N N 254 
LEU CD2 HD21 sing N N 255 
LEU CD2 HD22 sing N N 256 
LEU CD2 HD23 sing N N 257 
LEU OXT HXT  sing N N 258 
LYS N   CA   sing N N 259 
LYS N   H    sing N N 260 
LYS N   H2   sing N N 261 
LYS CA  C    sing N N 262 
LYS CA  CB   sing N N 263 
LYS CA  HA   sing N N 264 
LYS C   O    doub N N 265 
LYS C   OXT  sing N N 266 
LYS CB  CG   sing N N 267 
LYS CB  HB2  sing N N 268 
LYS CB  HB3  sing N N 269 
LYS CG  CD   sing N N 270 
LYS CG  HG2  sing N N 271 
LYS CG  HG3  sing N N 272 
LYS CD  CE   sing N N 273 
LYS CD  HD2  sing N N 274 
LYS CD  HD3  sing N N 275 
LYS CE  NZ   sing N N 276 
LYS CE  HE2  sing N N 277 
LYS CE  HE3  sing N N 278 
LYS NZ  HZ1  sing N N 279 
LYS NZ  HZ2  sing N N 280 
LYS NZ  HZ3  sing N N 281 
LYS OXT HXT  sing N N 282 
MET N   CA   sing N N 283 
MET N   H    sing N N 284 
MET N   H2   sing N N 285 
MET CA  C    sing N N 286 
MET CA  CB   sing N N 287 
MET CA  HA   sing N N 288 
MET C   O    doub N N 289 
MET C   OXT  sing N N 290 
MET CB  CG   sing N N 291 
MET CB  HB2  sing N N 292 
MET CB  HB3  sing N N 293 
MET CG  SD   sing N N 294 
MET CG  HG2  sing N N 295 
MET CG  HG3  sing N N 296 
MET SD  CE   sing N N 297 
MET CE  HE1  sing N N 298 
MET CE  HE2  sing N N 299 
MET CE  HE3  sing N N 300 
MET OXT HXT  sing N N 301 
PHE N   CA   sing N N 302 
PHE N   H    sing N N 303 
PHE N   H2   sing N N 304 
PHE CA  C    sing N N 305 
PHE CA  CB   sing N N 306 
PHE CA  HA   sing N N 307 
PHE C   O    doub N N 308 
PHE C   OXT  sing N N 309 
PHE CB  CG   sing N N 310 
PHE CB  HB2  sing N N 311 
PHE CB  HB3  sing N N 312 
PHE CG  CD1  doub Y N 313 
PHE CG  CD2  sing Y N 314 
PHE CD1 CE1  sing Y N 315 
PHE CD1 HD1  sing N N 316 
PHE CD2 CE2  doub Y N 317 
PHE CD2 HD2  sing N N 318 
PHE CE1 CZ   doub Y N 319 
PHE CE1 HE1  sing N N 320 
PHE CE2 CZ   sing Y N 321 
PHE CE2 HE2  sing N N 322 
PHE CZ  HZ   sing N N 323 
PHE OXT HXT  sing N N 324 
PRO N   CA   sing N N 325 
PRO N   CD   sing N N 326 
PRO N   H    sing N N 327 
PRO CA  C    sing N N 328 
PRO CA  CB   sing N N 329 
PRO CA  HA   sing N N 330 
PRO C   O    doub N N 331 
PRO C   OXT  sing N N 332 
PRO CB  CG   sing N N 333 
PRO CB  HB2  sing N N 334 
PRO CB  HB3  sing N N 335 
PRO CG  CD   sing N N 336 
PRO CG  HG2  sing N N 337 
PRO CG  HG3  sing N N 338 
PRO CD  HD2  sing N N 339 
PRO CD  HD3  sing N N 340 
PRO OXT HXT  sing N N 341 
SER N   CA   sing N N 342 
SER N   H    sing N N 343 
SER N   H2   sing N N 344 
SER CA  C    sing N N 345 
SER CA  CB   sing N N 346 
SER CA  HA   sing N N 347 
SER C   O    doub N N 348 
SER C   OXT  sing N N 349 
SER CB  OG   sing N N 350 
SER CB  HB2  sing N N 351 
SER CB  HB3  sing N N 352 
SER OG  HG   sing N N 353 
SER OXT HXT  sing N N 354 
THR N   CA   sing N N 355 
THR N   H    sing N N 356 
THR N   H2   sing N N 357 
THR CA  C    sing N N 358 
THR CA  CB   sing N N 359 
THR CA  HA   sing N N 360 
THR C   O    doub N N 361 
THR C   OXT  sing N N 362 
THR CB  OG1  sing N N 363 
THR CB  CG2  sing N N 364 
THR CB  HB   sing N N 365 
THR OG1 HG1  sing N N 366 
THR CG2 HG21 sing N N 367 
THR CG2 HG22 sing N N 368 
THR CG2 HG23 sing N N 369 
THR OXT HXT  sing N N 370 
TYR N   CA   sing N N 371 
TYR N   H    sing N N 372 
TYR N   H2   sing N N 373 
TYR CA  C    sing N N 374 
TYR CA  CB   sing N N 375 
TYR CA  HA   sing N N 376 
TYR C   O    doub N N 377 
TYR C   OXT  sing N N 378 
TYR CB  CG   sing N N 379 
TYR CB  HB2  sing N N 380 
TYR CB  HB3  sing N N 381 
TYR CG  CD1  doub Y N 382 
TYR CG  CD2  sing Y N 383 
TYR CD1 CE1  sing Y N 384 
TYR CD1 HD1  sing N N 385 
TYR CD2 CE2  doub Y N 386 
TYR CD2 HD2  sing N N 387 
TYR CE1 CZ   doub Y N 388 
TYR CE1 HE1  sing N N 389 
TYR CE2 CZ   sing Y N 390 
TYR CE2 HE2  sing N N 391 
TYR CZ  OH   sing N N 392 
TYR OH  HH   sing N N 393 
TYR OXT HXT  sing N N 394 
VAL N   CA   sing N N 395 
VAL N   H    sing N N 396 
VAL N   H2   sing N N 397 
VAL CA  C    sing N N 398 
VAL CA  CB   sing N N 399 
VAL CA  HA   sing N N 400 
VAL C   O    doub N N 401 
VAL C   OXT  sing N N 402 
VAL CB  CG1  sing N N 403 
VAL CB  CG2  sing N N 404 
VAL CB  HB   sing N N 405 
VAL CG1 HG11 sing N N 406 
VAL CG1 HG12 sing N N 407 
VAL CG1 HG13 sing N N 408 
VAL CG2 HG21 sing N N 409 
VAL CG2 HG22 sing N N 410 
VAL CG2 HG23 sing N N 411 
VAL OXT HXT  sing N N 412 
# 
_atom_sites.entry_id                    4MDQ 
_atom_sites.fract_transf_matrix[1][1]   -0.00600686 
_atom_sites.fract_transf_matrix[1][2]   -0.01330682 
_atom_sites.fract_transf_matrix[1][3]   0.01588572 
_atom_sites.fract_transf_matrix[2][1]   0.00905951 
_atom_sites.fract_transf_matrix[2][2]   -0.01950327 
_atom_sites.fract_transf_matrix[2][3]   0.00174016 
_atom_sites.fract_transf_matrix[3][1]   0.00581614 
_atom_sites.fract_transf_matrix[3][2]   0.00313198 
_atom_sites.fract_transf_matrix[3][3]   0.00482279 
_atom_sites.fract_transf_vector[1]      0.236749 
_atom_sites.fract_transf_vector[2]      0.392363 
_atom_sites.fract_transf_vector[3]      0.031165 
# 
loop_
_atom_type.symbol 
C  
CL 
N  
O  
S  
# 
loop_
_atom_site.group_PDB 
_atom_site.id 
_atom_site.type_symbol 
_atom_site.label_atom_id 
_atom_site.label_alt_id 
_atom_site.label_comp_id 
_atom_site.label_asym_id 
_atom_site.label_entity_id 
_atom_site.label_seq_id 
_atom_site.pdbx_PDB_ins_code 
_atom_site.Cartn_x 
_atom_site.Cartn_y 
_atom_site.Cartn_z 
_atom_site.occupancy 
_atom_site.B_iso_or_equiv 
_atom_site.pdbx_formal_charge 
_atom_site.auth_seq_id 
_atom_site.auth_comp_id 
_atom_site.auth_asym_id 
_atom_site.auth_atom_id 
_atom_site.pdbx_PDB_model_num 
ATOM   1   N  N   . GLU A 1 1  ? -10.603 0.565   16.366  1.00 50.94 ? 25  GLU A N   1 
ATOM   2   C  CA  . GLU A 1 1  ? -9.763  1.157   15.279  1.00 50.10 ? 25  GLU A CA  1 
ATOM   3   C  C   . GLU A 1 1  ? -10.650 1.665   14.155  1.00 48.56 ? 25  GLU A C   1 
ATOM   4   O  O   . GLU A 1 1  ? -11.750 1.148   13.946  1.00 50.17 ? 25  GLU A O   1 
ATOM   5   C  CB  . GLU A 1 1  ? -8.765  0.127   14.737  1.00 49.71 ? 25  GLU A CB  1 
ATOM   6   N  N   . THR A 1 2  ? -10.176 2.688   13.452  1.00 48.78 ? 26  THR A N   1 
ATOM   7   C  CA  . THR A 1 2  ? -10.900 3.258   12.315  1.00 49.70 ? 26  THR A CA  1 
ATOM   8   C  C   . THR A 1 2  ? -10.979 2.251   11.160  1.00 46.46 ? 26  THR A C   1 
ATOM   9   O  O   . THR A 1 2  ? -9.985  1.613   10.808  1.00 44.25 ? 26  THR A O   1 
ATOM   10  C  CB  . THR A 1 2  ? -10.223 4.552   11.822  1.00 52.64 ? 26  THR A CB  1 
ATOM   11  O  OG1 . THR A 1 2  ? -10.145 5.498   12.900  1.00 55.17 ? 26  THR A OG1 1 
ATOM   12  C  CG2 . THR A 1 2  ? -10.999 5.159   10.662  1.00 54.52 ? 26  THR A CG2 1 
ATOM   13  N  N   . LEU A 1 3  ? -12.173 2.094   10.595  1.00 43.62 ? 27  LEU A N   1 
ATOM   14  C  CA  . LEU A 1 3  ? -12.375 1.175   9.470   1.00 42.90 ? 27  LEU A CA  1 
ATOM   15  C  C   . LEU A 1 3  ? -12.427 1.997   8.201   1.00 39.11 ? 27  LEU A C   1 
ATOM   16  O  O   . LEU A 1 3  ? -13.121 3.013   8.142   1.00 38.94 ? 27  LEU A O   1 
ATOM   17  C  CB  . LEU A 1 3  ? -13.665 0.363   9.629   1.00 42.37 ? 27  LEU A CB  1 
ATOM   18  C  CG  . LEU A 1 3  ? -13.706 -0.568  10.841  1.00 43.57 ? 27  LEU A CG  1 
ATOM   19  C  CD1 . LEU A 1 3  ? -15.085 -1.197  10.991  1.00 45.30 ? 27  LEU A CD1 1 
ATOM   20  C  CD2 . LEU A 1 3  ? -12.634 -1.640  10.746  1.00 43.23 ? 27  LEU A CD2 1 
ATOM   21  N  N   . VAL A 1 4  ? -11.684 1.560   7.193   1.00 37.24 ? 28  VAL A N   1 
ATOM   22  C  CA  . VAL A 1 4  ? -11.609 2.286   5.935   1.00 34.68 ? 28  VAL A CA  1 
ATOM   23  C  C   . VAL A 1 4  ? -12.083 1.414   4.789   1.00 34.38 ? 28  VAL A C   1 
ATOM   24  O  O   . VAL A 1 4  ? -12.045 0.182   4.870   1.00 33.22 ? 28  VAL A O   1 
ATOM   25  C  CB  . VAL A 1 4  ? -10.193 2.818   5.660   1.00 35.18 ? 28  VAL A CB  1 
ATOM   26  C  CG1 . VAL A 1 4  ? -9.840  3.886   6.679   1.00 35.45 ? 28  VAL A CG1 1 
ATOM   27  C  CG2 . VAL A 1 4  ? -9.157  1.693   5.676   1.00 35.65 ? 28  VAL A CG2 1 
ATOM   28  N  N   . ARG A 1 5  ? -12.541 2.074   3.730   1.00 34.20 ? 29  ARG A N   1 
ATOM   29  C  CA  . ARG A 1 5  ? -13.009 1.408   2.530   1.00 34.77 ? 29  ARG A CA  1 
ATOM   30  C  C   . ARG A 1 5  ? -12.115 1.796   1.345   1.00 31.87 ? 29  ARG A C   1 
ATOM   31  O  O   . ARG A 1 5  ? -12.322 2.839   0.753   1.00 30.99 ? 29  ARG A O   1 
ATOM   32  C  CB  . ARG A 1 5  ? -14.468 1.789   2.254   1.00 36.79 ? 29  ARG A CB  1 
ATOM   33  C  CG  . ARG A 1 5  ? -15.017 1.238   0.943   1.00 40.10 ? 29  ARG A CG  1 
ATOM   34  C  CD  . ARG A 1 5  ? -16.448 1.683   0.744   1.00 42.41 ? 29  ARG A CD  1 
ATOM   35  N  NE  . ARG A 1 5  ? -17.290 1.084   1.772   1.00 43.77 ? 29  ARG A NE  1 
ATOM   36  C  CZ  . ARG A 1 5  ? -17.780 -0.153  1.719   1.00 43.04 ? 29  ARG A CZ  1 
ATOM   37  N  NH1 . ARG A 1 5  ? -17.550 -0.935  0.673   1.00 44.94 ? 29  ARG A NH1 1 
ATOM   38  N  NH2 . ARG A 1 5  ? -18.525 -0.603  2.718   1.00 43.48 ? 29  ARG A NH2 1 
ATOM   39  N  N   . PRO A 1 6  ? -11.131 0.943   0.987   1.00 30.45 ? 30  PRO A N   1 
ATOM   40  C  CA  . PRO A 1 6  ? -10.304 1.254   -0.174  1.00 30.44 ? 30  PRO A CA  1 
ATOM   41  C  C   . PRO A 1 6  ? -11.127 1.517   -1.441  1.00 30.35 ? 30  PRO A C   1 
ATOM   42  O  O   . PRO A 1 6  ? -12.151 0.874   -1.672  1.00 31.21 ? 30  PRO A O   1 
ATOM   43  C  CB  . PRO A 1 6  ? -9.467  -0.019  -0.360  1.00 30.70 ? 30  PRO A CB  1 
ATOM   44  C  CG  . PRO A 1 6  ? -9.463  -0.677  0.974   1.00 30.67 ? 30  PRO A CG  1 
ATOM   45  C  CD  . PRO A 1 6  ? -10.828 -0.394  1.523   1.00 30.32 ? 30  PRO A CD  1 
ATOM   46  N  N   . LYS A 1 7  ? -10.681 2.462   -2.253  1.00 30.82 ? 31  LYS A N   1 
ATOM   47  C  CA  . LYS A 1 7  ? -11.255 2.658   -3.586  1.00 30.03 ? 31  LYS A CA  1 
ATOM   48  C  C   . LYS A 1 7  ? -10.931 1.449   -4.471  1.00 28.87 ? 31  LYS A C   1 
ATOM   49  O  O   . LYS A 1 7  ? -10.062 0.647   -4.118  1.00 27.60 ? 31  LYS A O   1 
ATOM   50  C  CB  . LYS A 1 7  ? -10.712 3.940   -4.187  1.00 32.38 ? 31  LYS A CB  1 
ATOM   51  C  CG  . LYS A 1 7  ? -11.176 5.177   -3.447  1.00 35.08 ? 31  LYS A CG  1 
ATOM   52  C  CD  . LYS A 1 7  ? -10.589 6.430   -4.059  1.00 37.39 ? 31  LYS A CD  1 
ATOM   53  C  CE  . LYS A 1 7  ? -11.211 7.664   -3.439  1.00 39.91 ? 31  LYS A CE  1 
ATOM   54  N  NZ  . LYS A 1 7  ? -10.480 8.869   -3.907  1.00 42.10 ? 31  LYS A NZ  1 
ATOM   55  N  N   . PRO A 1 8  ? -11.631 1.303   -5.621  1.00 28.83 ? 32  PRO A N   1 
ATOM   56  C  CA  . PRO A 1 8  ? -11.556 0.069   -6.420  1.00 27.81 ? 32  PRO A CA  1 
ATOM   57  C  C   . PRO A 1 8  ? -10.154 -0.408  -6.816  1.00 25.85 ? 32  PRO A C   1 
ATOM   58  O  O   . PRO A 1 8  ? -9.885  -1.595  -6.746  1.00 26.36 ? 32  PRO A O   1 
ATOM   59  C  CB  . PRO A 1 8  ? -12.385 0.409   -7.665  1.00 28.61 ? 32  PRO A CB  1 
ATOM   60  C  CG  . PRO A 1 8  ? -13.397 1.364   -7.149  1.00 29.85 ? 32  PRO A CG  1 
ATOM   61  C  CD  . PRO A 1 8  ? -12.622 2.237   -6.193  1.00 29.68 ? 32  PRO A CD  1 
ATOM   62  N  N   . LEU A 1 9  ? -9.265  0.491   -7.216  1.00 25.55 ? 33  LEU A N   1 
ATOM   63  C  CA  . LEU A 1 9  ? -7.934  0.047   -7.649  1.00 26.21 ? 33  LEU A CA  1 
ATOM   64  C  C   . LEU A 1 9  ? -7.080  -0.449  -6.478  1.00 24.10 ? 33  LEU A C   1 
ATOM   65  O  O   . LEU A 1 9  ? -6.378  -1.436  -6.623  1.00 24.60 ? 33  LEU A O   1 
ATOM   66  C  CB  . LEU A 1 9  ? -7.188  1.131   -8.433  1.00 25.89 ? 33  LEU A CB  1 
ATOM   67  C  CG  . LEU A 1 9  ? -7.614  1.310   -9.889  1.00 27.33 ? 33  LEU A CG  1 
ATOM   68  C  CD1 . LEU A 1 9  ? -6.930  2.543   -10.455 1.00 28.44 ? 33  LEU A CD1 1 
ATOM   69  C  CD2 . LEU A 1 9  ? -7.305  0.073   -10.729 1.00 27.62 ? 33  LEU A CD2 1 
ATOM   70  N  N   . LEU A 1 10 ? -7.143  0.233   -5.335  1.00 23.60 ? 34  LEU A N   1 
ATOM   71  C  CA  . LEU A 1 10 ? -6.436  -0.220  -4.127  1.00 22.84 ? 34  LEU A CA  1 
ATOM   72  C  C   . LEU A 1 10 ? -6.991  -1.564  -3.644  1.00 22.66 ? 34  LEU A C   1 
ATOM   73  O  O   . LEU A 1 10 ? -6.239  -2.474  -3.285  1.00 21.86 ? 34  LEU A O   1 
ATOM   74  C  CB  . LEU A 1 10 ? -6.533  0.829   -3.014  1.00 24.19 ? 34  LEU A CB  1 
ATOM   75  C  CG  . LEU A 1 10 ? -5.906  0.426   -1.669  1.00 23.70 ? 34  LEU A CG  1 
ATOM   76  C  CD1 . LEU A 1 10 ? -4.465  -0.013  -1.871  1.00 24.51 ? 34  LEU A CD1 1 
ATOM   77  C  CD2 . LEU A 1 10 ? -5.956  1.559   -0.679  1.00 24.37 ? 34  LEU A CD2 1 
ATOM   78  N  N   . LEU A 1 11 ? -8.313  -1.695  -3.647  1.00 22.74 ? 35  LEU A N   1 
ATOM   79  C  CA  . LEU A 1 11 ? -8.954  -2.953  -3.275  1.00 23.81 ? 35  LEU A CA  1 
ATOM   80  C  C   . LEU A 1 11 ? -8.515  -4.119  -4.162  1.00 24.29 ? 35  LEU A C   1 
ATOM   81  O  O   . LEU A 1 11 ? -8.272  -5.220  -3.674  1.00 23.31 ? 35  LEU A O   1 
ATOM   82  C  CB  . LEU A 1 11 ? -10.461 -2.800  -3.352  1.00 26.11 ? 35  LEU A CB  1 
ATOM   83  C  CG  . LEU A 1 11 ? -11.258 -3.967  -2.790  1.00 27.63 ? 35  LEU A CG  1 
ATOM   84  C  CD1 . LEU A 1 11 ? -11.219 -3.949  -1.275  1.00 29.21 ? 35  LEU A CD1 1 
ATOM   85  C  CD2 . LEU A 1 11 ? -12.678 -3.891  -3.317  1.00 29.00 ? 35  LEU A CD2 1 
ATOM   86  N  N   . LYS A 1 12 ? -8.429  -3.878  -5.470  1.00 25.39 ? 36  LYS A N   1 
ATOM   87  C  CA  . LYS A 1 12 ? -7.925  -4.876  -6.421  1.00 26.56 ? 36  LYS A CA  1 
ATOM   88  C  C   . LYS A 1 12 ? -6.502  -5.335  -6.025  1.00 24.28 ? 36  LYS A C   1 
ATOM   89  O  O   . LYS A 1 12 ? -6.193  -6.530  -6.008  1.00 22.78 ? 36  LYS A O   1 
ATOM   90  C  CB  . LYS A 1 12 ? -7.952  -4.283  -7.841  1.00 29.94 ? 36  LYS A CB  1 
ATOM   91  C  CG  . LYS A 1 12 ? -7.384  -5.153  -8.952  1.00 33.41 ? 36  LYS A CG  1 
ATOM   92  C  CD  . LYS A 1 12 ? -7.915  -4.725  -10.331 1.00 36.73 ? 36  LYS A CD  1 
ATOM   93  C  CE  . LYS A 1 12 ? -9.214  -5.441  -10.725 1.00 35.80 ? 36  LYS A CE  1 
ATOM   94  N  N   . LEU A 1 13 ? -5.657  -4.379  -5.679  1.00 22.53 ? 37  LEU A N   1 
ATOM   95  C  CA  . LEU A 1 13 ? -4.300  -4.674  -5.264  1.00 23.43 ? 37  LEU A CA  1 
ATOM   96  C  C   . LEU A 1 13 ? -4.300  -5.521  -3.987  1.00 23.04 ? 37  LEU A C   1 
ATOM   97  O  O   . LEU A 1 13 ? -3.632  -6.543  -3.925  1.00 22.87 ? 37  LEU A O   1 
ATOM   98  C  CB  . LEU A 1 13 ? -3.527  -3.378  -5.055  1.00 23.76 ? 37  LEU A CB  1 
ATOM   99  C  CG  . LEU A 1 13 ? -2.033  -3.474  -4.736  1.00 24.41 ? 37  LEU A CG  1 
ATOM   100 C  CD1 . LEU A 1 13 ? -1.340  -2.186  -5.146  1.00 24.41 ? 37  LEU A CD1 1 
ATOM   101 C  CD2 . LEU A 1 13 ? -1.757  -3.778  -3.264  1.00 25.60 ? 37  LEU A CD2 1 
ATOM   102 N  N   . LEU A 1 14 ? -5.065  -5.099  -2.986  1.00 23.36 ? 38  LEU A N   1 
ATOM   103 C  CA  . LEU A 1 14 ? -5.174  -5.831  -1.722  1.00 23.56 ? 38  LEU A CA  1 
ATOM   104 C  C   . LEU A 1 14 ? -5.662  -7.250  -1.961  1.00 24.10 ? 38  LEU A C   1 
ATOM   105 O  O   . LEU A 1 14 ? -5.066  -8.199  -1.457  1.00 22.42 ? 38  LEU A O   1 
ATOM   106 C  CB  . LEU A 1 14 ? -6.116  -5.112  -0.748  1.00 24.50 ? 38  LEU A CB  1 
ATOM   107 C  CG  . LEU A 1 14 ? -5.770  -3.664  -0.380  1.00 25.84 ? 38  LEU A CG  1 
ATOM   108 C  CD1 . LEU A 1 14 ? -6.742  -3.125  0.658   1.00 27.16 ? 38  LEU A CD1 1 
ATOM   109 C  CD2 . LEU A 1 14 ? -4.341  -3.512  0.115   1.00 25.91 ? 38  LEU A CD2 1 
ATOM   110 N  N   . LYS A 1 15 ? -6.731  -7.405  -2.750  1.00 24.85 ? 39  LYS A N   1 
ATOM   111 C  CA  . LYS A 1 15 ? -7.267  -8.740  -3.036  1.00 25.55 ? 39  LYS A CA  1 
ATOM   112 C  C   . LYS A 1 15 ? -6.321  -9.627  -3.840  1.00 25.94 ? 39  LYS A C   1 
ATOM   113 O  O   . LYS A 1 15 ? -6.394  -10.847 -3.731  1.00 25.55 ? 39  LYS A O   1 
ATOM   114 C  CB  . LYS A 1 15 ? -8.619  -8.655  -3.739  1.00 27.41 ? 39  LYS A CB  1 
ATOM   115 C  CG  . LYS A 1 15 ? -9.703  -8.054  -2.859  1.00 28.45 ? 39  LYS A CG  1 
ATOM   116 C  CD  . LYS A 1 15 ? -11.089 -8.300  -3.417  1.00 30.40 ? 39  LYS A CD  1 
ATOM   117 C  CE  . LYS A 1 15 ? -12.124 -7.742  -2.460  1.00 32.99 ? 39  LYS A CE  1 
ATOM   118 N  NZ  . LYS A 1 15 ? -13.514 -8.088  -2.855  1.00 34.75 ? 39  LYS A NZ  1 
ATOM   119 N  N   . SER A 1 16 ? -5.427  -9.029  -4.630  1.00 25.27 ? 40  SER A N   1 
ATOM   120 C  CA  . SER A 1 16 ? -4.429  -9.813  -5.375  1.00 24.87 ? 40  SER A CA  1 
ATOM   121 C  C   . SER A 1 16 ? -3.448  -10.529 -4.443  1.00 25.67 ? 40  SER A C   1 
ATOM   122 O  O   . SER A 1 16 ? -2.815  -11.515 -4.840  1.00 25.68 ? 40  SER A O   1 
ATOM   123 C  CB  . SER A 1 16 ? -3.661  -8.924  -6.347  1.00 24.70 ? 40  SER A CB  1 
ATOM   124 O  OG  . SER A 1 16 ? -2.775  -8.046  -5.670  1.00 25.43 ? 40  SER A OG  1 
ATOM   125 N  N   . VAL A 1 17 ? -3.320  -10.027 -3.212  1.00 25.64 ? 41  VAL A N   1 
ATOM   126 C  CA  . VAL A 1 17 ? -2.507  -10.684 -2.176  1.00 26.57 ? 41  VAL A CA  1 
ATOM   127 C  C   . VAL A 1 17 ? -3.372  -11.329 -1.079  1.00 27.08 ? 41  VAL A C   1 
ATOM   128 O  O   . VAL A 1 17 ? -2.938  -11.490 0.056   1.00 28.71 ? 41  VAL A O   1 
ATOM   129 C  CB  . VAL A 1 17 ? -1.440  -9.735  -1.560  1.00 25.53 ? 41  VAL A CB  1 
ATOM   130 C  CG1 . VAL A 1 17 ? -0.283  -9.550  -2.524  1.00 26.42 ? 41  VAL A CG1 1 
ATOM   131 C  CG2 . VAL A 1 17 ? -2.028  -8.390  -1.167  1.00 25.34 ? 41  VAL A CG2 1 
ATOM   132 N  N   . GLY A 1 18 ? -4.599  -11.695 -1.429  1.00 27.49 ? 42  GLY A N   1 
ATOM   133 C  CA  . GLY A 1 18 ? -5.428  -12.548 -0.578  1.00 26.94 ? 42  GLY A CA  1 
ATOM   134 C  C   . GLY A 1 18 ? -6.356  -11.819 0.380   1.00 26.53 ? 42  GLY A C   1 
ATOM   135 O  O   . GLY A 1 18 ? -6.989  -12.450 1.223   1.00 27.95 ? 42  GLY A O   1 
ATOM   136 N  N   . ALA A 1 19 ? -6.417  -10.500 0.285   1.00 25.40 ? 43  ALA A N   1 
ATOM   137 C  CA  . ALA A 1 19 ? -7.394  -9.752  1.050   1.00 25.81 ? 43  ALA A CA  1 
ATOM   138 C  C   . ALA A 1 19 ? -8.803  -10.167 0.597   1.00 26.45 ? 43  ALA A C   1 
ATOM   139 O  O   . ALA A 1 19 ? -9.057  -10.381 -0.590  1.00 24.91 ? 43  ALA A O   1 
ATOM   140 C  CB  . ALA A 1 19 ? -7.172  -8.256  0.886   1.00 25.60 ? 43  ALA A CB  1 
ATOM   141 N  N   . GLN A 1 20 ? -9.714  -10.292 1.555   1.00 27.69 ? 44  GLN A N   1 
ATOM   142 C  CA  . GLN A 1 20 ? -11.044 -10.866 1.308   1.00 27.34 ? 44  GLN A CA  1 
ATOM   143 C  C   . GLN A 1 20 ? -12.176 -9.857  1.363   1.00 27.93 ? 44  GLN A C   1 
ATOM   144 O  O   . GLN A 1 20 ? -13.240 -10.098 0.803   1.00 30.97 ? 44  GLN A O   1 
ATOM   145 C  CB  . GLN A 1 20 ? -11.346 -11.933 2.355   1.00 26.80 ? 44  GLN A CB  1 
ATOM   146 C  CG  . GLN A 1 20 ? -10.624 -13.248 2.185   1.00 27.37 ? 44  GLN A CG  1 
ATOM   147 C  CD  . GLN A 1 20 ? -10.804 -14.141 3.405   1.00 28.48 ? 44  GLN A CD  1 
ATOM   148 O  OE1 . GLN A 1 20 ? -10.724 -13.676 4.544   1.00 30.65 ? 44  GLN A OE1 1 
ATOM   149 N  NE2 . GLN A 1 20 ? -11.074 -15.414 3.176   1.00 26.89 ? 44  GLN A NE2 1 
ATOM   150 N  N   . LYS A 1 21 ? -11.962 -8.753  2.054   1.00 30.42 ? 45  LYS A N   1 
ATOM   151 C  CA  . LYS A 1 21 ? -13.045 -7.883  2.483   1.00 31.37 ? 45  LYS A CA  1 
ATOM   152 C  C   . LYS A 1 21 ? -13.123 -6.602  1.669   1.00 32.44 ? 45  LYS A C   1 
ATOM   153 O  O   . LYS A 1 21 ? -12.311 -6.365  0.770   1.00 33.21 ? 45  LYS A O   1 
ATOM   154 C  CB  . LYS A 1 21 ? -12.874 -7.522  3.963   1.00 31.71 ? 45  LYS A CB  1 
ATOM   155 C  CG  . LYS A 1 21 ? -12.813 -8.706  4.920   1.00 31.56 ? 45  LYS A CG  1 
ATOM   156 C  CD  . LYS A 1 21 ? -12.665 -8.237  6.364   1.00 32.36 ? 45  LYS A CD  1 
ATOM   157 C  CE  . LYS A 1 21 ? -11.261 -7.706  6.640   1.00 33.11 ? 45  LYS A CE  1 
ATOM   158 N  NZ  . LYS A 1 21 ? -11.173 -6.941  7.911   1.00 35.81 ? 45  LYS A NZ  1 
ATOM   159 N  N   . ASP A 1 22 ? -14.133 -5.791  1.978   1.00 32.35 ? 46  ASP A N   1 
ATOM   160 C  CA  . ASP A 1 22 ? -14.270 -4.467  1.389   1.00 34.27 ? 46  ASP A CA  1 
ATOM   161 C  C   . ASP A 1 22 ? -13.994 -3.338  2.379   1.00 32.37 ? 46  ASP A C   1 
ATOM   162 O  O   . ASP A 1 22 ? -13.776 -2.214  1.957   1.00 29.42 ? 46  ASP A O   1 
ATOM   163 C  CB  . ASP A 1 22 ? -15.648 -4.322  0.730   1.00 37.74 ? 46  ASP A CB  1 
ATOM   164 C  CG  . ASP A 1 22 ? -15.696 -4.948  -0.660  1.00 40.37 ? 46  ASP A CG  1 
ATOM   165 O  OD1 . ASP A 1 22 ? -16.420 -4.418  -1.522  1.00 45.83 ? 46  ASP A OD1 1 
ATOM   166 O  OD2 . ASP A 1 22 ? -14.988 -5.952  -0.914  1.00 43.38 ? 46  ASP A OD2 1 
ATOM   167 N  N   . THR A 1 23 ? -13.984 -3.639  3.682   1.00 32.75 ? 47  THR A N   1 
ATOM   168 C  CA  . THR A 1 23 ? -13.584 -2.676  4.721   1.00 33.20 ? 47  THR A CA  1 
ATOM   169 C  C   . THR A 1 23 ? -12.411 -3.240  5.547   1.00 30.64 ? 47  THR A C   1 
ATOM   170 O  O   . THR A 1 23 ? -12.309 -4.444  5.763   1.00 32.12 ? 47  THR A O   1 
ATOM   171 C  CB  . THR A 1 23 ? -14.772 -2.280  5.645   1.00 36.04 ? 47  THR A CB  1 
ATOM   172 O  OG1 . THR A 1 23 ? -15.007 -3.283  6.625   1.00 37.48 ? 47  THR A OG1 1 
ATOM   173 C  CG2 . THR A 1 23 ? -16.058 -2.107  4.846   1.00 38.23 ? 47  THR A CG2 1 
ATOM   174 N  N   . TYR A 1 24 ? -11.512 -2.364  5.973   1.00 29.27 ? 48  TYR A N   1 
ATOM   175 C  CA  . TYR A 1 24 ? -10.258 -2.775  6.622   1.00 28.03 ? 48  TYR A CA  1 
ATOM   176 C  C   . TYR A 1 24 ? -9.848  -1.740  7.644   1.00 27.58 ? 48  TYR A C   1 
ATOM   177 O  O   . TYR A 1 24 ? -10.237 -0.587  7.537   1.00 28.81 ? 48  TYR A O   1 
ATOM   178 C  CB  . TYR A 1 24 ? -9.109  -2.891  5.602   1.00 27.10 ? 48  TYR A CB  1 
ATOM   179 C  CG  . TYR A 1 24 ? -9.306  -3.925  4.527   1.00 25.93 ? 48  TYR A CG  1 
ATOM   180 C  CD1 . TYR A 1 24 ? -9.949  -3.608  3.338   1.00 25.19 ? 48  TYR A CD1 1 
ATOM   181 C  CD2 . TYR A 1 24 ? -8.859  -5.225  4.698   1.00 26.06 ? 48  TYR A CD2 1 
ATOM   182 C  CE1 . TYR A 1 24 ? -10.148 -4.562  2.356   1.00 24.88 ? 48  TYR A CE1 1 
ATOM   183 C  CE2 . TYR A 1 24 ? -9.051  -6.190  3.713   1.00 25.29 ? 48  TYR A CE2 1 
ATOM   184 C  CZ  . TYR A 1 24 ? -9.697  -5.848  2.547   1.00 24.40 ? 48  TYR A CZ  1 
ATOM   185 O  OH  . TYR A 1 24 ? -9.876  -6.790  1.563   1.00 24.53 ? 48  TYR A OH  1 
ATOM   186 N  N   . THR A 1 25 ? -9.041  -2.152  8.619   1.00 28.86 ? 49  THR A N   1 
ATOM   187 C  CA  . THR A 1 25 ? -8.280  -1.202  9.443   1.00 30.08 ? 49  THR A CA  1 
ATOM   188 C  C   . THR A 1 25 ? -7.035  -0.762  8.661   1.00 30.43 ? 49  THR A C   1 
ATOM   189 O  O   . THR A 1 25 ? -6.508  -1.536  7.862   1.00 29.61 ? 49  THR A O   1 
ATOM   190 C  CB  . THR A 1 25 ? -7.816  -1.830  10.778  1.00 30.95 ? 49  THR A CB  1 
ATOM   191 O  OG1 . THR A 1 25 ? -6.871  -2.877  10.529  1.00 31.07 ? 49  THR A OG1 1 
ATOM   192 C  CG2 . THR A 1 25 ? -8.985  -2.415  11.555  1.00 32.67 ? 49  THR A CG2 1 
ATOM   193 N  N   . MET A 1 26 ? -6.551  0.455   8.907   1.00 31.62 ? 50  MET A N   1 
ATOM   194 C  CA  . MET A 1 26 ? -5.345  0.944   8.239   1.00 32.94 ? 50  MET A CA  1 
ATOM   195 C  C   . MET A 1 26 ? -4.151  0.008   8.432   1.00 33.01 ? 50  MET A C   1 
ATOM   196 O  O   . MET A 1 26 ? -3.308  -0.104  7.550   1.00 33.80 ? 50  MET A O   1 
ATOM   197 C  CB  . MET A 1 26 ? -4.988  2.350   8.714   1.00 35.35 ? 50  MET A CB  1 
ATOM   198 C  CG  . MET A 1 26 ? -5.918  3.434   8.175   1.00 37.53 ? 50  MET A CG  1 
ATOM   199 S  SD  . MET A 1 26 ? -5.693  3.731   6.409   1.00 41.76 ? 50  MET A SD  1 
ATOM   200 C  CE  . MET A 1 26 ? -4.105  4.565   6.342   1.00 41.18 ? 50  MET A CE  1 
ATOM   201 N  N   . LYS A 1 27 ? -4.074  -0.651  9.583   1.00 31.87 ? 51  LYS A N   1 
ATOM   202 C  CA  . LYS A 1 27 ? -3.024  -1.632  9.838   1.00 32.01 ? 51  LYS A CA  1 
ATOM   203 C  C   . LYS A 1 27 ? -3.111  -2.812  8.896   1.00 29.37 ? 51  LYS A C   1 
ATOM   204 O  O   . LYS A 1 27 ? -2.084  -3.312  8.453   1.00 26.30 ? 51  LYS A O   1 
ATOM   205 C  CB  . LYS A 1 27 ? -3.082  -2.148  11.282  1.00 34.53 ? 51  LYS A CB  1 
ATOM   206 C  CG  . LYS A 1 27 ? -2.462  -1.190  12.294  1.00 37.21 ? 51  LYS A CG  1 
ATOM   207 C  CD  . LYS A 1 27 ? -2.812  -1.595  13.717  1.00 39.39 ? 51  LYS A CD  1 
ATOM   208 C  CE  . LYS A 1 27 ? -2.414  -0.518  14.710  1.00 41.58 ? 51  LYS A CE  1 
ATOM   209 N  NZ  . LYS A 1 27 ? -1.009  -0.721  15.152  1.00 43.32 ? 51  LYS A NZ  1 
ATOM   210 N  N   . GLU A 1 28 ? -4.328  -3.270  8.623   1.00 28.17 ? 52  GLU A N   1 
ATOM   211 C  CA  . GLU A 1 28 ? -4.538  -4.346  7.662   1.00 29.68 ? 52  GLU A CA  1 
ATOM   212 C  C   . GLU A 1 28 ? -4.120  -3.912  6.257   1.00 27.29 ? 52  GLU A C   1 
ATOM   213 O  O   . GLU A 1 28 ? -3.488  -4.674  5.552   1.00 26.91 ? 52  GLU A O   1 
ATOM   214 C  CB  . GLU A 1 28 ? -5.999  -4.788  7.638   1.00 32.52 ? 52  GLU A CB  1 
ATOM   215 C  CG  . GLU A 1 28 ? -6.410  -5.662  8.812   1.00 35.51 ? 52  GLU A CG  1 
ATOM   216 C  CD  . GLU A 1 28 ? -7.836  -6.158  8.671   1.00 38.17 ? 52  GLU A CD  1 
ATOM   217 O  OE1 . GLU A 1 28 ? -8.760  -5.321  8.665   1.00 38.84 ? 52  GLU A OE1 1 
ATOM   218 O  OE2 . GLU A 1 28 ? -8.028  -7.386  8.544   1.00 43.00 ? 52  GLU A OE2 1 
ATOM   219 N  N   . VAL A 1 29 ? -4.475  -2.686  5.875   1.00 26.69 ? 53  VAL A N   1 
ATOM   220 C  CA  . VAL A 1 29 ? -4.117  -2.127  4.555   1.00 25.99 ? 53  VAL A CA  1 
ATOM   221 C  C   . VAL A 1 29 ? -2.601  -2.120  4.410   1.00 25.32 ? 53  VAL A C   1 
ATOM   222 O  O   . VAL A 1 29 ? -2.063  -2.628  3.434   1.00 24.51 ? 53  VAL A O   1 
ATOM   223 C  CB  . VAL A 1 29 ? -4.706  -0.713  4.355   1.00 25.86 ? 53  VAL A CB  1 
ATOM   224 C  CG1 . VAL A 1 29 ? -4.206  -0.060  3.067   1.00 25.97 ? 53  VAL A CG1 1 
ATOM   225 C  CG2 . VAL A 1 29 ? -6.228  -0.789  4.342   1.00 26.31 ? 53  VAL A CG2 1 
ATOM   226 N  N   . LEU A 1 30 ? -1.920  -1.584  5.412   1.00 24.51 ? 54  LEU A N   1 
ATOM   227 C  CA  . LEU A 1 30 ? -0.464  -1.558  5.419   1.00 25.40 ? 54  LEU A CA  1 
ATOM   228 C  C   . LEU A 1 30 ? 0.124   -2.976  5.366   1.00 24.30 ? 54  LEU A C   1 
ATOM   229 O  O   . LEU A 1 30 ? 1.115   -3.217  4.673   1.00 24.83 ? 54  LEU A O   1 
ATOM   230 C  CB  . LEU A 1 30 ? 0.024   -0.793  6.648   1.00 25.94 ? 54  LEU A CB  1 
ATOM   231 C  CG  . LEU A 1 30 ? 1.488   -0.373  6.683   1.00 26.58 ? 54  LEU A CG  1 
ATOM   232 C  CD1 . LEU A 1 30 ? 1.810   0.721   5.676   1.00 26.31 ? 54  LEU A CD1 1 
ATOM   233 C  CD2 . LEU A 1 30 ? 1.794   0.107   8.078   1.00 26.45 ? 54  LEU A CD2 1 
ATOM   234 N  N   . PHE A 1 31 ? -0.490  -3.922  6.071   1.00 22.71 ? 55  PHE A N   1 
ATOM   235 C  CA  . PHE A 1 31 ? -0.035  -5.316  6.038   1.00 22.43 ? 55  PHE A CA  1 
ATOM   236 C  C   . PHE A 1 31 ? -0.099  -5.897  4.619   1.00 22.59 ? 55  PHE A C   1 
ATOM   237 O  O   . PHE A 1 31 ? 0.873   -6.488  4.127   1.00 21.88 ? 55  PHE A O   1 
ATOM   238 C  CB  . PHE A 1 31 ? -0.857  -6.198  7.003   1.00 22.67 ? 55  PHE A CB  1 
ATOM   239 C  CG  . PHE A 1 31 ? -0.696  -7.662  6.747   1.00 22.85 ? 55  PHE A CG  1 
ATOM   240 C  CD1 . PHE A 1 31 ? 0.455   -8.313  7.145   1.00 24.71 ? 55  PHE A CD1 1 
ATOM   241 C  CD2 . PHE A 1 31 ? -1.664  -8.378  6.064   1.00 23.31 ? 55  PHE A CD2 1 
ATOM   242 C  CE1 . PHE A 1 31 ? 0.646   -9.656  6.875   1.00 24.81 ? 55  PHE A CE1 1 
ATOM   243 C  CE2 . PHE A 1 31 ? -1.494  -9.725  5.793   1.00 24.27 ? 55  PHE A CE2 1 
ATOM   244 C  CZ  . PHE A 1 31 ? -0.337  -10.367 6.206   1.00 25.11 ? 55  PHE A CZ  1 
ATOM   245 N  N   . TYR A 1 32 ? -1.250  -5.746  3.966   1.00 22.43 ? 56  TYR A N   1 
ATOM   246 C  CA  . TYR A 1 32 ? -1.434  -6.273  2.610   1.00 22.54 ? 56  TYR A CA  1 
ATOM   247 C  C   . TYR A 1 32 ? -0.530  -5.546  1.605   1.00 21.71 ? 56  TYR A C   1 
ATOM   248 O  O   . TYR A 1 32 ? -0.016  -6.169  0.690   1.00 22.01 ? 56  TYR A O   1 
ATOM   249 C  CB  . TYR A 1 32 ? -2.915  -6.220  2.176   1.00 23.19 ? 56  TYR A CB  1 
ATOM   250 C  CG  . TYR A 1 32 ? -3.801  -7.273  2.846   1.00 24.08 ? 56  TYR A CG  1 
ATOM   251 C  CD1 . TYR A 1 32 ? -3.612  -8.620  2.601   1.00 24.46 ? 56  TYR A CD1 1 
ATOM   252 C  CD2 . TYR A 1 32 ? -4.819  -6.909  3.723   1.00 24.44 ? 56  TYR A CD2 1 
ATOM   253 C  CE1 . TYR A 1 32 ? -4.407  -9.579  3.199   1.00 25.32 ? 56  TYR A CE1 1 
ATOM   254 C  CE2 . TYR A 1 32 ? -5.623  -7.862  4.331   1.00 24.94 ? 56  TYR A CE2 1 
ATOM   255 C  CZ  . TYR A 1 32 ? -5.412  -9.194  4.062   1.00 26.33 ? 56  TYR A CZ  1 
ATOM   256 O  OH  . TYR A 1 32 ? -6.189  -10.160 4.654   1.00 29.22 ? 56  TYR A OH  1 
ATOM   257 N  N   . LEU A 1 33 ? -0.332  -4.240  1.783   1.00 20.64 ? 57  LEU A N   1 
ATOM   258 C  CA  . LEU A 1 33 ? 0.597   -3.506  0.939   1.00 20.58 ? 57  LEU A CA  1 
ATOM   259 C  C   . LEU A 1 33 ? 2.005   -4.080  1.074   1.00 21.01 ? 57  LEU A C   1 
ATOM   260 O  O   . LEU A 1 33 ? 2.682   -4.280  0.075   1.00 21.09 ? 57  LEU A O   1 
ATOM   261 C  CB  . LEU A 1 33 ? 0.581   -2.005  1.257   1.00 20.60 ? 57  LEU A CB  1 
ATOM   262 C  CG  . LEU A 1 33 ? -0.602  -1.226  0.664   1.00 21.11 ? 57  LEU A CG  1 
ATOM   263 C  CD1 . LEU A 1 33 ? -0.725  0.146   1.268   1.00 21.60 ? 57  LEU A CD1 1 
ATOM   264 C  CD2 . LEU A 1 33 ? -0.499  -1.095  -0.852  1.00 23.44 ? 57  LEU A CD2 1 
ATOM   265 N  N   . GLY A 1 34 ? 2.435   -4.357  2.305   1.00 21.13 ? 58  GLY A N   1 
ATOM   266 C  CA  . GLY A 1 34 ? 3.731   -4.998  2.557   1.00 21.09 ? 58  GLY A CA  1 
ATOM   267 C  C   . GLY A 1 34 ? 3.867   -6.330  1.851   1.00 21.08 ? 58  GLY A C   1 
ATOM   268 O  O   . GLY A 1 34 ? 4.876   -6.602  1.221   1.00 20.73 ? 58  GLY A O   1 
ATOM   269 N  N   . GLN A 1 35 ? 2.835   -7.161  1.967   1.00 22.98 ? 59  GLN A N   1 
ATOM   270 C  CA  . GLN A 1 35 ? 2.777   -8.451  1.299   1.00 23.51 ? 59  GLN A CA  1 
ATOM   271 C  C   . GLN A 1 35 ? 2.946   -8.307  -0.215  1.00 22.74 ? 59  GLN A C   1 
ATOM   272 O  O   . GLN A 1 35 ? 3.645   -9.091  -0.852  1.00 23.63 ? 59  GLN A O   1 
ATOM   273 C  CB  . GLN A 1 35 ? 1.433   -9.139  1.573   1.00 27.24 ? 59  GLN A CB  1 
ATOM   274 C  CG  . GLN A 1 35 ? 1.110   -9.438  3.029   1.00 30.21 ? 59  GLN A CG  1 
ATOM   275 C  CD  . GLN A 1 35 ? 1.791   -10.689 3.535   1.00 33.91 ? 59  GLN A CD  1 
ATOM   276 O  OE1 . GLN A 1 35 ? 2.727   -10.622 4.333   1.00 40.53 ? 59  GLN A OE1 1 
ATOM   277 N  NE2 . GLN A 1 35 ? 1.323   -11.835 3.080   1.00 36.30 ? 59  GLN A NE2 1 
ATOM   278 N  N   . TYR A 1 36 ? 2.268   -7.320  -0.788  1.00 22.24 ? 60  TYR A N   1 
ATOM   279 C  CA  . TYR A 1 36 ? 2.388   -7.002  -2.217  1.00 21.12 ? 60  TYR A CA  1 
ATOM   280 C  C   . TYR A 1 36 ? 3.821   -6.621  -2.552  1.00 19.63 ? 60  TYR A C   1 
ATOM   281 O  O   . TYR A 1 36 ? 4.413   -7.189  -3.453  1.00 17.45 ? 60  TYR A O   1 
ATOM   282 C  CB  . TYR A 1 36 ? 1.447   -5.842  -2.547  1.00 21.05 ? 60  TYR A CB  1 
ATOM   283 C  CG  . TYR A 1 36 ? 1.433   -5.374  -3.992  1.00 21.99 ? 60  TYR A CG  1 
ATOM   284 C  CD1 . TYR A 1 36 ? 0.633   -6.011  -4.947  1.00 22.13 ? 60  TYR A CD1 1 
ATOM   285 C  CD2 . TYR A 1 36 ? 2.163   -4.252  -4.393  1.00 22.26 ? 60  TYR A CD2 1 
ATOM   286 C  CE1 . TYR A 1 36 ? 0.589   -5.562  -6.266  1.00 22.84 ? 60  TYR A CE1 1 
ATOM   287 C  CE2 . TYR A 1 36 ? 2.123   -3.800  -5.711  1.00 23.02 ? 60  TYR A CE2 1 
ATOM   288 C  CZ  . TYR A 1 36 ? 1.332   -4.468  -6.641  1.00 23.38 ? 60  TYR A CZ  1 
ATOM   289 O  OH  . TYR A 1 36 ? 1.268   -4.025  -7.940  1.00 25.45 ? 60  TYR A OH  1 
ATOM   290 N  N   . ILE A 1 37 ? 4.372   -5.667  -1.808  1.00 19.59 ? 61  ILE A N   1 
ATOM   291 C  CA  . ILE A 1 37 ? 5.751   -5.225  -2.017  1.00 20.43 ? 61  ILE A CA  1 
ATOM   292 C  C   . ILE A 1 37 ? 6.738   -6.390  -1.899  1.00 21.57 ? 61  ILE A C   1 
ATOM   293 O  O   . ILE A 1 37 ? 7.607   -6.542  -2.742  1.00 22.96 ? 61  ILE A O   1 
ATOM   294 C  CB  . ILE A 1 37 ? 6.120   -4.094  -1.038  1.00 20.23 ? 61  ILE A CB  1 
ATOM   295 C  CG1 . ILE A 1 37 ? 5.375   -2.822  -1.412  1.00 20.16 ? 61  ILE A CG1 1 
ATOM   296 C  CG2 . ILE A 1 37 ? 7.625   -3.856  -1.006  1.00 20.36 ? 61  ILE A CG2 1 
ATOM   297 C  CD1 . ILE A 1 37 ? 5.299   -1.811  -0.289  1.00 20.16 ? 61  ILE A CD1 1 
ATOM   298 N  N   . MET A 1 38 ? 6.580   -7.235  -0.883  1.00 24.04 ? 62  MET A N   1 
ATOM   299 C  CA  . MET A 1 38 ? 7.452   -8.400  -0.714  1.00 25.97 ? 62  MET A CA  1 
ATOM   300 C  C   . MET A 1 38 ? 7.353   -9.392  -1.858  1.00 25.00 ? 62  MET A C   1 
ATOM   301 O  O   . MET A 1 38 ? 8.365   -9.809  -2.406  1.00 22.52 ? 62  MET A O   1 
ATOM   302 C  CB  . MET A 1 38 ? 7.096   -9.171  0.560   1.00 28.61 ? 62  MET A CB  1 
ATOM   303 C  CG  . MET A 1 38 ? 7.410   -8.453  1.859   1.00 31.79 ? 62  MET A CG  1 
ATOM   304 S  SD  . MET A 1 38 ? 9.150   -8.101  2.031   1.00 35.73 ? 62  MET A SD  1 
ATOM   305 C  CE  . MET A 1 38 ? 9.783   -9.770  2.227   1.00 33.12 ? 62  MET A CE  1 
ATOM   306 N  N   . THR A 1 39 ? 6.138   -9.833  -2.160  1.00 25.24 ? 63  THR A N   1 
ATOM   307 C  CA  . THR A 1 39 ? 5.952   -10.952 -3.102  1.00 26.86 ? 63  THR A CA  1 
ATOM   308 C  C   . THR A 1 39 ? 6.323   -10.566 -4.531  1.00 25.64 ? 63  THR A C   1 
ATOM   309 O  O   . THR A 1 39 ? 6.829   -11.386 -5.273  1.00 27.43 ? 63  THR A O   1 
ATOM   310 C  CB  . THR A 1 39 ? 4.507   -11.482 -3.109  1.00 28.34 ? 63  THR A CB  1 
ATOM   311 O  OG1 . THR A 1 39 ? 3.625   -10.421 -3.471  1.00 30.19 ? 63  THR A OG1 1 
ATOM   312 C  CG2 . THR A 1 39 ? 4.119   -12.021 -1.738  1.00 30.13 ? 63  THR A CG2 1 
ATOM   313 N  N   . LYS A 1 40 ? 6.099   -9.309  -4.888  1.00 26.41 ? 64  LYS A N   1 
ATOM   314 C  CA  . LYS A 1 40 ? 6.506   -8.780  -6.192  1.00 27.10 ? 64  LYS A CA  1 
ATOM   315 C  C   . LYS A 1 40 ? 7.938   -8.248  -6.208  1.00 26.56 ? 64  LYS A C   1 
ATOM   316 O  O   . LYS A 1 40 ? 8.399   -7.750  -7.235  1.00 24.92 ? 64  LYS A O   1 
ATOM   317 C  CB  . LYS A 1 40 ? 5.562   -7.665  -6.622  1.00 28.26 ? 64  LYS A CB  1 
ATOM   318 C  CG  . LYS A 1 40 ? 4.158   -8.145  -6.887  1.00 30.67 ? 64  LYS A CG  1 
ATOM   319 C  CD  . LYS A 1 40 ? 3.371   -7.104  -7.659  1.00 34.30 ? 64  LYS A CD  1 
ATOM   320 C  CE  . LYS A 1 40 ? 3.605   -7.215  -9.156  1.00 37.17 ? 64  LYS A CE  1 
ATOM   321 N  NZ  . LYS A 1 40 ? 3.500   -5.888  -9.825  1.00 40.13 ? 64  LYS A NZ  1 
ATOM   322 N  N   . ARG A 1 41 ? 8.617   -8.329  -5.065  1.00 26.37 ? 65  ARG A N   1 
ATOM   323 C  CA  . ARG A 1 41 ? 10.004  -7.918  -4.933  1.00 27.10 ? 65  ARG A CA  1 
ATOM   324 C  C   . ARG A 1 41 ? 10.242  -6.498  -5.452  1.00 26.03 ? 65  ARG A C   1 
ATOM   325 O  O   . ARG A 1 41 ? 11.103  -6.257  -6.283  1.00 25.37 ? 65  ARG A O   1 
ATOM   326 C  CB  . ARG A 1 41 ? 10.918  -8.987  -5.568  1.00 29.59 ? 65  ARG A CB  1 
ATOM   327 C  CG  . ARG A 1 41 ? 11.389  -10.007 -4.535  1.00 32.32 ? 65  ARG A CG  1 
ATOM   328 C  CD  . ARG A 1 41 ? 11.373  -11.458 -4.969  1.00 33.52 ? 65  ARG A CD  1 
ATOM   329 N  NE  . ARG A 1 41 ? 10.051  -12.044 -4.814  1.00 35.24 ? 65  ARG A NE  1 
ATOM   330 C  CZ  . ARG A 1 41 ? 9.769   -13.302 -4.450  1.00 36.25 ? 65  ARG A CZ  1 
ATOM   331 N  NH1 . ARG A 1 41 ? 10.712  -14.192 -4.147  1.00 35.92 ? 65  ARG A NH1 1 
ATOM   332 N  NH2 . ARG A 1 41 ? 8.492   -13.669 -4.370  1.00 36.25 ? 65  ARG A NH2 1 
ATOM   333 N  N   . LEU A 1 42 ? 9.459   -5.554  -4.933  1.00 24.99 ? 66  LEU A N   1 
ATOM   334 C  CA  . LEU A 1 42 ? 9.580   -4.130  -5.304  1.00 25.28 ? 66  LEU A CA  1 
ATOM   335 C  C   . LEU A 1 42 ? 10.569  -3.349  -4.444  1.00 24.08 ? 66  LEU A C   1 
ATOM   336 O  O   . LEU A 1 42 ? 10.843  -2.191  -4.717  1.00 23.74 ? 66  LEU A O   1 
ATOM   337 C  CB  . LEU A 1 42 ? 8.206   -3.436  -5.223  1.00 24.87 ? 66  LEU A CB  1 
ATOM   338 C  CG  . LEU A 1 42 ? 7.067   -4.101  -6.004  1.00 25.10 ? 66  LEU A CG  1 
ATOM   339 C  CD1 . LEU A 1 42 ? 5.804   -3.272  -5.912  1.00 24.43 ? 66  LEU A CD1 1 
ATOM   340 C  CD2 . LEU A 1 42 ? 7.438   -4.358  -7.462  1.00 24.89 ? 66  LEU A CD2 1 
ATOM   341 N  N   . TYR A 1 43 ? 11.064  -3.981  -3.383  1.00 25.67 ? 67  TYR A N   1 
ATOM   342 C  CA  . TYR A 1 43 ? 12.028  -3.365  -2.473  1.00 25.53 ? 67  TYR A CA  1 
ATOM   343 C  C   . TYR A 1 43 ? 13.444  -3.554  -3.047  1.00 25.03 ? 67  TYR A C   1 
ATOM   344 O  O   . TYR A 1 43 ? 13.737  -4.546  -3.727  1.00 23.28 ? 67  TYR A O   1 
ATOM   345 C  CB  . TYR A 1 43 ? 11.903  -3.939  -1.032  1.00 25.39 ? 67  TYR A CB  1 
ATOM   346 C  CG  . TYR A 1 43 ? 12.174  -5.435  -0.931  1.00 26.04 ? 67  TYR A CG  1 
ATOM   347 C  CD1 . TYR A 1 43 ? 13.457  -5.918  -0.669  1.00 27.04 ? 67  TYR A CD1 1 
ATOM   348 C  CD2 . TYR A 1 43 ? 11.158  -6.366  -1.132  1.00 26.21 ? 67  TYR A CD2 1 
ATOM   349 C  CE1 . TYR A 1 43 ? 13.715  -7.279  -0.604  1.00 27.32 ? 67  TYR A CE1 1 
ATOM   350 C  CE2 . TYR A 1 43 ? 11.409  -7.732  -1.060  1.00 26.65 ? 67  TYR A CE2 1 
ATOM   351 C  CZ  . TYR A 1 43 ? 12.686  -8.182  -0.797  1.00 27.80 ? 67  TYR A CZ  1 
ATOM   352 O  OH  . TYR A 1 43 ? 12.932  -9.536  -0.727  1.00 28.68 ? 67  TYR A OH  1 
ATOM   353 N  N   . ASP A 1 44 ? 14.304  -2.578  -2.789  1.00 25.37 ? 68  ASP A N   1 
ATOM   354 C  CA  . ASP A 1 44 ? 15.685  -2.668  -3.206  1.00 28.34 ? 68  ASP A CA  1 
ATOM   355 C  C   . ASP A 1 44 ? 16.399  -3.761  -2.394  1.00 28.58 ? 68  ASP A C   1 
ATOM   356 O  O   . ASP A 1 44 ? 16.330  -3.789  -1.162  1.00 28.89 ? 68  ASP A O   1 
ATOM   357 C  CB  . ASP A 1 44 ? 16.385  -1.319  -3.044  1.00 30.56 ? 68  ASP A CB  1 
ATOM   358 C  CG  . ASP A 1 44 ? 17.770  -1.302  -3.684  1.00 32.87 ? 68  ASP A CG  1 
ATOM   359 O  OD1 . ASP A 1 44 ? 17.920  -0.690  -4.755  1.00 35.42 ? 68  ASP A OD1 1 
ATOM   360 O  OD2 . ASP A 1 44 ? 18.701  -1.926  -3.134  1.00 34.24 ? 68  ASP A OD2 1 
ATOM   361 N  N   . GLU A 1 45 ? 17.069  -4.659  -3.100  1.00 30.53 ? 69  GLU A N   1 
ATOM   362 C  CA  . GLU A 1 45 ? 17.754  -5.794  -2.487  1.00 33.64 ? 69  GLU A CA  1 
ATOM   363 C  C   . GLU A 1 45 ? 18.882  -5.371  -1.553  1.00 35.97 ? 69  GLU A C   1 
ATOM   364 O  O   . GLU A 1 45 ? 19.124  -6.030  -0.552  1.00 37.85 ? 69  GLU A O   1 
ATOM   365 C  CB  . GLU A 1 45 ? 18.290  -6.734  -3.566  1.00 34.33 ? 69  GLU A CB  1 
ATOM   366 C  CG  . GLU A 1 45 ? 17.172  -7.367  -4.375  1.00 37.14 ? 69  GLU A CG  1 
ATOM   367 C  CD  . GLU A 1 45 ? 17.654  -8.290  -5.474  1.00 38.38 ? 69  GLU A CD  1 
ATOM   368 O  OE1 . GLU A 1 45 ? 18.784  -8.107  -5.971  1.00 39.11 ? 69  GLU A OE1 1 
ATOM   369 O  OE2 . GLU A 1 45 ? 16.876  -9.197  -5.851  1.00 42.25 ? 69  GLU A OE2 1 
ATOM   370 N  N   . LYS A 1 46 ? 19.555  -4.265  -1.860  1.00 38.34 ? 70  LYS A N   1 
ATOM   371 C  CA  . LYS A 1 46 ? 20.634  -3.778  -1.007  1.00 40.22 ? 70  LYS A CA  1 
ATOM   372 C  C   . LYS A 1 46 ? 20.103  -2.886  0.103   1.00 39.89 ? 70  LYS A C   1 
ATOM   373 O  O   . LYS A 1 46 ? 20.567  -2.953  1.235   1.00 37.13 ? 70  LYS A O   1 
ATOM   374 C  CB  . LYS A 1 46 ? 21.659  -3.013  -1.848  1.00 45.59 ? 70  LYS A CB  1 
ATOM   375 C  CG  . LYS A 1 46 ? 22.533  -3.910  -2.719  1.00 49.92 ? 70  LYS A CG  1 
ATOM   376 C  CD  . LYS A 1 46 ? 23.830  -3.213  -3.135  1.00 55.56 ? 70  LYS A CD  1 
ATOM   377 C  CE  . LYS A 1 46 ? 23.866  -2.875  -4.619  1.00 58.58 ? 70  LYS A CE  1 
ATOM   378 N  NZ  . LYS A 1 46 ? 24.216  -4.082  -5.431  1.00 61.27 ? 70  LYS A NZ  1 
ATOM   379 N  N   . GLN A 1 47 ? 19.134  -2.039  -0.246  1.00 42.15 ? 71  GLN A N   1 
ATOM   380 C  CA  . GLN A 1 47 ? 18.560  -1.053  0.663   1.00 42.29 ? 71  GLN A CA  1 
ATOM   381 C  C   . GLN A 1 47 ? 17.067  -1.341  0.790   1.00 38.52 ? 71  GLN A C   1 
ATOM   382 O  O   . GLN A 1 47 ? 16.237  -0.660  0.177   1.00 36.44 ? 71  GLN A O   1 
ATOM   383 C  CB  . GLN A 1 47 ? 18.783  0.373   0.129   1.00 46.50 ? 71  GLN A CB  1 
ATOM   384 C  CG  . GLN A 1 47 ? 20.215  0.680   -0.305  1.00 50.71 ? 71  GLN A CG  1 
ATOM   385 C  CD  . GLN A 1 47 ? 21.189  0.681   0.856   1.00 55.38 ? 71  GLN A CD  1 
ATOM   386 O  OE1 . GLN A 1 47 ? 21.018  1.431   1.824   1.00 59.25 ? 71  GLN A OE1 1 
ATOM   387 N  NE2 . GLN A 1 47 ? 22.219  -0.167  0.774   1.00 57.86 ? 71  GLN A NE2 1 
ATOM   388 N  N   . GLN A 1 48 ? 16.734  -2.343  1.604   1.00 34.15 ? 72  GLN A N   1 
ATOM   389 C  CA  . GLN A 1 48 ? 15.356  -2.838  1.737   1.00 32.02 ? 72  GLN A CA  1 
ATOM   390 C  C   . GLN A 1 48 ? 14.309  -1.809  2.212   1.00 32.24 ? 72  GLN A C   1 
ATOM   391 O  O   . GLN A 1 48 ? 13.094  -2.090  2.211   1.00 32.85 ? 72  GLN A O   1 
ATOM   392 C  CB  . GLN A 1 48 ? 15.337  -4.050  2.666   1.00 32.70 ? 72  GLN A CB  1 
ATOM   393 C  CG  . GLN A 1 48 ? 16.083  -5.281  2.154   1.00 32.47 ? 72  GLN A CG  1 
ATOM   394 C  CD  . GLN A 1 48 ? 16.270  -6.327  3.249   1.00 33.20 ? 72  GLN A CD  1 
ATOM   395 O  OE1 . GLN A 1 48 ? 16.187  -7.530  3.011   1.00 30.93 ? 72  GLN A OE1 1 
ATOM   396 N  NE2 . GLN A 1 48 ? 16.504  -5.855  4.465   1.00 35.28 ? 72  GLN A NE2 1 
ATOM   397 N  N   . HIS A 1 49 ? 14.756  -0.624  2.616   1.00 30.67 ? 73  HIS A N   1 
ATOM   398 C  CA  . HIS A 1 49 ? 13.828  0.433   2.961   1.00 31.70 ? 73  HIS A CA  1 
ATOM   399 C  C   . HIS A 1 49 ? 13.308  1.151   1.711   1.00 28.39 ? 73  HIS A C   1 
ATOM   400 O  O   . HIS A 1 49 ? 12.275  1.805   1.766   1.00 27.22 ? 73  HIS A O   1 
ATOM   401 C  CB  . HIS A 1 49 ? 14.456  1.410   3.968   1.00 34.40 ? 73  HIS A CB  1 
ATOM   402 C  CG  . HIS A 1 49 ? 15.536  2.269   3.395   1.00 37.11 ? 73  HIS A CG  1 
ATOM   403 N  ND1 . HIS A 1 49 ? 15.318  3.574   3.009   1.00 40.03 ? 73  HIS A ND1 1 
ATOM   404 C  CD2 . HIS A 1 49 ? 16.843  2.016   3.146   1.00 39.29 ? 73  HIS A CD2 1 
ATOM   405 C  CE1 . HIS A 1 49 ? 16.443  4.088   2.544   1.00 40.69 ? 73  HIS A CE1 1 
ATOM   406 N  NE2 . HIS A 1 49 ? 17.383  3.162   2.613   1.00 40.94 ? 73  HIS A NE2 1 
ATOM   407 N  N   . ILE A 1 50 ? 13.999  0.999   0.586   1.00 26.98 ? 74  ILE A N   1 
ATOM   408 C  CA  . ILE A 1 50 ? 13.581  1.644   -0.664  1.00 27.12 ? 74  ILE A CA  1 
ATOM   409 C  C   . ILE A 1 50 ? 12.623  0.748   -1.453  1.00 24.97 ? 74  ILE A C   1 
ATOM   410 O  O   . ILE A 1 50 ? 12.955  -0.401  -1.796  1.00 21.93 ? 74  ILE A O   1 
ATOM   411 C  CB  . ILE A 1 50 ? 14.789  2.003   -1.555  1.00 29.35 ? 74  ILE A CB  1 
ATOM   412 C  CG1 . ILE A 1 50 ? 15.773  2.895   -0.777  1.00 30.86 ? 74  ILE A CG1 1 
ATOM   413 C  CG2 . ILE A 1 50 ? 14.327  2.686   -2.845  1.00 29.77 ? 74  ILE A CG2 1 
ATOM   414 C  CD1 . ILE A 1 50 ? 16.945  3.387   -1.608  1.00 32.13 ? 74  ILE A CD1 1 
ATOM   415 N  N   . VAL A 1 51 ? 11.442  1.294   -1.744  1.00 22.93 ? 75  VAL A N   1 
ATOM   416 C  CA  . VAL A 1 51 ? 10.456  0.621   -2.581  1.00 23.16 ? 75  VAL A CA  1 
ATOM   417 C  C   . VAL A 1 51 ? 10.382  1.307   -3.947  1.00 23.02 ? 75  VAL A C   1 
ATOM   418 O  O   . VAL A 1 51 ? 10.231  2.521   -4.029  1.00 22.41 ? 75  VAL A O   1 
ATOM   419 C  CB  . VAL A 1 51 ? 9.058   0.622   -1.926  1.00 22.99 ? 75  VAL A CB  1 
ATOM   420 C  CG1 . VAL A 1 51 ? 8.050   -0.088  -2.821  1.00 23.15 ? 75  VAL A CG1 1 
ATOM   421 C  CG2 . VAL A 1 51 ? 9.103   -0.040  -0.540  1.00 23.17 ? 75  VAL A CG2 1 
ATOM   422 N  N   . TYR A 1 52 ? 10.493  0.512   -5.008  1.00 23.31 ? 76  TYR A N   1 
ATOM   423 C  CA  . TYR A 1 52 ? 10.374  1.019   -6.376  1.00 24.86 ? 76  TYR A CA  1 
ATOM   424 C  C   . TYR A 1 52 ? 8.993   0.720   -6.931  1.00 24.94 ? 76  TYR A C   1 
ATOM   425 O  O   . TYR A 1 52 ? 8.541   -0.418  -6.866  1.00 26.83 ? 76  TYR A O   1 
ATOM   426 C  CB  . TYR A 1 52 ? 11.380  0.332   -7.269  1.00 25.58 ? 76  TYR A CB  1 
ATOM   427 C  CG  . TYR A 1 52 ? 12.803  0.533   -6.868  1.00 26.50 ? 76  TYR A CG  1 
ATOM   428 C  CD1 . TYR A 1 52 ? 13.359  1.804   -6.836  1.00 27.26 ? 76  TYR A CD1 1 
ATOM   429 C  CD2 . TYR A 1 52 ? 13.602  -0.553  -6.542  1.00 26.67 ? 76  TYR A CD2 1 
ATOM   430 C  CE1 . TYR A 1 52 ? 14.683  1.985   -6.477  1.00 28.22 ? 76  TYR A CE1 1 
ATOM   431 C  CE2 . TYR A 1 52 ? 14.917  -0.384  -6.184  1.00 27.02 ? 76  TYR A CE2 1 
ATOM   432 C  CZ  . TYR A 1 52 ? 15.446  0.875   -6.155  1.00 27.42 ? 76  TYR A CZ  1 
ATOM   433 O  OH  . TYR A 1 52 ? 16.746  1.001   -5.787  1.00 28.47 ? 76  TYR A OH  1 
ATOM   434 N  N   . CYS A 1 53 ? 8.325   1.722   -7.489  1.00 25.51 ? 77  CYS A N   1 
ATOM   435 C  CA  . CYS A 1 53 ? 6.965   1.509   -7.980  1.00 26.10 ? 77  CYS A CA  1 
ATOM   436 C  C   . CYS A 1 53 ? 6.596   2.210   -9.296  1.00 26.03 ? 77  CYS A C   1 
ATOM   437 O  O   . CYS A 1 53 ? 5.424   2.229   -9.656  1.00 25.66 ? 77  CYS A O   1 
ATOM   438 C  CB  . CYS A 1 53 ? 5.958   1.836   -6.868  1.00 25.39 ? 77  CYS A CB  1 
ATOM   439 S  SG  . CYS A 1 53 ? 6.281   3.359   -5.970  1.00 26.19 ? 77  CYS A SG  1 
ATOM   440 N  N   . SER A 1 54 ? 7.581   2.768   -10.006 1.00 28.55 ? 78  SER A N   1 
ATOM   441 C  CA  . SER A 1 54 ? 7.400   3.200   -11.411 1.00 30.02 ? 78  SER A CA  1 
ATOM   442 C  C   . SER A 1 54 ? 6.913   2.063   -12.279 1.00 29.27 ? 78  SER A C   1 
ATOM   443 O  O   . SER A 1 54 ? 7.444   0.947   -12.218 1.00 28.15 ? 78  SER A O   1 
ATOM   444 C  CB  . SER A 1 54 ? 8.709   3.700   -12.020 1.00 31.88 ? 78  SER A CB  1 
ATOM   445 O  OG  . SER A 1 54 ? 8.925   5.047   -11.671 1.00 37.00 ? 78  SER A OG  1 
ATOM   446 N  N   . ASN A 1 55 ? 5.929   2.357   -13.120 1.00 30.13 ? 79  ASN A N   1 
ATOM   447 C  CA  . ASN A 1 55 ? 5.296   1.334   -13.962 1.00 30.95 ? 79  ASN A CA  1 
ATOM   448 C  C   . ASN A 1 55 ? 4.772   0.138   -13.163 1.00 28.80 ? 79  ASN A C   1 
ATOM   449 O  O   . ASN A 1 55 ? 4.795   -1.006  -13.622 1.00 30.59 ? 79  ASN A O   1 
ATOM   450 C  CB  . ASN A 1 55 ? 6.220   0.909   -15.112 1.00 32.95 ? 79  ASN A CB  1 
ATOM   451 C  CG  . ASN A 1 55 ? 6.386   2.014   -16.154 1.00 36.19 ? 79  ASN A CG  1 
ATOM   452 O  OD1 . ASN A 1 55 ? 5.393   2.560   -16.655 1.00 38.87 ? 79  ASN A OD1 1 
ATOM   453 N  ND2 . ASN A 1 55 ? 7.636   2.357   -16.481 1.00 37.69 ? 79  ASN A ND2 1 
ATOM   454 N  N   . ASP A 1 56 ? 4.286   0.430   -11.962 1.00 25.74 ? 80  ASP A N   1 
ATOM   455 C  CA  . ASP A 1 56 ? 3.497   -0.514  -11.196 1.00 24.29 ? 80  ASP A CA  1 
ATOM   456 C  C   . ASP A 1 56 ? 2.210   0.180   -10.744 1.00 22.34 ? 80  ASP A C   1 
ATOM   457 O  O   . ASP A 1 56 ? 2.201   1.394   -10.505 1.00 21.11 ? 80  ASP A O   1 
ATOM   458 C  CB  . ASP A 1 56 ? 4.275   -1.006  -9.974  1.00 24.69 ? 80  ASP A CB  1 
ATOM   459 C  CG  . ASP A 1 56 ? 3.625   -2.199  -9.338  1.00 25.36 ? 80  ASP A CG  1 
ATOM   460 O  OD1 . ASP A 1 56 ? 3.995   -3.333  -9.717  1.00 26.76 ? 80  ASP A OD1 1 
ATOM   461 O  OD2 . ASP A 1 56 ? 2.705   -2.005  -8.510  1.00 25.10 ? 80  ASP A OD2 1 
ATOM   462 N  N   . LEU A 1 57 ? 1.136   -0.599  -10.601 1.00 21.74 ? 81  LEU A N   1 
ATOM   463 C  CA  . LEU A 1 57 ? -0.111  -0.088  -10.034 1.00 23.33 ? 81  LEU A CA  1 
ATOM   464 C  C   . LEU A 1 57 ? 0.141   0.705   -8.767  1.00 22.81 ? 81  LEU A C   1 
ATOM   465 O  O   . LEU A 1 57 ? -0.454  1.755   -8.575  1.00 22.65 ? 81  LEU A O   1 
ATOM   466 C  CB  . LEU A 1 57 ? -1.083  -1.214  -9.719  1.00 24.49 ? 81  LEU A CB  1 
ATOM   467 C  CG  . LEU A 1 57 ? -2.418  -0.767  -9.111  1.00 25.90 ? 81  LEU A CG  1 
ATOM   468 C  CD1 . LEU A 1 57 ? -3.105  0.273   -9.977  1.00 26.44 ? 81  LEU A CD1 1 
ATOM   469 C  CD2 . LEU A 1 57 ? -3.326  -1.964  -8.916  1.00 26.84 ? 81  LEU A CD2 1 
ATOM   470 N  N   . LEU A 1 58 ? 1.052   0.231   -7.922  1.00 22.68 ? 82  LEU A N   1 
ATOM   471 C  CA  . LEU A 1 58 ? 1.332   0.921   -6.653  1.00 22.44 ? 82  LEU A CA  1 
ATOM   472 C  C   . LEU A 1 58 ? 1.798   2.357   -6.876  1.00 22.91 ? 82  LEU A C   1 
ATOM   473 O  O   . LEU A 1 58 ? 1.411   3.266   -6.136  1.00 23.70 ? 82  LEU A O   1 
ATOM   474 C  CB  . LEU A 1 58 ? 2.365   0.129   -5.834  1.00 22.35 ? 82  LEU A CB  1 
ATOM   475 C  CG  . LEU A 1 58 ? 2.750   0.651   -4.439  1.00 21.73 ? 82  LEU A CG  1 
ATOM   476 C  CD1 . LEU A 1 58 ? 1.524   0.813   -3.579  1.00 21.58 ? 82  LEU A CD1 1 
ATOM   477 C  CD2 . LEU A 1 58 ? 3.755   -0.262  -3.762  1.00 21.45 ? 82  LEU A CD2 1 
ATOM   478 N  N   . GLY A 1 59 ? 2.631   2.565   -7.893  1.00 24.03 ? 83  GLY A N   1 
ATOM   479 C  CA  . GLY A 1 59 ? 3.096   3.900   -8.233  1.00 25.42 ? 83  GLY A CA  1 
ATOM   480 C  C   . GLY A 1 59 ? 1.986   4.802   -8.737  1.00 26.45 ? 83  GLY A C   1 
ATOM   481 O  O   . GLY A 1 59 ? 1.904   5.979   -8.367  1.00 26.49 ? 83  GLY A O   1 
ATOM   482 N  N   . ASP A 1 60 ? 1.126   4.244   -9.581  1.00 28.92 ? 84  ASP A N   1 
ATOM   483 C  CA  . ASP A 1 60 ? -0.041  4.977   -10.084 1.00 30.68 ? 84  ASP A CA  1 
ATOM   484 C  C   . ASP A 1 60 ? -1.012  5.381   -8.965  1.00 31.33 ? 84  ASP A C   1 
ATOM   485 O  O   . ASP A 1 60 ? -1.592  6.463   -9.012  1.00 31.32 ? 84  ASP A O   1 
ATOM   486 C  CB  . ASP A 1 60 ? -0.743  4.156   -11.170 1.00 32.83 ? 84  ASP A CB  1 
ATOM   487 C  CG  . ASP A 1 60 ? 0.128   3.975   -12.419 1.00 34.12 ? 84  ASP A CG  1 
ATOM   488 O  OD1 . ASP A 1 60 ? 0.860   4.918   -12.787 1.00 37.48 ? 84  ASP A OD1 1 
ATOM   489 O  OD2 . ASP A 1 60 ? 0.105   2.892   -13.035 1.00 36.83 ? 84  ASP A OD2 1 
ATOM   490 N  N   . LEU A 1 61 ? -1.168  4.522   -7.959  1.00 30.06 ? 85  LEU A N   1 
ATOM   491 C  CA  . LEU A 1 61 ? -1.998  4.833   -6.801  1.00 29.57 ? 85  LEU A CA  1 
ATOM   492 C  C   . LEU A 1 61 ? -1.357  5.856   -5.876  1.00 28.74 ? 85  LEU A C   1 
ATOM   493 O  O   . LEU A 1 61 ? -2.040  6.762   -5.409  1.00 28.45 ? 85  LEU A O   1 
ATOM   494 C  CB  . LEU A 1 61 ? -2.311  3.570   -5.994  1.00 31.25 ? 85  LEU A CB  1 
ATOM   495 C  CG  . LEU A 1 61 ? -3.090  2.494   -6.736  1.00 32.87 ? 85  LEU A CG  1 
ATOM   496 C  CD1 . LEU A 1 61 ? -3.462  1.374   -5.784  1.00 32.85 ? 85  LEU A CD1 1 
ATOM   497 C  CD2 . LEU A 1 61 ? -4.335  3.080   -7.391  1.00 35.83 ? 85  LEU A CD2 1 
ATOM   498 N  N   . PHE A 1 62 ? -0.064  5.696   -5.603  1.00 26.49 ? 86  PHE A N   1 
ATOM   499 C  CA  . PHE A 1 62 ? 0.661   6.556   -4.663  1.00 26.40 ? 86  PHE A CA  1 
ATOM   500 C  C   . PHE A 1 62 ? 1.123   7.875   -5.282  1.00 27.06 ? 86  PHE A C   1 
ATOM   501 O  O   . PHE A 1 62 ? 1.326   8.843   -4.563  1.00 24.42 ? 86  PHE A O   1 
ATOM   502 C  CB  . PHE A 1 62 ? 1.882   5.812   -4.082  1.00 26.43 ? 86  PHE A CB  1 
ATOM   503 C  CG  . PHE A 1 62 ? 1.576   4.919   -2.891  1.00 25.87 ? 86  PHE A CG  1 
ATOM   504 C  CD1 . PHE A 1 62 ? 0.275   4.582   -2.535  1.00 25.14 ? 86  PHE A CD1 1 
ATOM   505 C  CD2 . PHE A 1 62 ? 2.622   4.405   -2.133  1.00 25.67 ? 86  PHE A CD2 1 
ATOM   506 C  CE1 . PHE A 1 62 ? 0.029   3.761   -1.447  1.00 24.86 ? 86  PHE A CE1 1 
ATOM   507 C  CE2 . PHE A 1 62 ? 2.379   3.580   -1.051  1.00 25.79 ? 86  PHE A CE2 1 
ATOM   508 C  CZ  . PHE A 1 62 ? 1.079   3.259   -0.710  1.00 25.42 ? 86  PHE A CZ  1 
ATOM   509 N  N   . GLY A 1 63 ? 1.302   7.903   -6.604  1.00 27.94 ? 87  GLY A N   1 
ATOM   510 C  CA  . GLY A 1 63 ? 1.707   9.121   -7.304  1.00 27.18 ? 87  GLY A CA  1 
ATOM   511 C  C   . GLY A 1 63 ? 3.198   9.402   -7.207  1.00 27.25 ? 87  GLY A C   1 
ATOM   512 O  O   . GLY A 1 63 ? 3.611   10.533  -7.339  1.00 28.26 ? 87  GLY A O   1 
ATOM   513 N  N   . VAL A 1 64 ? 4.001   8.367   -6.964  1.00 28.00 ? 88  VAL A N   1 
ATOM   514 C  CA  . VAL A 1 64 ? 5.467   8.488   -6.831  1.00 26.69 ? 88  VAL A CA  1 
ATOM   515 C  C   . VAL A 1 64 ? 6.148   7.344   -7.590  1.00 25.53 ? 88  VAL A C   1 
ATOM   516 O  O   . VAL A 1 64 ? 5.542   6.293   -7.793  1.00 24.93 ? 88  VAL A O   1 
ATOM   517 C  CB  . VAL A 1 64 ? 5.923   8.445   -5.347  1.00 27.03 ? 88  VAL A CB  1 
ATOM   518 C  CG1 . VAL A 1 64 ? 5.395   9.659   -4.586  1.00 26.87 ? 88  VAL A CG1 1 
ATOM   519 C  CG2 . VAL A 1 64 ? 5.470   7.149   -4.671  1.00 27.16 ? 88  VAL A CG2 1 
ATOM   520 N  N   . PRO A 1 65 ? 7.404   7.549   -8.027  1.00 25.81 ? 89  PRO A N   1 
ATOM   521 C  CA  . PRO A 1 65 ? 8.184   6.482   -8.650  1.00 24.82 ? 89  PRO A CA  1 
ATOM   522 C  C   . PRO A 1 65 ? 8.879   5.563   -7.648  1.00 24.17 ? 89  PRO A C   1 
ATOM   523 O  O   . PRO A 1 65 ? 9.298   4.459   -8.001  1.00 24.96 ? 89  PRO A O   1 
ATOM   524 C  CB  . PRO A 1 65 ? 9.229   7.254   -9.457  1.00 25.83 ? 89  PRO A CB  1 
ATOM   525 C  CG  . PRO A 1 65 ? 9.429   8.513   -8.688  1.00 25.65 ? 89  PRO A CG  1 
ATOM   526 C  CD  . PRO A 1 65 ? 8.068   8.863   -8.159  1.00 25.82 ? 89  PRO A CD  1 
ATOM   527 N  N   . SER A 1 66 ? 9.011   6.024   -6.411  1.00 23.61 ? 90  SER A N   1 
ATOM   528 C  CA  . SER A 1 66 ? 9.645   5.250   -5.351  1.00 24.02 ? 90  SER A CA  1 
ATOM   529 C  C   . SER A 1 66 ? 9.362   5.936   -4.039  1.00 23.31 ? 90  SER A C   1 
ATOM   530 O  O   . SER A 1 66 ? 8.993   7.097   -4.027  1.00 22.66 ? 90  SER A O   1 
ATOM   531 C  CB  . SER A 1 66 ? 11.146  5.220   -5.541  1.00 24.08 ? 90  SER A CB  1 
ATOM   532 O  OG  . SER A 1 66 ? 11.619  6.553   -5.455  1.00 25.25 ? 90  SER A OG  1 
ATOM   533 N  N   . PHE A 1 67 ? 9.526   5.215   -2.941  1.00 25.18 ? 91  PHE A N   1 
ATOM   534 C  CA  . PHE A 1 67 ? 9.447   5.817   -1.590  1.00 25.33 ? 91  PHE A CA  1 
ATOM   535 C  C   . PHE A 1 67 ? 10.270  4.993   -0.619  1.00 24.73 ? 91  PHE A C   1 
ATOM   536 O  O   . PHE A 1 67 ? 10.696  3.875   -0.955  1.00 23.72 ? 91  PHE A O   1 
ATOM   537 C  CB  . PHE A 1 67 ? 7.988   5.943   -1.094  1.00 25.91 ? 91  PHE A CB  1 
ATOM   538 C  CG  . PHE A 1 67 ? 7.254   4.631   -0.983  1.00 26.21 ? 91  PHE A CG  1 
ATOM   539 C  CD1 . PHE A 1 67 ? 7.196   3.950   0.227   1.00 26.37 ? 91  PHE A CD1 1 
ATOM   540 C  CD2 . PHE A 1 67 ? 6.591   4.090   -2.087  1.00 26.80 ? 91  PHE A CD2 1 
ATOM   541 C  CE1 . PHE A 1 67 ? 6.518   2.744   0.327   1.00 25.73 ? 91  PHE A CE1 1 
ATOM   542 C  CE2 . PHE A 1 67 ? 5.900   2.899   -1.987  1.00 26.56 ? 91  PHE A CE2 1 
ATOM   543 C  CZ  . PHE A 1 67 ? 5.869   2.220   -0.780  1.00 26.04 ? 91  PHE A CZ  1 
ATOM   544 N  N   . SER A 1 68 ? 10.511  5.551   0.565   1.00 25.07 ? 92  SER A N   1 
ATOM   545 C  CA  . SER A 1 68 ? 11.175  4.814   1.646   1.00 27.81 ? 92  SER A CA  1 
ATOM   546 C  C   . SER A 1 68 ? 10.159  4.318   2.660   1.00 26.80 ? 92  SER A C   1 
ATOM   547 O  O   . SER A 1 68 ? 9.274   5.061   3.060   1.00 27.18 ? 92  SER A O   1 
ATOM   548 C  CB  . SER A 1 68 ? 12.195  5.701   2.369   1.00 29.14 ? 92  SER A CB  1 
ATOM   549 O  OG  . SER A 1 68 ? 12.614  5.057   3.566   1.00 30.53 ? 92  SER A OG  1 
ATOM   550 N  N   . VAL A 1 69 ? 10.290  3.081   3.114   1.00 28.39 ? 93  VAL A N   1 
ATOM   551 C  CA  . VAL A 1 69 ? 9.355   2.570   4.128   1.00 29.29 ? 93  VAL A CA  1 
ATOM   552 C  C   . VAL A 1 69 ? 9.381   3.439   5.400   1.00 30.68 ? 93  VAL A C   1 
ATOM   553 O  O   . VAL A 1 69 ? 8.416   3.471   6.166   1.00 29.79 ? 93  VAL A O   1 
ATOM   554 C  CB  . VAL A 1 69 ? 9.598   1.092   4.484   1.00 29.57 ? 93  VAL A CB  1 
ATOM   555 C  CG1 . VAL A 1 69 ? 9.473   0.211   3.244   1.00 29.97 ? 93  VAL A CG1 1 
ATOM   556 C  CG2 . VAL A 1 69 ? 10.936  0.902   5.174   1.00 29.52 ? 93  VAL A CG2 1 
ATOM   557 N  N   . LYS A 1 70 ? 10.465  4.174   5.590   1.00 31.63 ? 94  LYS A N   1 
ATOM   558 C  CA  . LYS A 1 70 ? 10.608  5.043   6.742   1.00 32.94 ? 94  LYS A CA  1 
ATOM   559 C  C   . LYS A 1 70 ? 9.748   6.311   6.689   1.00 33.59 ? 94  LYS A C   1 
ATOM   560 O  O   . LYS A 1 70 ? 9.590   6.965   7.713   1.00 33.16 ? 94  LYS A O   1 
ATOM   561 C  CB  . LYS A 1 70 ? 12.085  5.391   6.941   1.00 33.85 ? 94  LYS A CB  1 
ATOM   562 C  CG  . LYS A 1 70 ? 12.971  4.156   7.045   1.00 34.72 ? 94  LYS A CG  1 
ATOM   563 C  CD  . LYS A 1 70 ? 14.049  4.304   8.104   1.00 36.64 ? 94  LYS A CD  1 
ATOM   564 N  N   . GLU A 1 71 ? 9.160   6.641   5.534   1.00 32.24 ? 95  GLU A N   1 
ATOM   565 C  CA  . GLU A 1 71 ? 8.354   7.869   5.416   1.00 33.26 ? 95  GLU A CA  1 
ATOM   566 C  C   . GLU A 1 71 ? 6.905   7.628   5.833   1.00 33.51 ? 95  GLU A C   1 
ATOM   567 O  O   . GLU A 1 71 ? 5.989   7.680   5.005   1.00 31.50 ? 95  GLU A O   1 
ATOM   568 C  CB  . GLU A 1 71 ? 8.387   8.428   3.988   1.00 35.87 ? 95  GLU A CB  1 
ATOM   569 C  CG  . GLU A 1 71 ? 9.768   8.713   3.415   1.00 37.56 ? 95  GLU A CG  1 
ATOM   570 C  CD  . GLU A 1 71 ? 9.695   9.034   1.924   1.00 40.68 ? 95  GLU A CD  1 
ATOM   571 O  OE1 . GLU A 1 71 ? 10.014  8.164   1.072   1.00 42.57 ? 95  GLU A OE1 1 
ATOM   572 O  OE2 . GLU A 1 71 ? 9.272   10.155  1.599   1.00 40.09 ? 95  GLU A OE2 1 
ATOM   573 N  N   . HIS A 1 72 ? 6.694   7.434   7.133   1.00 31.91 ? 96  HIS A N   1 
ATOM   574 C  CA  . HIS A 1 72 ? 5.415   6.961   7.635   1.00 30.39 ? 96  HIS A CA  1 
ATOM   575 C  C   . HIS A 1 72 ? 4.262   7.910   7.365   1.00 31.23 ? 96  HIS A C   1 
ATOM   576 O  O   . HIS A 1 72 ? 3.225   7.476   6.858   1.00 30.06 ? 96  HIS A O   1 
ATOM   577 C  CB  . HIS A 1 72 ? 5.500   6.656   9.131   1.00 32.19 ? 96  HIS A CB  1 
ATOM   578 C  CG  . HIS A 1 72 ? 6.504   5.601   9.468   1.00 32.36 ? 96  HIS A CG  1 
ATOM   579 N  ND1 . HIS A 1 72 ? 6.956   5.380   10.751  1.00 33.76 ? 96  HIS A ND1 1 
ATOM   580 C  CD2 . HIS A 1 72 ? 7.159   4.719   8.682   1.00 31.98 ? 96  HIS A CD2 1 
ATOM   581 C  CE1 . HIS A 1 72 ? 7.830   4.389   10.744  1.00 32.75 ? 96  HIS A CE1 1 
ATOM   582 N  NE2 . HIS A 1 72 ? 7.982   3.979   9.497   1.00 33.19 ? 96  HIS A NE2 1 
ATOM   583 N  N   . ARG A 1 73 ? 4.427   9.191   7.707   1.00 31.70 ? 97  ARG A N   1 
ATOM   584 C  CA  . ARG A 1 73 ? 3.361   10.178  7.503   1.00 33.41 ? 97  ARG A CA  1 
ATOM   585 C  C   . ARG A 1 73 ? 2.971   10.254  6.016   1.00 32.37 ? 97  ARG A C   1 
ATOM   586 O  O   . ARG A 1 73 ? 1.793   10.306  5.685   1.00 30.78 ? 97  ARG A O   1 
ATOM   587 C  CB  . ARG A 1 73 ? 3.756   11.569  8.035   1.00 35.60 ? 97  ARG A CB  1 
ATOM   588 C  CG  . ARG A 1 73 ? 3.483   11.789  9.525   1.00 38.37 ? 97  ARG A CG  1 
ATOM   589 C  CD  . ARG A 1 73 ? 3.432   13.273  9.907   1.00 38.90 ? 97  ARG A CD  1 
ATOM   590 N  N   . LYS A 1 74 ? 3.964   10.235  5.134   1.00 33.24 ? 98  LYS A N   1 
ATOM   591 C  CA  . LYS A 1 74 ? 3.721   10.293  3.685   1.00 35.45 ? 98  LYS A CA  1 
ATOM   592 C  C   . LYS A 1 74 ? 2.937   9.066   3.203   1.00 34.80 ? 98  LYS A C   1 
ATOM   593 O  O   . LYS A 1 74 ? 1.946   9.203   2.484   1.00 35.22 ? 98  LYS A O   1 
ATOM   594 C  CB  . LYS A 1 74 ? 5.050   10.385  2.940   1.00 39.61 ? 98  LYS A CB  1 
ATOM   595 C  CG  . LYS A 1 74 ? 4.944   10.704  1.457   1.00 44.04 ? 98  LYS A CG  1 
ATOM   596 C  CD  . LYS A 1 74 ? 6.319   10.565  0.815   1.00 48.93 ? 98  LYS A CD  1 
ATOM   597 C  CE  . LYS A 1 74 ? 6.308   10.839  -0.685  1.00 54.27 ? 98  LYS A CE  1 
ATOM   598 N  NZ  . LYS A 1 74 ? 7.508   10.248  -1.358  1.00 57.30 ? 98  LYS A NZ  1 
ATOM   599 N  N   . ILE A 1 75 ? 3.377   7.876   3.614   1.00 31.83 ? 99  ILE A N   1 
ATOM   600 C  CA  . ILE A 1 75 ? 2.706   6.631   3.257   1.00 30.01 ? 99  ILE A CA  1 
ATOM   601 C  C   . ILE A 1 75 ? 1.246   6.674   3.693   1.00 31.03 ? 99  ILE A C   1 
ATOM   602 O  O   . ILE A 1 75 ? 0.357   6.358   2.905   1.00 28.72 ? 99  ILE A O   1 
ATOM   603 C  CB  . ILE A 1 75 ? 3.419   5.404   3.857   1.00 29.08 ? 99  ILE A CB  1 
ATOM   604 C  CG1 . ILE A 1 75 ? 4.783   5.213   3.178   1.00 28.84 ? 99  ILE A CG1 1 
ATOM   605 C  CG2 . ILE A 1 75 ? 2.562   4.155   3.687   1.00 29.27 ? 99  ILE A CG2 1 
ATOM   606 C  CD1 . ILE A 1 75 ? 5.689   4.185   3.826   1.00 28.11 ? 99  ILE A CD1 1 
ATOM   607 N  N   . TYR A 1 76 ? 1.006   7.096   4.936   1.00 32.37 ? 100 TYR A N   1 
ATOM   608 C  CA  . TYR A 1 76 ? -0.342  7.293   5.451   1.00 32.24 ? 100 TYR A CA  1 
ATOM   609 C  C   . TYR A 1 76 ? -1.158  8.211   4.549   1.00 32.13 ? 100 TYR A C   1 
ATOM   610 O  O   . TYR A 1 76 ? -2.323  7.938   4.292   1.00 34.22 ? 100 TYR A O   1 
ATOM   611 C  CB  . TYR A 1 76 ? -0.307  7.872   6.870   1.00 34.58 ? 100 TYR A CB  1 
ATOM   612 C  CG  . TYR A 1 76 ? -1.660  7.893   7.573   1.00 37.45 ? 100 TYR A CG  1 
ATOM   613 C  CD1 . TYR A 1 76 ? -2.519  8.989   7.459   1.00 39.47 ? 100 TYR A CD1 1 
ATOM   614 C  CD2 . TYR A 1 76 ? -2.071  6.820   8.371   1.00 38.63 ? 100 TYR A CD2 1 
ATOM   615 C  CE1 . TYR A 1 76 ? -3.753  9.008   8.104   1.00 40.20 ? 100 TYR A CE1 1 
ATOM   616 C  CE2 . TYR A 1 76 ? -3.289  6.834   9.024   1.00 38.98 ? 100 TYR A CE2 1 
ATOM   617 C  CZ  . TYR A 1 76 ? -4.128  7.921   8.885   1.00 41.41 ? 100 TYR A CZ  1 
ATOM   618 O  OH  . TYR A 1 76 ? -5.341  7.913   9.542   1.00 44.65 ? 100 TYR A OH  1 
ATOM   619 N  N   . THR A 1 77 ? -0.550  9.298   4.084   1.00 31.45 ? 101 THR A N   1 
ATOM   620 C  CA  . THR A 1 77 ? -1.232  10.234  3.202   1.00 33.25 ? 101 THR A CA  1 
ATOM   621 C  C   . THR A 1 77 ? -1.473  9.623   1.815   1.00 32.15 ? 101 THR A C   1 
ATOM   622 O  O   . THR A 1 77 ? -2.581  9.713   1.292   1.00 34.05 ? 101 THR A O   1 
ATOM   623 C  CB  . THR A 1 77 ? -0.441  11.543  3.072   1.00 35.01 ? 101 THR A CB  1 
ATOM   624 O  OG1 . THR A 1 77 ? -0.350  12.169  4.357   1.00 36.98 ? 101 THR A OG1 1 
ATOM   625 C  CG2 . THR A 1 77 ? -1.115  12.508  2.087   1.00 36.44 ? 101 THR A CG2 1 
ATOM   626 N  N   . MET A 1 78 ? -0.449  8.998   1.235   1.00 31.00 ? 102 MET A N   1 
ATOM   627 C  CA  . MET A 1 78 ? -0.577  8.310   -0.068  1.00 30.74 ? 102 MET A CA  1 
ATOM   628 C  C   . MET A 1 78 ? -1.667  7.234   -0.051  1.00 30.94 ? 102 MET A C   1 
ATOM   629 O  O   . MET A 1 78 ? -2.430  7.112   -1.012  1.00 30.66 ? 102 MET A O   1 
ATOM   630 C  CB  . MET A 1 78 ? 0.760   7.718   -0.520  1.00 30.30 ? 102 MET A CB  1 
ATOM   631 C  CG  . MET A 1 78 ? 1.779   8.786   -0.892  1.00 30.30 ? 102 MET A CG  1 
ATOM   632 S  SD  . MET A 1 78 ? 3.383   8.218   -1.495  1.00 32.40 ? 102 MET A SD  1 
ATOM   633 C  CE  . MET A 1 78 ? 3.934   7.141   -0.169  1.00 32.09 ? 102 MET A CE  1 
ATOM   634 N  N   . ILE A 1 79 ? -1.746  6.470   1.041   1.00 31.07 ? 103 ILE A N   1 
ATOM   635 C  CA  . ILE A 1 79 ? -2.813  5.479   1.211   1.00 30.97 ? 103 ILE A CA  1 
ATOM   636 C  C   . ILE A 1 79 ? -4.161  6.166   1.330   1.00 31.58 ? 103 ILE A C   1 
ATOM   637 O  O   . ILE A 1 79 ? -5.151  5.690   0.787   1.00 30.84 ? 103 ILE A O   1 
ATOM   638 C  CB  . ILE A 1 79 ? -2.583  4.578   2.440   1.00 29.93 ? 103 ILE A CB  1 
ATOM   639 C  CG1 . ILE A 1 79 ? -1.409  3.629   2.179   1.00 29.85 ? 103 ILE A CG1 1 
ATOM   640 C  CG2 . ILE A 1 79 ? -3.837  3.764   2.764   1.00 30.29 ? 103 ILE A CG2 1 
ATOM   641 C  CD1 . ILE A 1 79 ? -0.827  2.996   3.428   1.00 29.89 ? 103 ILE A CD1 1 
ATOM   642 N  N   . TYR A 1 80 ? -4.199  7.288   2.038   1.00 35.73 ? 104 TYR A N   1 
ATOM   643 C  CA  . TYR A 1 80 ? -5.474  7.925   2.374   1.00 39.76 ? 104 TYR A CA  1 
ATOM   644 C  C   . TYR A 1 80 ? -6.194  8.492   1.161   1.00 39.22 ? 104 TYR A C   1 
ATOM   645 O  O   . TYR A 1 80 ? -7.427  8.514   1.126   1.00 37.62 ? 104 TYR A O   1 
ATOM   646 C  CB  . TYR A 1 80 ? -5.306  9.018   3.435   1.00 42.98 ? 104 TYR A CB  1 
ATOM   647 C  CG  . TYR A 1 80 ? -6.263  8.808   4.562   1.00 48.22 ? 104 TYR A CG  1 
ATOM   648 C  CD1 . TYR A 1 80 ? -5.973  7.892   5.561   1.00 50.77 ? 104 TYR A CD1 1 
ATOM   649 C  CD2 . TYR A 1 80 ? -7.483  9.480   4.608   1.00 53.12 ? 104 TYR A CD2 1 
ATOM   650 C  CE1 . TYR A 1 80 ? -6.855  7.665   6.602   1.00 54.91 ? 104 TYR A CE1 1 
ATOM   651 C  CE2 . TYR A 1 80 ? -8.377  9.255   5.645   1.00 56.37 ? 104 TYR A CE2 1 
ATOM   652 C  CZ  . TYR A 1 80 ? -8.052  8.346   6.643   1.00 55.87 ? 104 TYR A CZ  1 
ATOM   653 O  OH  . TYR A 1 80 ? -8.914  8.105   7.691   1.00 58.54 ? 104 TYR A OH  1 
ATOM   654 N  N   . ARG A 1 81 ? -5.422  8.924   0.166   1.00 40.86 ? 105 ARG A N   1 
ATOM   655 C  CA  . ARG A 1 81 ? -5.971  9.411   -1.093  1.00 42.08 ? 105 ARG A CA  1 
ATOM   656 C  C   . ARG A 1 81 ? -6.660  8.305   -1.891  1.00 41.06 ? 105 ARG A C   1 
ATOM   657 O  O   . ARG A 1 81 ? -7.322  8.592   -2.878  1.00 41.70 ? 105 ARG A O   1 
ATOM   658 C  CB  . ARG A 1 81 ? -4.865  10.070  -1.925  1.00 47.83 ? 105 ARG A CB  1 
ATOM   659 C  CG  . ARG A 1 81 ? -4.281  11.311  -1.250  1.00 52.70 ? 105 ARG A CG  1 
ATOM   660 C  CD  . ARG A 1 81 ? -3.542  12.230  -2.210  1.00 57.75 ? 105 ARG A CD  1 
ATOM   661 N  NE  . ARG A 1 81 ? -2.089  12.251  -1.997  1.00 63.84 ? 105 ARG A NE  1 
ATOM   662 C  CZ  . ARG A 1 81 ? -1.216  11.389  -2.527  1.00 69.24 ? 105 ARG A CZ  1 
ATOM   663 N  NH1 . ARG A 1 81 ? -1.617  10.384  -3.309  1.00 71.50 ? 105 ARG A NH1 1 
ATOM   664 N  NH2 . ARG A 1 81 ? 0.080   11.525  -2.262  1.00 70.81 ? 105 ARG A NH2 1 
ATOM   665 N  N   . ASN A 1 82 ? -6.511  7.050   -1.462  1.00 38.06 ? 106 ASN A N   1 
ATOM   666 C  CA  . ASN A 1 82 ? -7.140  5.913   -2.120  1.00 36.22 ? 106 ASN A CA  1 
ATOM   667 C  C   . ASN A 1 82 ? -8.223  5.268   -1.265  1.00 36.89 ? 106 ASN A C   1 
ATOM   668 O  O   . ASN A 1 82 ? -8.653  4.158   -1.539  1.00 36.64 ? 106 ASN A O   1 
ATOM   669 C  CB  . ASN A 1 82 ? -6.069  4.883   -2.465  1.00 35.47 ? 106 ASN A CB  1 
ATOM   670 C  CG  . ASN A 1 82 ? -5.126  5.371   -3.536  1.00 34.86 ? 106 ASN A CG  1 
ATOM   671 O  OD1 . ASN A 1 82 ? -5.413  5.232   -4.717  1.00 37.22 ? 106 ASN A OD1 1 
ATOM   672 N  ND2 . ASN A 1 82 ? -3.999  5.945   -3.136  1.00 34.70 ? 106 ASN A ND2 1 
ATOM   673 N  N   . LEU A 1 83 ? -8.670  5.973   -0.235  1.00 40.85 ? 107 LEU A N   1 
ATOM   674 C  CA  . LEU A 1 83 ? -9.622  5.430   0.723   1.00 45.81 ? 107 LEU A CA  1 
ATOM   675 C  C   . LEU A 1 83 ? -10.898 6.241   0.798   1.00 49.95 ? 107 LEU A C   1 
ATOM   676 O  O   . LEU A 1 83 ? -11.037 7.279   0.159   1.00 49.18 ? 107 LEU A O   1 
ATOM   677 C  CB  . LEU A 1 83 ? -9.019  5.431   2.131   1.00 46.36 ? 107 LEU A CB  1 
ATOM   678 C  CG  . LEU A 1 83 ? -7.886  4.469   2.429   1.00 47.11 ? 107 LEU A CG  1 
ATOM   679 C  CD1 . LEU A 1 83 ? -7.583  4.506   3.912   1.00 49.02 ? 107 LEU A CD1 1 
ATOM   680 C  CD2 . LEU A 1 83 ? -8.232  3.061   1.982   1.00 48.66 ? 107 LEU A CD2 1 
ATOM   681 N  N   . VAL A 1 84 ? -11.836 5.708   1.574   1.00 55.14 ? 108 VAL A N   1 
ATOM   682 C  CA  . VAL A 1 84 ? -12.849 6.499   2.272   1.00 57.75 ? 108 VAL A CA  1 
ATOM   683 C  C   . VAL A 1 84 ? -13.173 5.771   3.590   1.00 61.28 ? 108 VAL A C   1 
ATOM   684 O  O   . VAL A 1 84 ? -13.259 4.547   3.626   1.00 59.94 ? 108 VAL A O   1 
ATOM   685 C  CB  . VAL A 1 84 ? -14.112 6.784   1.421   1.00 55.98 ? 108 VAL A CB  1 
ATOM   686 C  CG1 . VAL A 1 84 ? -14.065 8.196   0.851   1.00 56.98 ? 108 VAL A CG1 1 
ATOM   687 C  CG2 . VAL A 1 84 ? -14.252 5.798   0.280   1.00 56.92 ? 108 VAL A CG2 1 
ATOM   688 N  N   . VAL A 1 85 ? -13.298 6.530   4.676   1.00 69.41 ? 109 VAL A N   1 
ATOM   689 C  CA  . VAL A 1 85 ? -13.593 5.962   6.003   1.00 74.59 ? 109 VAL A CA  1 
ATOM   690 C  C   . VAL A 1 85 ? -15.068 5.541   6.122   1.00 76.25 ? 109 VAL A C   1 
ATOM   691 O  O   . VAL A 1 85 ? -15.940 6.102   5.454   1.00 78.33 ? 109 VAL A O   1 
ATOM   692 C  CB  . VAL A 1 85 ? -13.224 6.929   7.160   1.00 76.10 ? 109 VAL A CB  1 
ATOM   693 C  CG1 . VAL A 1 85 ? -11.743 7.292   7.113   1.00 73.97 ? 109 VAL A CG1 1 
ATOM   694 C  CG2 . VAL A 1 85 ? -14.097 8.185   7.148   1.00 78.39 ? 109 VAL A CG2 1 
ATOM   695 N  N   . VAL A 1 86 ? -15.333 4.550   6.971   1.00 74.22 ? 110 VAL A N   1 
ATOM   696 C  CA  . VAL A 1 86 ? -16.672 3.979   7.115   1.00 75.98 ? 110 VAL A CA  1 
ATOM   697 C  C   . VAL A 1 86 ? -16.951 3.573   8.564   1.00 77.01 ? 110 VAL A C   1 
ATOM   698 O  O   . VAL A 1 86 ? -17.420 4.379   9.370   1.00 79.01 ? 110 VAL A O   1 
ATOM   699 C  CB  . VAL A 1 86 ? -16.861 2.747   6.197   1.00 75.63 ? 110 VAL A CB  1 
ATOM   700 C  CG1 . VAL A 1 86 ? -16.765 3.141   4.727   1.00 74.82 ? 110 VAL A CG1 1 
ATOM   701 C  CG2 . VAL A 1 86 ? -15.847 1.655   6.523   1.00 75.55 ? 110 VAL A CG2 1 
HETATM 702 C  CAL . 28W B 2 .  ? 5.503   1.457   7.598   1.00 27.64 ? 201 28W A CAL 1 
HETATM 703 C  CAJ . 28W B 2 .  ? 4.741   2.515   7.122   1.00 27.53 ? 201 28W A CAJ 1 
HETATM 704 C  CAI . 28W B 2 .  ? 4.050   3.340   8.002   1.00 29.15 ? 201 28W A CAI 1 
HETATM 705 C  CAK . 28W B 2 .  ? 4.123   3.088   9.367   1.00 30.10 ? 201 28W A CAK 1 
HETATM 706 C  CAM . 28W B 2 .  ? 4.886   2.013   9.845   1.00 29.30 ? 201 28W A CAM 1 
HETATM 707 C  CBB . 28W B 2 .  ? 5.589   1.177   8.969   1.00 28.20 ? 201 28W A CBB 1 
HETATM 708 C  CAQ . 28W B 2 .  ? 6.326   0.118   9.504   1.00 27.35 ? 201 28W A CAQ 1 
HETATM 709 N  NAU . 28W B 2 .  ? 6.224   -1.042  8.586   1.00 26.37 ? 201 28W A NAU 1 
HETATM 710 C  CAZ . 28W B 2 .  ? 7.272   -1.449  7.833   1.00 25.73 ? 201 28W A CAZ 1 
HETATM 711 O  OAE . 28W B 2 .  ? 8.306   -0.813  7.737   1.00 27.13 ? 201 28W A OAE 1 
HETATM 712 C  CBI . 28W B 2 .  ? 7.103   -2.532  6.818   1.00 24.76 ? 201 28W A CBI 1 
HETATM 713 N  N   . 28W B 2 .  ? 8.310   -3.124  6.371   1.00 26.75 ? 201 28W A N   1 
HETATM 714 C  CA  . 28W B 2 .  ? 8.277   -4.528  5.864   1.00 27.24 ? 201 28W A CA  1 
HETATM 715 C  CB  . 28W B 2 .  ? 9.263   -4.724  4.729   1.00 27.26 ? 201 28W A CB  1 
HETATM 716 C  CG  . 28W B 2 .  ? 8.864   -3.893  3.491   1.00 26.57 ? 201 28W A CG  1 
HETATM 717 C  CD2 . 28W B 2 .  ? 9.905   -4.190  2.395   1.00 27.71 ? 201 28W A CD2 1 
HETATM 718 C  CD1 . 28W B 2 .  ? 7.474   -4.263  2.985   1.00 26.10 ? 201 28W A CD1 1 
HETATM 719 C  C   . 28W B 2 .  ? 8.695   -5.600  6.918   1.00 30.28 ? 201 28W A C   1 
HETATM 720 O  O   . 28W B 2 .  ? 8.179   -6.723  6.984   1.00 30.33 ? 201 28W A O   1 
HETATM 721 N  NAT . 28W B 2 .  ? 9.709   -5.351  7.699   1.00 33.26 ? 201 28W A NAT 1 
HETATM 722 O  OAG . 28W B 2 .  ? 9.991   -6.596  8.618   1.00 39.08 ? 201 28W A OAG 1 
HETATM 723 C  CBD . 28W B 2 .  ? 5.732   -2.702  6.183   1.00 24.63 ? 201 28W A CBD 1 
HETATM 724 C  CBF . 28W B 2 .  ? 5.430   -1.809  5.232   1.00 24.58 ? 201 28W A CBF 1 
HETATM 725 C  CAO . 28W B 2 .  ? 6.140   -0.777  4.723   1.00 24.24 ? 201 28W A CAO 1 
HETATM 726 C  CAN . 28W B 2 .  ? 5.605   0.025   3.709   1.00 24.12 ? 201 28W A CAN 1 
HETATM 727 C  CBA . 28W B 2 .  ? 4.326   -0.277  3.250   1.00 24.06 ? 201 28W A CBA 1 
HETATM 728 CL CLH . 28W B 2 .  ? 3.593   0.688   1.985   1.00 25.70 ? 201 28W A CLH 1 
HETATM 729 C  CAP . 28W B 2 .  ? 3.635   -1.344  3.828   1.00 23.69 ? 201 28W A CAP 1 
HETATM 730 C  CBE . 28W B 2 .  ? 4.199   -2.093  4.797   1.00 24.03 ? 201 28W A CBE 1 
HETATM 731 N  NAW . 28W B 2 .  ? 3.764   -3.158  5.488   1.00 23.22 ? 201 28W A NAW 1 
HETATM 732 C  CBC . 28W B 2 .  ? 4.698   -3.527  6.366   1.00 23.71 ? 201 28W A CBC 1 
HETATM 733 C  CAX . 28W B 2 .  ? 4.520   -4.603  7.173   1.00 24.06 ? 201 28W A CAX 1 
HETATM 734 O  OAC . 28W B 2 .  ? 3.445   -5.213  7.184   1.00 21.51 ? 201 28W A OAC 1 
HETATM 735 N  NAS . 28W B 2 .  ? 5.551   -5.072  7.865   0.50 23.86 ? 201 28W A NAS 1 
HETATM 736 O  OAF . 28W B 2 .  ? 5.289   -6.174  8.562   0.50 30.00 ? 201 28W A OAF 1 
HETATM 737 C  CAL . 28W C 2 .  ? 0.326   3.587   9.723   1.00 37.30 ? 202 28W A CAL 1 
HETATM 738 C  CAJ . 28W C 2 .  ? 0.805   4.480   8.775   1.00 36.37 ? 202 28W A CAJ 1 
HETATM 739 C  CAI . 28W C 2 .  ? 0.277   4.466   7.489   1.00 37.69 ? 202 28W A CAI 1 
HETATM 740 C  CAK . 28W C 2 .  ? -0.733  3.561   7.166   1.00 38.48 ? 202 28W A CAK 1 
HETATM 741 C  CAM . 28W C 2 .  ? -1.220  2.669   8.130   1.00 38.80 ? 202 28W A CAM 1 
HETATM 742 C  CBB . 28W C 2 .  ? -0.698  2.666   9.424   1.00 38.25 ? 202 28W A CBB 1 
HETATM 743 C  CAQ . 28W C 2 .  ? -1.189  1.755   10.370  1.00 38.78 ? 202 28W A CAQ 1 
HETATM 744 N  NAU . 28W C 2 .  ? -1.076  2.474   11.655  1.00 39.62 ? 202 28W A NAU 1 
HETATM 745 C  CAZ . 28W C 2 .  ? -2.053  3.283   12.130  1.00 42.38 ? 202 28W A CAZ 1 
HETATM 746 O  OAE . 28W C 2 .  ? -3.150  3.457   11.596  1.00 39.73 ? 202 28W A OAE 1 
HETATM 747 C  CBI . 28W C 2 .  ? -1.729  4.073   13.413  1.00 42.83 ? 202 28W A CBI 1 
HETATM 748 N  N   . 28W C 2 .  ? -2.421  3.425   14.490  1.00 44.92 ? 202 28W A N   1 
HETATM 749 C  CA  . 28W C 2 .  ? -2.270  4.048   15.809  1.00 45.40 ? 202 28W A CA  1 
HETATM 750 C  CB  . 28W C 2 .  ? -3.346  5.107   16.040  1.00 46.32 ? 202 28W A CB  1 
HETATM 751 C  CG  . 28W C 2 .  ? -3.458  5.618   17.527  1.00 48.62 ? 202 28W A CG  1 
HETATM 752 C  CD2 . 28W C 2 .  ? -4.672  4.982   18.227  1.00 49.15 ? 202 28W A CD2 1 
HETATM 753 C  CD1 . 28W C 2 .  ? -2.217  5.405   18.421  1.00 49.42 ? 202 28W A CD1 1 
HETATM 754 C  C   . 28W C 2 .  ? -2.409  2.773   16.642  1.00 44.58 ? 202 28W A C   1 
HETATM 755 O  O   . 28W C 2 .  ? -3.420  2.073   16.517  1.00 44.51 ? 202 28W A O   1 
HETATM 756 N  NAT . 28W C 2 .  ? -1.284  2.407   17.285  1.00 44.25 ? 202 28W A NAT 1 
HETATM 757 O  OAG . 28W C 2 .  ? -1.303  1.201   18.010  1.00 45.59 ? 202 28W A OAG 1 
HETATM 758 C  CBD . 28W C 2 .  ? -0.185  4.393   13.415  1.00 40.75 ? 202 28W A CBD 1 
HETATM 759 C  CBF . 28W C 2 .  ? 0.173   5.423   12.640  1.00 37.81 ? 202 28W A CBF 1 
HETATM 760 C  CAO . 28W C 2 .  ? -0.553  6.252   11.865  1.00 36.55 ? 202 28W A CAO 1 
HETATM 761 C  CAN . 28W C 2 .  ? 0.075   7.262   11.153  1.00 37.21 ? 202 28W A CAN 1 
HETATM 762 C  CBA . 28W C 2 .  ? 1.457   7.386   11.262  1.00 37.26 ? 202 28W A CBA 1 
HETATM 763 CL CLH . 28W C 2 .  ? 2.257   8.589   10.449  1.00 41.26 ? 202 28W A CLH 1 
HETATM 764 C  CAP . 28W C 2 .  ? 2.157   6.507   12.073  1.00 36.96 ? 202 28W A CAP 1 
HETATM 765 C  CBE . 28W C 2 .  ? 1.503   5.558   12.734  1.00 37.57 ? 202 28W A CBE 1 
HETATM 766 N  NAW . 28W C 2 .  ? 1.964   4.621   13.546  1.00 38.21 ? 202 28W A NAW 1 
HETATM 767 C  CBC . 28W C 2 .  ? 0.951   3.883   13.968  1.00 41.07 ? 202 28W A CBC 1 
HETATM 768 C  CAX . 28W C 2 .  ? 1.245   2.876   14.810  1.00 44.46 ? 202 28W A CAX 1 
HETATM 769 O  OAC . 28W C 2 .  ? 2.297   2.888   15.452  1.00 46.42 ? 202 28W A OAC 1 
HETATM 770 N  NAS . 28W C 2 .  ? 0.440   1.828   14.862  1.00 47.37 ? 202 28W A NAS 1 
HETATM 771 O  OAF . 28W C 2 .  ? 0.863   0.738   15.806  1.00 53.59 ? 202 28W A OAF 1 
HETATM 772 O  O   . HOH D 3 .  ? 3.512   -7.948  8.041   0.01 22.99 ? 301 HOH A O   1 
HETATM 773 O  O   . HOH D 3 .  ? 1.522   0.841   -14.330 1.00 35.78 ? 302 HOH A O   1 
HETATM 774 O  O   . HOH D 3 .  ? -11.737 -11.066 6.242   0.01 30.31 ? 303 HOH A O   1 
HETATM 775 O  O   . HOH D 3 .  ? -8.146  -12.057 3.783   0.01 30.34 ? 304 HOH A O   1 
HETATM 776 O  O   . HOH D 3 .  ? -13.734 -12.063 -0.944  1.00 37.22 ? 305 HOH A O   1 
HETATM 777 O  O   . HOH D 3 .  ? -18.824 -8.064  -1.697  0.01 2.00  ? 306 HOH A O   1 
HETATM 778 O  O   . HOH D 3 .  ? 9.491   -0.055  -11.071 1.00 25.03 ? 307 HOH A O   1 
HETATM 779 O  O   . HOH D 3 .  ? 1.166   -6.142  -10.695 0.01 37.71 ? 308 HOH A O   1 
HETATM 780 O  O   . HOH D 3 .  ? 3.517   0.528   -16.836 1.00 36.02 ? 309 HOH A O   1 
HETATM 781 O  O   . HOH D 3 .  ? 9.766   2.902   -14.999 1.00 39.03 ? 310 HOH A O   1 
HETATM 782 O  O   . HOH D 3 .  ? 9.560   3.694   -18.058 1.00 50.40 ? 311 HOH A O   1 
HETATM 783 O  O   . HOH D 3 .  ? -9.054  -9.603  4.386   1.00 31.12 ? 312 HOH A O   1 
HETATM 784 O  O   . HOH D 3 .  ? -8.146  -12.057 3.783   0.01 30.34 ? 313 HOH A O   1 
HETATM 785 O  O   . HOH D 3 .  ? -8.192  -9.689  7.099   0.01 38.19 ? 314 HOH A O   1 
HETATM 786 O  O   . HOH D 3 .  ? 7.840   -1.496  -9.459  1.00 31.84 ? 315 HOH A O   1 
HETATM 787 O  O   . HOH D 3 .  ? 0.085   -3.796  10.068  1.00 29.00 ? 316 HOH A O   1 
HETATM 788 O  O   . HOH D 3 .  ? 2.271   -2.849  13.658  0.01 43.98 ? 317 HOH A O   1 
HETATM 789 O  O   . HOH D 3 .  ? -8.146  -12.057 3.783   0.01 30.34 ? 318 HOH A O   1 
HETATM 790 O  O   . HOH D 3 .  ? 15.317  -3.063  -7.223  0.01 27.65 ? 319 HOH A O   1 
HETATM 791 O  O   . HOH D 3 .  ? 13.022  -4.319  -6.509  1.00 31.01 ? 320 HOH A O   1 
HETATM 792 O  O   . HOH D 3 .  ? 13.231  -7.173  -4.084  1.00 38.20 ? 321 HOH A O   1 
HETATM 793 O  O   . HOH D 3 .  ? -5.898  -3.903  12.691  1.00 32.42 ? 322 HOH A O   1 
HETATM 794 O  O   . HOH D 3 .  ? -7.747  -9.101  10.933  0.01 35.36 ? 323 HOH A O   1 
HETATM 795 O  O   . HOH D 3 .  ? -11.582 -4.707  11.129  0.01 29.94 ? 324 HOH A O   1 
HETATM 796 O  O   . HOH D 3 .  ? -9.842  -9.054  9.414   1.00 30.16 ? 325 HOH A O   1 
HETATM 797 O  O   . HOH D 3 .  ? -5.623  -8.972  7.565   1.00 58.92 ? 326 HOH A O   1 
HETATM 798 O  O   . HOH D 3 .  ? -7.434  -8.177  -7.373  1.00 33.30 ? 327 HOH A O   1 
HETATM 799 O  O   . HOH D 3 .  ? -8.518  5.731   8.760   0.01 48.92 ? 328 HOH A O   1 
HETATM 800 O  O   . HOH D 3 .  ? -7.323  1.986   11.314  1.00 56.36 ? 329 HOH A O   1 
HETATM 801 O  O   . HOH D 3 .  ? -13.529 -1.014  -0.541  1.00 40.31 ? 330 HOH A O   1 
HETATM 802 O  O   . HOH D 3 .  ? -14.008 -2.745  -1.166  0.01 34.68 ? 331 HOH A O   1 
HETATM 803 O  O   . HOH D 3 .  ? -16.348 -6.087  3.630   1.00 48.62 ? 332 HOH A O   1 
HETATM 804 O  O   . HOH D 3 .  ? -15.269 -8.411  -0.171  1.00 37.93 ? 333 HOH A O   1 
HETATM 805 O  O   . HOH D 3 .  ? -16.294 -1.802  -1.640  1.00 44.13 ? 334 HOH A O   1 
HETATM 806 O  O   . HOH D 3 .  ? 6.844   10.311  8.870   1.00 38.04 ? 335 HOH A O   1 
HETATM 807 O  O   . HOH D 3 .  ? -7.553  3.426   -5.324  1.00 37.88 ? 336 HOH A O   1 
HETATM 808 O  O   . HOH D 3 .  ? 9.333   1.663   8.857   1.00 40.35 ? 337 HOH A O   1 
HETATM 809 O  O   . HOH D 3 .  ? -11.582 -4.707  11.129  0.01 29.94 ? 338 HOH A O   1 
HETATM 810 O  O   . HOH D 3 .  ? 9.831   -7.555  -9.458  1.00 35.73 ? 339 HOH A O   1 
HETATM 811 O  O   . HOH D 3 .  ? -14.501 2.858   12.055  1.00 44.11 ? 340 HOH A O   1 
HETATM 812 O  O   . HOH D 3 .  ? -12.124 2.755   16.586  1.00 54.34 ? 341 HOH A O   1 
HETATM 813 O  O   . HOH D 3 .  ? 17.110  -7.956  0.649   1.00 48.25 ? 342 HOH A O   1 
HETATM 814 O  O   . HOH D 3 .  ? -11.723 -3.224  -6.997  1.00 43.52 ? 343 HOH A O   1 
HETATM 815 O  O   . HOH D 3 .  ? -8.645  -12.384 -2.429  1.00 46.12 ? 344 HOH A O   1 
HETATM 816 O  O   . HOH D 3 .  ? -18.239 -0.405  -3.560  0.01 4.90  ? 345 HOH A O   1 
HETATM 817 O  O   . HOH D 3 .  ? -2.063  9.838   -6.301  1.00 62.94 ? 346 HOH A O   1 
HETATM 818 O  O   . HOH D 3 .  ? -6.493  5.877   10.807  1.00 56.55 ? 347 HOH A O   1 
HETATM 819 O  O   . HOH D 3 .  ? 8.609   -5.863  10.485  1.00 35.50 ? 348 HOH A O   1 
HETATM 820 O  O   . HOH D 3 .  ? 3.512   -7.948  8.041   0.01 22.99 ? 349 HOH A O   1 
HETATM 821 O  O   . HOH D 3 .  ? 2.181   -5.845  9.514   1.00 24.41 ? 350 HOH A O   1 
HETATM 822 O  O   . HOH D 3 .  ? 4.190   -2.437  10.103  1.00 33.01 ? 351 HOH A O   1 
HETATM 823 O  O   . HOH D 3 .  ? 8.192   1.503   7.207   0.01 30.07 ? 352 HOH A O   1 
HETATM 824 O  O   . HOH D 3 .  ? 3.729   5.235   14.746  0.01 39.80 ? 353 HOH A O   1 
HETATM 825 O  O   . HOH D 3 .  ? 1.590   4.370   17.400  1.00 32.18 ? 354 HOH A O   1 
HETATM 826 O  O   . HOH D 3 .  ? 1.300   -2.002  16.262  1.00 48.73 ? 355 HOH A O   1 
HETATM 827 O  O   . HOH D 3 .  ? 1.418   1.012   12.076  1.00 49.58 ? 356 HOH A O   1 
HETATM 828 O  O   . HOH D 3 .  ? 3.935   2.062   13.178  1.00 55.01 ? 357 HOH A O   1 
HETATM 829 O  O   . HOH D 3 .  ? -17.800 -7.396  1.827   1.00 32.52 ? 358 HOH A O   1 
HETATM 830 O  O   . HOH D 3 .  ? 3.260   0.040   10.650  0.01 6.29  ? 359 HOH A O   1 
HETATM 831 O  O   . HOH D 3 .  ? -5.344  0.270   12.445  1.00 41.42 ? 360 HOH A O   1 
HETATM 832 O  O   . HOH D 3 .  ? -10.227 -8.012  -7.529  1.00 44.63 ? 361 HOH A O   1 
HETATM 833 O  O   . HOH D 3 .  ? -11.436 -5.899  -5.944  1.00 41.52 ? 362 HOH A O   1 
HETATM 834 O  O   . HOH D 3 .  ? 2.271   -2.849  13.658  0.01 43.98 ? 363 HOH A O   1 
HETATM 835 O  O   . HOH D 3 .  ? -6.510  -1.939  14.706  1.00 52.75 ? 364 HOH A O   1 
HETATM 836 O  O   . HOH D 3 .  ? 12.218  1.304   8.982   1.00 55.39 ? 365 HOH A O   1 
HETATM 837 O  O   . HOH D 3 .  ? 4.559   -0.684  12.898  1.00 71.46 ? 366 HOH A O   1 
HETATM 838 O  O   . HOH D 3 .  ? 1.603   -1.733  11.138  1.00 50.17 ? 367 HOH A O   1 
HETATM 839 O  O   . HOH D 3 .  ? 2.271   -2.849  13.658  0.01 43.98 ? 368 HOH A O   1 
HETATM 840 O  O   . HOH D 3 .  ? 4.340   -1.602  15.356  1.00 42.54 ? 369 HOH A O   1 
HETATM 841 O  O   . HOH D 3 .  ? -9.735  3.481   -7.511  1.00 28.22 ? 370 HOH A O   1 
HETATM 842 O  O   . HOH D 3 .  ? -0.104  -9.316  -6.769  1.00 34.39 ? 371 HOH A O   1 
HETATM 843 O  O   . HOH D 3 .  ? -15.318 1.968   -3.256  1.00 46.82 ? 372 HOH A O   1 
HETATM 844 O  O   . HOH D 3 .  ? 20.485  0.814   -3.380  1.00 57.66 ? 373 HOH A O   1 
HETATM 845 O  O   . HOH D 3 .  ? -14.224 3.679   -1.385  1.00 45.24 ? 374 HOH A O   1 
HETATM 846 O  O   . HOH D 3 .  ? 6.822   11.073  5.815   1.00 39.64 ? 375 HOH A O   1 
HETATM 847 O  O   . HOH D 3 .  ? 12.905  -2.489  5.004   1.00 44.72 ? 376 HOH A O   1 
HETATM 848 O  O   . HOH D 3 .  ? -0.062  11.435  7.500   1.00 50.95 ? 377 HOH A O   1 
HETATM 849 O  O   . HOH D 3 .  ? 13.115  -13.603 -5.884  1.00 50.22 ? 378 HOH A O   1 
HETATM 850 O  O   . HOH D 3 .  ? -3.480  -13.056 -7.269  1.00 56.21 ? 379 HOH A O   1 
HETATM 851 O  O   . HOH D 3 .  ? 3.764   -4.154  -14.245 1.00 62.31 ? 380 HOH A O   1 
HETATM 852 O  O   . HOH D 3 .  ? -10.248 6.096   -8.830  1.00 58.36 ? 381 HOH A O   1 
HETATM 853 O  O   . HOH D 3 .  ? -14.580 -1.865  -5.680  1.00 44.89 ? 382 HOH A O   1 
HETATM 854 O  O   . HOH D 3 .  ? -3.157  -2.444  17.179  1.00 71.87 ? 383 HOH A O   1 
HETATM 855 O  O   . HOH D 3 .  ? -13.968 -1.396  14.824  1.00 41.45 ? 384 HOH A O   1 
HETATM 856 O  O   . HOH D 3 .  ? -6.884  3.047   14.741  1.00 59.13 ? 385 HOH A O   1 
HETATM 857 O  O   . HOH D 3 .  ? -13.985 -0.137  -3.737  1.00 43.32 ? 386 HOH A O   1 
# 
